data_8G9J
# 
_entry.id   8G9J 
# 
_audit_conform.dict_name       mmcif_pdbx.dic 
_audit_conform.dict_version    5.389 
_audit_conform.dict_location   http://mmcif.pdb.org/dictionaries/ascii/mmcif_pdbx.dic 
# 
loop_
_database_2.database_id 
_database_2.database_code 
_database_2.pdbx_database_accession 
_database_2.pdbx_DOI 
PDB   8G9J         pdb_00008g9j 10.2210/pdb8g9j/pdb 
WWPDB D_1000272420 ?            ?                   
# 
loop_
_pdbx_audit_revision_history.ordinal 
_pdbx_audit_revision_history.data_content_type 
_pdbx_audit_revision_history.major_revision 
_pdbx_audit_revision_history.minor_revision 
_pdbx_audit_revision_history.revision_date 
1 'Structure model' 1 0 2024-03-13 
2 'Structure model' 1 1 2024-03-27 
3 'Structure model' 1 2 2024-04-10 
# 
_pdbx_audit_revision_details.ordinal             1 
_pdbx_audit_revision_details.revision_ordinal    1 
_pdbx_audit_revision_details.data_content_type   'Structure model' 
_pdbx_audit_revision_details.provider            repository 
_pdbx_audit_revision_details.type                'Initial release' 
_pdbx_audit_revision_details.description         ? 
_pdbx_audit_revision_details.details             ? 
# 
loop_
_pdbx_audit_revision_group.ordinal 
_pdbx_audit_revision_group.revision_ordinal 
_pdbx_audit_revision_group.data_content_type 
_pdbx_audit_revision_group.group 
1 2 'Structure model' 'Database references' 
2 3 'Structure model' 'Database references' 
# 
loop_
_pdbx_audit_revision_category.ordinal 
_pdbx_audit_revision_category.revision_ordinal 
_pdbx_audit_revision_category.data_content_type 
_pdbx_audit_revision_category.category 
1 2 'Structure model' citation        
2 2 'Structure model' citation_author 
3 3 'Structure model' citation        
# 
loop_
_pdbx_audit_revision_item.ordinal 
_pdbx_audit_revision_item.revision_ordinal 
_pdbx_audit_revision_item.data_content_type 
_pdbx_audit_revision_item.item 
1 2 'Structure model' '_citation.pdbx_database_id_PubMed' 
2 2 'Structure model' '_citation.title'                   
3 3 'Structure model' '_citation.journal_volume'          
4 3 'Structure model' '_citation.page_first'              
5 3 'Structure model' '_citation.page_last'               
# 
_pdbx_database_status.status_code                     REL 
_pdbx_database_status.status_code_sf                  REL 
_pdbx_database_status.status_code_mr                  ? 
_pdbx_database_status.entry_id                        8G9J 
_pdbx_database_status.recvd_initial_deposition_date   2023-02-21 
_pdbx_database_status.SG_entry                        N 
_pdbx_database_status.deposit_site                    RCSB 
_pdbx_database_status.process_site                    RCSB 
_pdbx_database_status.status_code_cs                  ? 
_pdbx_database_status.status_code_nmr_data            ? 
_pdbx_database_status.methods_development_category    ? 
_pdbx_database_status.pdb_format_compatible           Y 
# 
_pdbx_contact_author.id                 2 
_pdbx_contact_author.email              dabaker@uw.edu 
_pdbx_contact_author.name_first         David 
_pdbx_contact_author.name_last          Baker 
_pdbx_contact_author.name_mi            ? 
_pdbx_contact_author.role               'principal investigator/group leader' 
_pdbx_contact_author.identifier_ORCID   0000-0001-7896-6217 
# 
loop_
_audit_author.name 
_audit_author.pdbx_ordinal 
_audit_author.identifier_ORCID 
'Huddy, T.'  1 ? 
'Bera, A.K.' 2 ? 
'Baker, D.'  3 ? 
# 
_citation.abstract                  ? 
_citation.abstract_id_CAS           ? 
_citation.book_id_ISBN              ? 
_citation.book_publisher            ? 
_citation.book_publisher_city       ? 
_citation.book_title                ? 
_citation.coordinate_linkage        ? 
_citation.country                   UK 
_citation.database_id_Medline       ? 
_citation.details                   ? 
_citation.id                        primary 
_citation.journal_abbrev            Nature 
_citation.journal_id_ASTM           NATUAS 
_citation.journal_id_CSD            0006 
_citation.journal_id_ISSN           1476-4687 
_citation.journal_full              ? 
_citation.journal_issue             ? 
_citation.journal_volume            627 
_citation.language                  ? 
_citation.page_first                898 
_citation.page_last                 904 
_citation.title                     'Blueprinting extendable nanomaterials with standardized protein blocks.' 
_citation.year                      2024 
_citation.database_id_CSD           ? 
_citation.pdbx_database_id_DOI      10.1038/s41586-024-07188-4 
_citation.pdbx_database_id_PubMed   38480887 
_citation.pdbx_database_id_patent   ? 
_citation.unpublished_flag          ? 
# 
loop_
_citation_author.citation_id 
_citation_author.name 
_citation_author.ordinal 
_citation_author.identifier_ORCID 
primary 'Huddy, T.F.'            1  ? 
primary 'Hsia, Y.'               2  ? 
primary 'Kibler, R.D.'           3  ? 
primary 'Xu, J.'                 4  ? 
primary 'Bethel, N.'             5  ? 
primary 'Nagarajan, D.'          6  ? 
primary 'Redler, R.'             7  ? 
primary 'Leung, P.J.Y.'          8  ? 
primary 'Weidle, C.'             9  ? 
primary 'Courbet, A.'            10 ? 
primary 'Yang, E.C.'             11 ? 
primary 'Bera, A.K.'             12 ? 
primary 'Coudray, N.'            13 ? 
primary 'Calise, S.J.'           14 ? 
primary 'Davila-Hernandez, F.A.' 15 ? 
primary 'Han, H.L.'              16 ? 
primary 'Carr, K.D.'             17 ? 
primary 'Li, Z.'                 18 ? 
primary 'McHugh, R.'             19 ? 
primary 'Reggiano, G.'           20 ? 
primary 'Kang, A.'               21 ? 
primary 'Sankaran, B.'           22 ? 
primary 'Dickinson, M.S.'        23 ? 
primary 'Coventry, B.'           24 ? 
primary 'Brunette, T.J.'         25 ? 
primary 'Liu, Y.'                26 ? 
primary 'Dauparas, J.'           27 ? 
primary 'Borst, A.J.'            28 ? 
primary 'Ekiert, D.'             29 ? 
primary 'Kollman, J.M.'          30 ? 
primary 'Bhabha, G.'             31 ? 
primary 'Baker, D.'              32 ? 
# 
loop_
_entity.id 
_entity.type 
_entity.src_method 
_entity.pdbx_description 
_entity.formula_weight 
_entity.pdbx_number_of_molecules 
_entity.pdbx_ec 
_entity.pdbx_mutation 
_entity.pdbx_fragment 
_entity.details 
1 polymer man THR1  23518.832 1  ? ? ? ? 
2 water   nat water 18.015    13 ? ? ? ? 
# 
_entity_poly.entity_id                      1 
_entity_poly.type                           'polypeptide(L)' 
_entity_poly.nstd_linkage                   no 
_entity_poly.nstd_monomer                   no 
_entity_poly.pdbx_seq_one_letter_code       
;HHHHHHSGSGENLYFQGSGSEEIVEEAETALKALLEEAEKGGKEDALEIAEKLAELAKEALEVLLEAGASPELIVRLAET
ALKALLAIAELGGEELALEIARILAELAEVALEVLLELGASPELIVRLAETALEALLAIARLGGEELALEIARILAELAE
VALEVLLELGASPELIKKLAETAEEALEAIAKLGGEELAEEIAKILAELAEVAKEVQKELGAS
;
_entity_poly.pdbx_seq_one_letter_code_can   
;HHHHHHSGSGENLYFQGSGSEEIVEEAETALKALLEEAEKGGKEDALEIAEKLAELAKEALEVLLEAGASPELIVRLAET
ALKALLAIAELGGEELALEIARILAELAEVALEVLLELGASPELIVRLAETALEALLAIARLGGEELALEIARILAELAE
VALEVLLELGASPELIKKLAETAEEALEAIAKLGGEELAEEIAKILAELAEVAKEVQKELGAS
;
_entity_poly.pdbx_strand_id                 A 
_entity_poly.pdbx_target_identifier         ? 
# 
_pdbx_entity_nonpoly.entity_id   2 
_pdbx_entity_nonpoly.name        water 
_pdbx_entity_nonpoly.comp_id     HOH 
# 
loop_
_entity_poly_seq.entity_id 
_entity_poly_seq.num 
_entity_poly_seq.mon_id 
_entity_poly_seq.hetero 
1 1   HIS n 
1 2   HIS n 
1 3   HIS n 
1 4   HIS n 
1 5   HIS n 
1 6   HIS n 
1 7   SER n 
1 8   GLY n 
1 9   SER n 
1 10  GLY n 
1 11  GLU n 
1 12  ASN n 
1 13  LEU n 
1 14  TYR n 
1 15  PHE n 
1 16  GLN n 
1 17  GLY n 
1 18  SER n 
1 19  GLY n 
1 20  SER n 
1 21  GLU n 
1 22  GLU n 
1 23  ILE n 
1 24  VAL n 
1 25  GLU n 
1 26  GLU n 
1 27  ALA n 
1 28  GLU n 
1 29  THR n 
1 30  ALA n 
1 31  LEU n 
1 32  LYS n 
1 33  ALA n 
1 34  LEU n 
1 35  LEU n 
1 36  GLU n 
1 37  GLU n 
1 38  ALA n 
1 39  GLU n 
1 40  LYS n 
1 41  GLY n 
1 42  GLY n 
1 43  LYS n 
1 44  GLU n 
1 45  ASP n 
1 46  ALA n 
1 47  LEU n 
1 48  GLU n 
1 49  ILE n 
1 50  ALA n 
1 51  GLU n 
1 52  LYS n 
1 53  LEU n 
1 54  ALA n 
1 55  GLU n 
1 56  LEU n 
1 57  ALA n 
1 58  LYS n 
1 59  GLU n 
1 60  ALA n 
1 61  LEU n 
1 62  GLU n 
1 63  VAL n 
1 64  LEU n 
1 65  LEU n 
1 66  GLU n 
1 67  ALA n 
1 68  GLY n 
1 69  ALA n 
1 70  SER n 
1 71  PRO n 
1 72  GLU n 
1 73  LEU n 
1 74  ILE n 
1 75  VAL n 
1 76  ARG n 
1 77  LEU n 
1 78  ALA n 
1 79  GLU n 
1 80  THR n 
1 81  ALA n 
1 82  LEU n 
1 83  LYS n 
1 84  ALA n 
1 85  LEU n 
1 86  LEU n 
1 87  ALA n 
1 88  ILE n 
1 89  ALA n 
1 90  GLU n 
1 91  LEU n 
1 92  GLY n 
1 93  GLY n 
1 94  GLU n 
1 95  GLU n 
1 96  LEU n 
1 97  ALA n 
1 98  LEU n 
1 99  GLU n 
1 100 ILE n 
1 101 ALA n 
1 102 ARG n 
1 103 ILE n 
1 104 LEU n 
1 105 ALA n 
1 106 GLU n 
1 107 LEU n 
1 108 ALA n 
1 109 GLU n 
1 110 VAL n 
1 111 ALA n 
1 112 LEU n 
1 113 GLU n 
1 114 VAL n 
1 115 LEU n 
1 116 LEU n 
1 117 GLU n 
1 118 LEU n 
1 119 GLY n 
1 120 ALA n 
1 121 SER n 
1 122 PRO n 
1 123 GLU n 
1 124 LEU n 
1 125 ILE n 
1 126 VAL n 
1 127 ARG n 
1 128 LEU n 
1 129 ALA n 
1 130 GLU n 
1 131 THR n 
1 132 ALA n 
1 133 LEU n 
1 134 GLU n 
1 135 ALA n 
1 136 LEU n 
1 137 LEU n 
1 138 ALA n 
1 139 ILE n 
1 140 ALA n 
1 141 ARG n 
1 142 LEU n 
1 143 GLY n 
1 144 GLY n 
1 145 GLU n 
1 146 GLU n 
1 147 LEU n 
1 148 ALA n 
1 149 LEU n 
1 150 GLU n 
1 151 ILE n 
1 152 ALA n 
1 153 ARG n 
1 154 ILE n 
1 155 LEU n 
1 156 ALA n 
1 157 GLU n 
1 158 LEU n 
1 159 ALA n 
1 160 GLU n 
1 161 VAL n 
1 162 ALA n 
1 163 LEU n 
1 164 GLU n 
1 165 VAL n 
1 166 LEU n 
1 167 LEU n 
1 168 GLU n 
1 169 LEU n 
1 170 GLY n 
1 171 ALA n 
1 172 SER n 
1 173 PRO n 
1 174 GLU n 
1 175 LEU n 
1 176 ILE n 
1 177 LYS n 
1 178 LYS n 
1 179 LEU n 
1 180 ALA n 
1 181 GLU n 
1 182 THR n 
1 183 ALA n 
1 184 GLU n 
1 185 GLU n 
1 186 ALA n 
1 187 LEU n 
1 188 GLU n 
1 189 ALA n 
1 190 ILE n 
1 191 ALA n 
1 192 LYS n 
1 193 LEU n 
1 194 GLY n 
1 195 GLY n 
1 196 GLU n 
1 197 GLU n 
1 198 LEU n 
1 199 ALA n 
1 200 GLU n 
1 201 GLU n 
1 202 ILE n 
1 203 ALA n 
1 204 LYS n 
1 205 ILE n 
1 206 LEU n 
1 207 ALA n 
1 208 GLU n 
1 209 LEU n 
1 210 ALA n 
1 211 GLU n 
1 212 VAL n 
1 213 ALA n 
1 214 LYS n 
1 215 GLU n 
1 216 VAL n 
1 217 GLN n 
1 218 LYS n 
1 219 GLU n 
1 220 LEU n 
1 221 GLY n 
1 222 ALA n 
1 223 SER n 
# 
_entity_src_gen.entity_id                          1 
_entity_src_gen.pdbx_src_id                        1 
_entity_src_gen.pdbx_alt_source_flag               sample 
_entity_src_gen.pdbx_seq_type                      'Biological sequence' 
_entity_src_gen.pdbx_beg_seq_num                   1 
_entity_src_gen.pdbx_end_seq_num                   223 
_entity_src_gen.gene_src_common_name               ? 
_entity_src_gen.gene_src_genus                     ? 
_entity_src_gen.pdbx_gene_src_gene                 ? 
_entity_src_gen.gene_src_species                   ? 
_entity_src_gen.gene_src_strain                    ? 
_entity_src_gen.gene_src_tissue                    ? 
_entity_src_gen.gene_src_tissue_fraction           ? 
_entity_src_gen.gene_src_details                   ? 
_entity_src_gen.pdbx_gene_src_fragment             ? 
_entity_src_gen.pdbx_gene_src_scientific_name      'synthetic construct' 
_entity_src_gen.pdbx_gene_src_ncbi_taxonomy_id     32630 
_entity_src_gen.pdbx_gene_src_variant              ? 
_entity_src_gen.pdbx_gene_src_cell_line            ? 
_entity_src_gen.pdbx_gene_src_atcc                 ? 
_entity_src_gen.pdbx_gene_src_organ                ? 
_entity_src_gen.pdbx_gene_src_organelle            ? 
_entity_src_gen.pdbx_gene_src_cell                 ? 
_entity_src_gen.pdbx_gene_src_cellular_location    ? 
_entity_src_gen.host_org_common_name               ? 
_entity_src_gen.pdbx_host_org_scientific_name      'Escherichia coli' 
_entity_src_gen.pdbx_host_org_ncbi_taxonomy_id     562 
_entity_src_gen.host_org_genus                     ? 
_entity_src_gen.pdbx_host_org_gene                 ? 
_entity_src_gen.pdbx_host_org_organ                ? 
_entity_src_gen.host_org_species                   ? 
_entity_src_gen.pdbx_host_org_tissue               ? 
_entity_src_gen.pdbx_host_org_tissue_fraction      ? 
_entity_src_gen.pdbx_host_org_strain               ? 
_entity_src_gen.pdbx_host_org_variant              ? 
_entity_src_gen.pdbx_host_org_cell_line            ? 
_entity_src_gen.pdbx_host_org_atcc                 ? 
_entity_src_gen.pdbx_host_org_culture_collection   ? 
_entity_src_gen.pdbx_host_org_cell                 ? 
_entity_src_gen.pdbx_host_org_organelle            ? 
_entity_src_gen.pdbx_host_org_cellular_location    ? 
_entity_src_gen.pdbx_host_org_vector_type          ? 
_entity_src_gen.pdbx_host_org_vector               ? 
_entity_src_gen.host_org_details                   ? 
_entity_src_gen.expression_system_id               ? 
_entity_src_gen.plasmid_name                       ? 
_entity_src_gen.plasmid_details                    ? 
_entity_src_gen.pdbx_description                   ? 
# 
loop_
_chem_comp.id 
_chem_comp.type 
_chem_comp.mon_nstd_flag 
_chem_comp.name 
_chem_comp.pdbx_synonyms 
_chem_comp.formula 
_chem_comp.formula_weight 
ALA 'L-peptide linking' y ALANINE         ? 'C3 H7 N O2'     89.093  
ARG 'L-peptide linking' y ARGININE        ? 'C6 H15 N4 O2 1' 175.209 
ASN 'L-peptide linking' y ASPARAGINE      ? 'C4 H8 N2 O3'    132.118 
ASP 'L-peptide linking' y 'ASPARTIC ACID' ? 'C4 H7 N O4'     133.103 
GLN 'L-peptide linking' y GLUTAMINE       ? 'C5 H10 N2 O3'   146.144 
GLU 'L-peptide linking' y 'GLUTAMIC ACID' ? 'C5 H9 N O4'     147.129 
GLY 'peptide linking'   y GLYCINE         ? 'C2 H5 N O2'     75.067  
HIS 'L-peptide linking' y HISTIDINE       ? 'C6 H10 N3 O2 1' 156.162 
HOH non-polymer         . WATER           ? 'H2 O'           18.015  
ILE 'L-peptide linking' y ISOLEUCINE      ? 'C6 H13 N O2'    131.173 
LEU 'L-peptide linking' y LEUCINE         ? 'C6 H13 N O2'    131.173 
LYS 'L-peptide linking' y LYSINE          ? 'C6 H15 N2 O2 1' 147.195 
PHE 'L-peptide linking' y PHENYLALANINE   ? 'C9 H11 N O2'    165.189 
PRO 'L-peptide linking' y PROLINE         ? 'C5 H9 N O2'     115.130 
SER 'L-peptide linking' y SERINE          ? 'C3 H7 N O3'     105.093 
THR 'L-peptide linking' y THREONINE       ? 'C4 H9 N O3'     119.119 
TYR 'L-peptide linking' y TYROSINE        ? 'C9 H11 N O3'    181.189 
VAL 'L-peptide linking' y VALINE          ? 'C5 H11 N O2'    117.146 
# 
loop_
_pdbx_poly_seq_scheme.asym_id 
_pdbx_poly_seq_scheme.entity_id 
_pdbx_poly_seq_scheme.seq_id 
_pdbx_poly_seq_scheme.mon_id 
_pdbx_poly_seq_scheme.ndb_seq_num 
_pdbx_poly_seq_scheme.pdb_seq_num 
_pdbx_poly_seq_scheme.auth_seq_num 
_pdbx_poly_seq_scheme.pdb_mon_id 
_pdbx_poly_seq_scheme.auth_mon_id 
_pdbx_poly_seq_scheme.pdb_strand_id 
_pdbx_poly_seq_scheme.pdb_ins_code 
_pdbx_poly_seq_scheme.hetero 
A 1 1   HIS 1   -18 ?   ?   ?   A . n 
A 1 2   HIS 2   -17 ?   ?   ?   A . n 
A 1 3   HIS 3   -16 ?   ?   ?   A . n 
A 1 4   HIS 4   -15 ?   ?   ?   A . n 
A 1 5   HIS 5   -14 ?   ?   ?   A . n 
A 1 6   HIS 6   -13 ?   ?   ?   A . n 
A 1 7   SER 7   -12 ?   ?   ?   A . n 
A 1 8   GLY 8   -11 ?   ?   ?   A . n 
A 1 9   SER 9   -10 ?   ?   ?   A . n 
A 1 10  GLY 10  -9  ?   ?   ?   A . n 
A 1 11  GLU 11  -8  ?   ?   ?   A . n 
A 1 12  ASN 12  -7  ?   ?   ?   A . n 
A 1 13  LEU 13  -6  ?   ?   ?   A . n 
A 1 14  TYR 14  -5  ?   ?   ?   A . n 
A 1 15  PHE 15  -4  ?   ?   ?   A . n 
A 1 16  GLN 16  -3  ?   ?   ?   A . n 
A 1 17  GLY 17  -2  ?   ?   ?   A . n 
A 1 18  SER 18  -1  ?   ?   ?   A . n 
A 1 19  GLY 19  0   ?   ?   ?   A . n 
A 1 20  SER 20  1   1   SER SER A . n 
A 1 21  GLU 21  2   2   GLU GLU A . n 
A 1 22  GLU 22  3   3   GLU GLU A . n 
A 1 23  ILE 23  4   4   ILE ILE A . n 
A 1 24  VAL 24  5   5   VAL VAL A . n 
A 1 25  GLU 25  6   6   GLU GLU A . n 
A 1 26  GLU 26  7   7   GLU GLU A . n 
A 1 27  ALA 27  8   8   ALA ALA A . n 
A 1 28  GLU 28  9   9   GLU GLU A . n 
A 1 29  THR 29  10  10  THR THR A . n 
A 1 30  ALA 30  11  11  ALA ALA A . n 
A 1 31  LEU 31  12  12  LEU LEU A . n 
A 1 32  LYS 32  13  13  LYS LYS A . n 
A 1 33  ALA 33  14  14  ALA ALA A . n 
A 1 34  LEU 34  15  15  LEU LEU A . n 
A 1 35  LEU 35  16  16  LEU LEU A . n 
A 1 36  GLU 36  17  17  GLU GLU A . n 
A 1 37  GLU 37  18  18  GLU GLU A . n 
A 1 38  ALA 38  19  19  ALA ALA A . n 
A 1 39  GLU 39  20  20  GLU GLU A . n 
A 1 40  LYS 40  21  21  LYS LYS A . n 
A 1 41  GLY 41  22  22  GLY GLY A . n 
A 1 42  GLY 42  23  23  GLY GLY A . n 
A 1 43  LYS 43  24  24  LYS LYS A . n 
A 1 44  GLU 44  25  25  GLU GLU A . n 
A 1 45  ASP 45  26  26  ASP ASP A . n 
A 1 46  ALA 46  27  27  ALA ALA A . n 
A 1 47  LEU 47  28  28  LEU LEU A . n 
A 1 48  GLU 48  29  29  GLU GLU A . n 
A 1 49  ILE 49  30  30  ILE ILE A . n 
A 1 50  ALA 50  31  31  ALA ALA A . n 
A 1 51  GLU 51  32  32  GLU GLU A . n 
A 1 52  LYS 52  33  33  LYS LYS A . n 
A 1 53  LEU 53  34  34  LEU LEU A . n 
A 1 54  ALA 54  35  35  ALA ALA A . n 
A 1 55  GLU 55  36  36  GLU GLU A . n 
A 1 56  LEU 56  37  37  LEU LEU A . n 
A 1 57  ALA 57  38  38  ALA ALA A . n 
A 1 58  LYS 58  39  39  LYS LYS A . n 
A 1 59  GLU 59  40  40  GLU GLU A . n 
A 1 60  ALA 60  41  41  ALA ALA A . n 
A 1 61  LEU 61  42  42  LEU LEU A . n 
A 1 62  GLU 62  43  43  GLU GLU A . n 
A 1 63  VAL 63  44  44  VAL VAL A . n 
A 1 64  LEU 64  45  45  LEU LEU A . n 
A 1 65  LEU 65  46  46  LEU LEU A . n 
A 1 66  GLU 66  47  47  GLU GLU A . n 
A 1 67  ALA 67  48  48  ALA ALA A . n 
A 1 68  GLY 68  49  49  GLY GLY A . n 
A 1 69  ALA 69  50  50  ALA ALA A . n 
A 1 70  SER 70  51  51  SER SER A . n 
A 1 71  PRO 71  52  52  PRO PRO A . n 
A 1 72  GLU 72  53  53  GLU GLU A . n 
A 1 73  LEU 73  54  54  LEU LEU A . n 
A 1 74  ILE 74  55  55  ILE ILE A . n 
A 1 75  VAL 75  56  56  VAL VAL A . n 
A 1 76  ARG 76  57  57  ARG ARG A . n 
A 1 77  LEU 77  58  58  LEU LEU A . n 
A 1 78  ALA 78  59  59  ALA ALA A . n 
A 1 79  GLU 79  60  60  GLU GLU A . n 
A 1 80  THR 80  61  61  THR THR A . n 
A 1 81  ALA 81  62  62  ALA ALA A . n 
A 1 82  LEU 82  63  63  LEU LEU A . n 
A 1 83  LYS 83  64  64  LYS LYS A . n 
A 1 84  ALA 84  65  65  ALA ALA A . n 
A 1 85  LEU 85  66  66  LEU LEU A . n 
A 1 86  LEU 86  67  67  LEU LEU A . n 
A 1 87  ALA 87  68  68  ALA ALA A . n 
A 1 88  ILE 88  69  69  ILE ILE A . n 
A 1 89  ALA 89  70  70  ALA ALA A . n 
A 1 90  GLU 90  71  71  GLU GLU A . n 
A 1 91  LEU 91  72  72  LEU LEU A . n 
A 1 92  GLY 92  73  73  GLY GLY A . n 
A 1 93  GLY 93  74  74  GLY GLY A . n 
A 1 94  GLU 94  75  75  GLU GLU A . n 
A 1 95  GLU 95  76  76  GLU GLU A . n 
A 1 96  LEU 96  77  77  LEU LEU A . n 
A 1 97  ALA 97  78  78  ALA ALA A . n 
A 1 98  LEU 98  79  79  LEU LEU A . n 
A 1 99  GLU 99  80  80  GLU GLU A . n 
A 1 100 ILE 100 81  81  ILE ILE A . n 
A 1 101 ALA 101 82  82  ALA ALA A . n 
A 1 102 ARG 102 83  83  ARG ARG A . n 
A 1 103 ILE 103 84  84  ILE ILE A . n 
A 1 104 LEU 104 85  85  LEU LEU A . n 
A 1 105 ALA 105 86  86  ALA ALA A . n 
A 1 106 GLU 106 87  87  GLU GLU A . n 
A 1 107 LEU 107 88  88  LEU LEU A . n 
A 1 108 ALA 108 89  89  ALA ALA A . n 
A 1 109 GLU 109 90  90  GLU GLU A . n 
A 1 110 VAL 110 91  91  VAL VAL A . n 
A 1 111 ALA 111 92  92  ALA ALA A . n 
A 1 112 LEU 112 93  93  LEU LEU A . n 
A 1 113 GLU 113 94  94  GLU GLU A . n 
A 1 114 VAL 114 95  95  VAL VAL A . n 
A 1 115 LEU 115 96  96  LEU LEU A . n 
A 1 116 LEU 116 97  97  LEU LEU A . n 
A 1 117 GLU 117 98  98  GLU GLU A . n 
A 1 118 LEU 118 99  99  LEU LEU A . n 
A 1 119 GLY 119 100 100 GLY GLY A . n 
A 1 120 ALA 120 101 101 ALA ALA A . n 
A 1 121 SER 121 102 102 SER SER A . n 
A 1 122 PRO 122 103 103 PRO PRO A . n 
A 1 123 GLU 123 104 104 GLU GLU A . n 
A 1 124 LEU 124 105 105 LEU LEU A . n 
A 1 125 ILE 125 106 106 ILE ILE A . n 
A 1 126 VAL 126 107 107 VAL VAL A . n 
A 1 127 ARG 127 108 108 ARG ARG A . n 
A 1 128 LEU 128 109 109 LEU LEU A . n 
A 1 129 ALA 129 110 110 ALA ALA A . n 
A 1 130 GLU 130 111 111 GLU GLU A . n 
A 1 131 THR 131 112 112 THR THR A . n 
A 1 132 ALA 132 113 113 ALA ALA A . n 
A 1 133 LEU 133 114 114 LEU LEU A . n 
A 1 134 GLU 134 115 115 GLU GLU A . n 
A 1 135 ALA 135 116 116 ALA ALA A . n 
A 1 136 LEU 136 117 117 LEU LEU A . n 
A 1 137 LEU 137 118 118 LEU LEU A . n 
A 1 138 ALA 138 119 119 ALA ALA A . n 
A 1 139 ILE 139 120 120 ILE ILE A . n 
A 1 140 ALA 140 121 121 ALA ALA A . n 
A 1 141 ARG 141 122 122 ARG ARG A . n 
A 1 142 LEU 142 123 123 LEU LEU A . n 
A 1 143 GLY 143 124 124 GLY GLY A . n 
A 1 144 GLY 144 125 125 GLY GLY A . n 
A 1 145 GLU 145 126 126 GLU GLU A . n 
A 1 146 GLU 146 127 127 GLU GLU A . n 
A 1 147 LEU 147 128 128 LEU LEU A . n 
A 1 148 ALA 148 129 129 ALA ALA A . n 
A 1 149 LEU 149 130 130 LEU LEU A . n 
A 1 150 GLU 150 131 131 GLU GLU A . n 
A 1 151 ILE 151 132 132 ILE ILE A . n 
A 1 152 ALA 152 133 133 ALA ALA A . n 
A 1 153 ARG 153 134 134 ARG ARG A . n 
A 1 154 ILE 154 135 135 ILE ILE A . n 
A 1 155 LEU 155 136 136 LEU LEU A . n 
A 1 156 ALA 156 137 137 ALA ALA A . n 
A 1 157 GLU 157 138 138 GLU GLU A . n 
A 1 158 LEU 158 139 139 LEU LEU A . n 
A 1 159 ALA 159 140 140 ALA ALA A . n 
A 1 160 GLU 160 141 141 GLU GLU A . n 
A 1 161 VAL 161 142 142 VAL VAL A . n 
A 1 162 ALA 162 143 143 ALA ALA A . n 
A 1 163 LEU 163 144 144 LEU LEU A . n 
A 1 164 GLU 164 145 145 GLU GLU A . n 
A 1 165 VAL 165 146 146 VAL VAL A . n 
A 1 166 LEU 166 147 147 LEU LEU A . n 
A 1 167 LEU 167 148 148 LEU LEU A . n 
A 1 168 GLU 168 149 149 GLU GLU A . n 
A 1 169 LEU 169 150 150 LEU LEU A . n 
A 1 170 GLY 170 151 151 GLY GLY A . n 
A 1 171 ALA 171 152 152 ALA ALA A . n 
A 1 172 SER 172 153 153 SER SER A . n 
A 1 173 PRO 173 154 154 PRO PRO A . n 
A 1 174 GLU 174 155 155 GLU GLU A . n 
A 1 175 LEU 175 156 156 LEU LEU A . n 
A 1 176 ILE 176 157 157 ILE ILE A . n 
A 1 177 LYS 177 158 158 LYS LYS A . n 
A 1 178 LYS 178 159 159 LYS LYS A . n 
A 1 179 LEU 179 160 160 LEU LEU A . n 
A 1 180 ALA 180 161 161 ALA ALA A . n 
A 1 181 GLU 181 162 162 GLU GLU A . n 
A 1 182 THR 182 163 163 THR THR A . n 
A 1 183 ALA 183 164 164 ALA ALA A . n 
A 1 184 GLU 184 165 165 GLU GLU A . n 
A 1 185 GLU 185 166 166 GLU GLU A . n 
A 1 186 ALA 186 167 167 ALA ALA A . n 
A 1 187 LEU 187 168 168 LEU LEU A . n 
A 1 188 GLU 188 169 169 GLU GLU A . n 
A 1 189 ALA 189 170 170 ALA ALA A . n 
A 1 190 ILE 190 171 171 ILE ILE A . n 
A 1 191 ALA 191 172 172 ALA ALA A . n 
A 1 192 LYS 192 173 173 LYS LYS A . n 
A 1 193 LEU 193 174 174 LEU LEU A . n 
A 1 194 GLY 194 175 175 GLY GLY A . n 
A 1 195 GLY 195 176 176 GLY GLY A . n 
A 1 196 GLU 196 177 177 GLU GLU A . n 
A 1 197 GLU 197 178 178 GLU GLU A . n 
A 1 198 LEU 198 179 179 LEU LEU A . n 
A 1 199 ALA 199 180 180 ALA ALA A . n 
A 1 200 GLU 200 181 181 GLU GLU A . n 
A 1 201 GLU 201 182 182 GLU GLU A . n 
A 1 202 ILE 202 183 183 ILE ILE A . n 
A 1 203 ALA 203 184 184 ALA ALA A . n 
A 1 204 LYS 204 185 185 LYS LYS A . n 
A 1 205 ILE 205 186 186 ILE ILE A . n 
A 1 206 LEU 206 187 187 LEU LEU A . n 
A 1 207 ALA 207 188 188 ALA ALA A . n 
A 1 208 GLU 208 189 189 GLU GLU A . n 
A 1 209 LEU 209 190 190 LEU LEU A . n 
A 1 210 ALA 210 191 191 ALA ALA A . n 
A 1 211 GLU 211 192 192 GLU GLU A . n 
A 1 212 VAL 212 193 193 VAL VAL A . n 
A 1 213 ALA 213 194 194 ALA ALA A . n 
A 1 214 LYS 214 195 195 LYS LYS A . n 
A 1 215 GLU 215 196 196 GLU GLU A . n 
A 1 216 VAL 216 197 197 VAL VAL A . n 
A 1 217 GLN 217 198 198 GLN GLN A . n 
A 1 218 LYS 218 199 199 LYS LYS A . n 
A 1 219 GLU 219 200 200 GLU GLU A . n 
A 1 220 LEU 220 201 201 LEU LEU A . n 
A 1 221 GLY 221 202 ?   ?   ?   A . n 
A 1 222 ALA 222 203 ?   ?   ?   A . n 
A 1 223 SER 223 204 ?   ?   ?   A . n 
# 
loop_
_pdbx_nonpoly_scheme.asym_id 
_pdbx_nonpoly_scheme.entity_id 
_pdbx_nonpoly_scheme.mon_id 
_pdbx_nonpoly_scheme.ndb_seq_num 
_pdbx_nonpoly_scheme.pdb_seq_num 
_pdbx_nonpoly_scheme.auth_seq_num 
_pdbx_nonpoly_scheme.pdb_mon_id 
_pdbx_nonpoly_scheme.auth_mon_id 
_pdbx_nonpoly_scheme.pdb_strand_id 
_pdbx_nonpoly_scheme.pdb_ins_code 
B 2 HOH 1  301 1  HOH HOH A . 
B 2 HOH 2  302 12 HOH HOH A . 
B 2 HOH 3  303 9  HOH HOH A . 
B 2 HOH 4  304 5  HOH HOH A . 
B 2 HOH 5  305 4  HOH HOH A . 
B 2 HOH 6  306 2  HOH HOH A . 
B 2 HOH 7  307 3  HOH HOH A . 
B 2 HOH 8  308 7  HOH HOH A . 
B 2 HOH 9  309 11 HOH HOH A . 
B 2 HOH 10 310 8  HOH HOH A . 
B 2 HOH 11 311 6  HOH HOH A . 
B 2 HOH 12 312 13 HOH HOH A . 
B 2 HOH 13 313 10 HOH HOH A . 
# 
loop_
_software.citation_id 
_software.classification 
_software.compiler_name 
_software.compiler_version 
_software.contact_author 
_software.contact_author_email 
_software.date 
_software.description 
_software.dependencies 
_software.hardware 
_software.language 
_software.location 
_software.mods 
_software.name 
_software.os 
_software.os_version 
_software.type 
_software.version 
_software.pdbx_ordinal 
? refinement       ? ? ? ? ? ? ? ? ? ? ? PHENIX ? ? ? dev_4761 1 
? refinement       ? ? ? ? ? ? ? ? ? ? ? PHENIX ? ? ? dev_4761 2 
? 'data reduction' ? ? ? ? ? ? ? ? ? ? ? XDS    ? ? ? .        3 
? 'data scaling'   ? ? ? ? ? ? ? ? ? ? ? XSCALE ? ? ? .        4 
? phasing          ? ? ? ? ? ? ? ? ? ? ? PHASER ? ? ? .        5 
# 
_cell.angle_alpha                  90.000 
_cell.angle_alpha_esd              ? 
_cell.angle_beta                   90.000 
_cell.angle_beta_esd               ? 
_cell.angle_gamma                  90.000 
_cell.angle_gamma_esd              ? 
_cell.entry_id                     8G9J 
_cell.details                      ? 
_cell.formula_units_Z              ? 
_cell.length_a                     49.701 
_cell.length_a_esd                 ? 
_cell.length_b                     49.701 
_cell.length_b_esd                 ? 
_cell.length_c                     129.260 
_cell.length_c_esd                 ? 
_cell.volume                       319296.682 
_cell.volume_esd                   ? 
_cell.Z_PDB                        8 
_cell.reciprocal_angle_alpha       ? 
_cell.reciprocal_angle_beta        ? 
_cell.reciprocal_angle_gamma       ? 
_cell.reciprocal_angle_alpha_esd   ? 
_cell.reciprocal_angle_beta_esd    ? 
_cell.reciprocal_angle_gamma_esd   ? 
_cell.reciprocal_length_a          ? 
_cell.reciprocal_length_b          ? 
_cell.reciprocal_length_c          ? 
_cell.reciprocal_length_a_esd      ? 
_cell.reciprocal_length_b_esd      ? 
_cell.reciprocal_length_c_esd      ? 
_cell.pdbx_unique_axis             ? 
_cell.pdbx_esd_method              ? 
# 
_symmetry.entry_id                         8G9J 
_symmetry.cell_setting                     ? 
_symmetry.Int_Tables_number                92 
_symmetry.space_group_name_Hall            'P 4abw 2nw' 
_symmetry.space_group_name_H-M             'P 41 21 2' 
_symmetry.pdbx_full_space_group_name_H-M   ? 
# 
_exptl.absorpt_coefficient_mu     ? 
_exptl.absorpt_correction_T_max   ? 
_exptl.absorpt_correction_T_min   ? 
_exptl.absorpt_correction_type    ? 
_exptl.absorpt_process_details    ? 
_exptl.entry_id                   8G9J 
_exptl.crystals_number            1 
_exptl.details                    ? 
_exptl.method                     'X-RAY DIFFRACTION' 
_exptl.method_details             ? 
# 
_exptl_crystal.colour                       ? 
_exptl_crystal.density_diffrn               ? 
_exptl_crystal.density_Matthews             1.59 
_exptl_crystal.density_method               ? 
_exptl_crystal.density_percent_sol          27.52 
_exptl_crystal.description                  ? 
_exptl_crystal.F_000                        ? 
_exptl_crystal.id                           1 
_exptl_crystal.preparation                  ? 
_exptl_crystal.size_max                     ? 
_exptl_crystal.size_mid                     ? 
_exptl_crystal.size_min                     ? 
_exptl_crystal.size_rad                     ? 
_exptl_crystal.colour_lustre                ? 
_exptl_crystal.colour_modifier              ? 
_exptl_crystal.colour_primary               ? 
_exptl_crystal.density_meas                 ? 
_exptl_crystal.density_meas_esd             ? 
_exptl_crystal.density_meas_gt              ? 
_exptl_crystal.density_meas_lt              ? 
_exptl_crystal.density_meas_temp            ? 
_exptl_crystal.density_meas_temp_esd        ? 
_exptl_crystal.density_meas_temp_gt         ? 
_exptl_crystal.density_meas_temp_lt         ? 
_exptl_crystal.pdbx_crystal_image_url       ? 
_exptl_crystal.pdbx_crystal_image_format    ? 
_exptl_crystal.pdbx_mosaicity               ? 
_exptl_crystal.pdbx_mosaicity_esd           ? 
_exptl_crystal.pdbx_mosaic_method           ? 
_exptl_crystal.pdbx_mosaic_block_size       ? 
_exptl_crystal.pdbx_mosaic_block_size_esd   ? 
# 
_exptl_crystal_grow.apparatus       ? 
_exptl_crystal_grow.atmosphere      ? 
_exptl_crystal_grow.crystal_id      1 
_exptl_crystal_grow.details         ? 
_exptl_crystal_grow.method          'VAPOR DIFFUSION, SITTING DROP' 
_exptl_crystal_grow.method_ref      ? 
_exptl_crystal_grow.pH              5.5 
_exptl_crystal_grow.pressure        ? 
_exptl_crystal_grow.pressure_esd    ? 
_exptl_crystal_grow.seeding         ? 
_exptl_crystal_grow.seeding_ref     ? 
_exptl_crystal_grow.temp_details    ? 
_exptl_crystal_grow.temp_esd        ? 
_exptl_crystal_grow.time            ? 
_exptl_crystal_grow.pdbx_details    
'0.2 M Magnesium chloride hexahydrate, 0.1 M BIS-TRIS pH 5.5, and 25% w/v Polyethylene glycol 3,350' 
_exptl_crystal_grow.pdbx_pH_range   ? 
_exptl_crystal_grow.temp            293 
# 
_diffrn.ambient_environment              ? 
_diffrn.ambient_temp                     100 
_diffrn.ambient_temp_details             ? 
_diffrn.ambient_temp_esd                 ? 
_diffrn.crystal_id                       1 
_diffrn.crystal_support                  ? 
_diffrn.crystal_treatment                ? 
_diffrn.details                          ? 
_diffrn.id                               1 
_diffrn.ambient_pressure                 ? 
_diffrn.ambient_pressure_esd             ? 
_diffrn.ambient_pressure_gt              ? 
_diffrn.ambient_pressure_lt              ? 
_diffrn.ambient_temp_gt                  ? 
_diffrn.ambient_temp_lt                  ? 
_diffrn.pdbx_serial_crystal_experiment   N 
# 
_diffrn_detector.details                      ? 
_diffrn_detector.detector                     CCD 
_diffrn_detector.diffrn_id                    1 
_diffrn_detector.type                         'ADSC QUANTUM 315r' 
_diffrn_detector.area_resol_mean              ? 
_diffrn_detector.dtime                        ? 
_diffrn_detector.pdbx_frames_total            ? 
_diffrn_detector.pdbx_collection_time_total   ? 
_diffrn_detector.pdbx_collection_date         2020-03-10 
_diffrn_detector.pdbx_frequency               ? 
_diffrn_detector.id                           ? 
_diffrn_detector.number_of_axes               ? 
# 
_diffrn_radiation.collimation                      ? 
_diffrn_radiation.diffrn_id                        1 
_diffrn_radiation.filter_edge                      ? 
_diffrn_radiation.inhomogeneity                    ? 
_diffrn_radiation.monochromator                    ? 
_diffrn_radiation.polarisn_norm                    ? 
_diffrn_radiation.polarisn_ratio                   ? 
_diffrn_radiation.probe                            ? 
_diffrn_radiation.type                             ? 
_diffrn_radiation.xray_symbol                      ? 
_diffrn_radiation.wavelength_id                    1 
_diffrn_radiation.pdbx_monochromatic_or_laue_m_l   M 
_diffrn_radiation.pdbx_wavelength_list             ? 
_diffrn_radiation.pdbx_wavelength                  ? 
_diffrn_radiation.pdbx_diffrn_protocol             'SINGLE WAVELENGTH' 
_diffrn_radiation.pdbx_analyzer                    ? 
_diffrn_radiation.pdbx_scattering_type             x-ray 
# 
_diffrn_radiation_wavelength.id           1 
_diffrn_radiation_wavelength.wavelength   0.99993 
_diffrn_radiation_wavelength.wt           1.0 
# 
_diffrn_source.current                     ? 
_diffrn_source.details                     ? 
_diffrn_source.diffrn_id                   1 
_diffrn_source.power                       ? 
_diffrn_source.size                        ? 
_diffrn_source.source                      SYNCHROTRON 
_diffrn_source.target                      ? 
_diffrn_source.type                        'ALS BEAMLINE 8.2.1' 
_diffrn_source.voltage                     ? 
_diffrn_source.take-off_angle              ? 
_diffrn_source.pdbx_wavelength_list        0.99993 
_diffrn_source.pdbx_wavelength             ? 
_diffrn_source.pdbx_synchrotron_beamline   8.2.1 
_diffrn_source.pdbx_synchrotron_site       ALS 
# 
_reflns.B_iso_Wilson_estimate                          39.18 
_reflns.entry_id                                       8G9J 
_reflns.data_reduction_details                         ? 
_reflns.data_reduction_method                          ? 
_reflns.d_resolution_high                              2.5 
_reflns.d_resolution_low                               46.39 
_reflns.details                                        ? 
_reflns.limit_h_max                                    ? 
_reflns.limit_h_min                                    ? 
_reflns.limit_k_max                                    ? 
_reflns.limit_k_min                                    ? 
_reflns.limit_l_max                                    ? 
_reflns.limit_l_min                                    ? 
_reflns.number_all                                     ? 
_reflns.number_obs                                     6005 
_reflns.observed_criterion                             ? 
_reflns.observed_criterion_F_max                       ? 
_reflns.observed_criterion_F_min                       ? 
_reflns.observed_criterion_I_max                       ? 
_reflns.observed_criterion_I_min                       ? 
_reflns.observed_criterion_sigma_F                     ? 
_reflns.observed_criterion_sigma_I                     ? 
_reflns.percent_possible_obs                           98.64 
_reflns.R_free_details                                 ? 
_reflns.Rmerge_F_all                                   ? 
_reflns.Rmerge_F_obs                                   ? 
_reflns.Friedel_coverage                               ? 
_reflns.number_gt                                      ? 
_reflns.threshold_expression                           ? 
_reflns.pdbx_redundancy                                1.7 
_reflns.pdbx_netI_over_av_sigmaI                       ? 
_reflns.pdbx_netI_over_sigmaI                          6.62 
_reflns.pdbx_res_netI_over_av_sigmaI_2                 ? 
_reflns.pdbx_res_netI_over_sigmaI_2                    ? 
_reflns.pdbx_chi_squared                               ? 
_reflns.pdbx_scaling_rejects                           ? 
_reflns.pdbx_d_res_high_opt                            ? 
_reflns.pdbx_d_res_low_opt                             ? 
_reflns.pdbx_d_res_opt_method                          ? 
_reflns.phase_calculation_details                      ? 
_reflns.pdbx_Rrim_I_all                                ? 
_reflns.pdbx_Rpim_I_all                                0.069 
_reflns.pdbx_d_opt                                     ? 
_reflns.pdbx_number_measured_all                       ? 
_reflns.pdbx_diffrn_id                                 1 
_reflns.pdbx_ordinal                                   1 
_reflns.pdbx_CC_half                                   0.999 
_reflns.pdbx_CC_star                                   ? 
_reflns.pdbx_R_split                                   ? 
_reflns.pdbx_Rmerge_I_obs                              0.069 
_reflns.pdbx_Rmerge_I_all                              ? 
_reflns.pdbx_Rsym_value                                ? 
_reflns.pdbx_CC_split_method                           ? 
_reflns.pdbx_aniso_diffraction_limit_axis_1_ortho[1]   ? 
_reflns.pdbx_aniso_diffraction_limit_axis_1_ortho[2]   ? 
_reflns.pdbx_aniso_diffraction_limit_axis_1_ortho[3]   ? 
_reflns.pdbx_aniso_diffraction_limit_axis_2_ortho[1]   ? 
_reflns.pdbx_aniso_diffraction_limit_axis_2_ortho[2]   ? 
_reflns.pdbx_aniso_diffraction_limit_axis_2_ortho[3]   ? 
_reflns.pdbx_aniso_diffraction_limit_axis_3_ortho[1]   ? 
_reflns.pdbx_aniso_diffraction_limit_axis_3_ortho[2]   ? 
_reflns.pdbx_aniso_diffraction_limit_axis_3_ortho[3]   ? 
_reflns.pdbx_aniso_diffraction_limit_1                 ? 
_reflns.pdbx_aniso_diffraction_limit_2                 ? 
_reflns.pdbx_aniso_diffraction_limit_3                 ? 
_reflns.pdbx_aniso_B_tensor_eigenvector_1_ortho[1]     ? 
_reflns.pdbx_aniso_B_tensor_eigenvector_1_ortho[2]     ? 
_reflns.pdbx_aniso_B_tensor_eigenvector_1_ortho[3]     ? 
_reflns.pdbx_aniso_B_tensor_eigenvector_2_ortho[1]     ? 
_reflns.pdbx_aniso_B_tensor_eigenvector_2_ortho[2]     ? 
_reflns.pdbx_aniso_B_tensor_eigenvector_2_ortho[3]     ? 
_reflns.pdbx_aniso_B_tensor_eigenvector_3_ortho[1]     ? 
_reflns.pdbx_aniso_B_tensor_eigenvector_3_ortho[2]     ? 
_reflns.pdbx_aniso_B_tensor_eigenvector_3_ortho[3]     ? 
_reflns.pdbx_aniso_B_tensor_eigenvalue_1               ? 
_reflns.pdbx_aniso_B_tensor_eigenvalue_2               ? 
_reflns.pdbx_aniso_B_tensor_eigenvalue_3               ? 
_reflns.pdbx_orthogonalization_convention              ? 
_reflns.pdbx_percent_possible_ellipsoidal              ? 
_reflns.pdbx_percent_possible_spherical                ? 
_reflns.pdbx_percent_possible_ellipsoidal_anomalous    ? 
_reflns.pdbx_percent_possible_spherical_anomalous      ? 
_reflns.pdbx_redundancy_anomalous                      ? 
_reflns.pdbx_CC_half_anomalous                         ? 
_reflns.pdbx_absDiff_over_sigma_anomalous              ? 
_reflns.pdbx_percent_possible_anomalous                ? 
_reflns.pdbx_observed_signal_threshold                 ? 
_reflns.pdbx_signal_type                               ? 
_reflns.pdbx_signal_details                            ? 
_reflns.pdbx_signal_software_id                        ? 
# 
_reflns_shell.d_res_high                                    2.50 
_reflns_shell.d_res_low                                     2.75 
_reflns_shell.meanI_over_sigI_all                           ? 
_reflns_shell.meanI_over_sigI_obs                           1.20 
_reflns_shell.number_measured_all                           ? 
_reflns_shell.number_measured_obs                           ? 
_reflns_shell.number_possible                               ? 
_reflns_shell.number_unique_all                             ? 
_reflns_shell.number_unique_obs                             1404 
_reflns_shell.percent_possible_obs                          ? 
_reflns_shell.Rmerge_F_all                                  ? 
_reflns_shell.Rmerge_F_obs                                  ? 
_reflns_shell.meanI_over_sigI_gt                            ? 
_reflns_shell.meanI_over_uI_all                             ? 
_reflns_shell.meanI_over_uI_gt                              ? 
_reflns_shell.number_measured_gt                            ? 
_reflns_shell.number_unique_gt                              ? 
_reflns_shell.percent_possible_gt                           ? 
_reflns_shell.Rmerge_F_gt                                   ? 
_reflns_shell.Rmerge_I_gt                                   ? 
_reflns_shell.pdbx_redundancy                               1.3 
_reflns_shell.pdbx_chi_squared                              ? 
_reflns_shell.pdbx_netI_over_sigmaI_all                     ? 
_reflns_shell.pdbx_netI_over_sigmaI_obs                     ? 
_reflns_shell.pdbx_Rrim_I_all                               ? 
_reflns_shell.pdbx_Rpim_I_all                               ? 
_reflns_shell.pdbx_rejects                                  ? 
_reflns_shell.pdbx_ordinal                                  1 
_reflns_shell.pdbx_diffrn_id                                1 
_reflns_shell.pdbx_CC_half                                  0.870 
_reflns_shell.pdbx_CC_star                                  ? 
_reflns_shell.pdbx_R_split                                  ? 
_reflns_shell.percent_possible_all                          95.58 
_reflns_shell.Rmerge_I_all                                  ? 
_reflns_shell.Rmerge_I_obs                                  0.431 
_reflns_shell.pdbx_Rsym_value                               ? 
_reflns_shell.pdbx_percent_possible_ellipsoidal             ? 
_reflns_shell.pdbx_percent_possible_spherical               ? 
_reflns_shell.pdbx_percent_possible_ellipsoidal_anomalous   ? 
_reflns_shell.pdbx_percent_possible_spherical_anomalous     ? 
_reflns_shell.pdbx_redundancy_anomalous                     ? 
_reflns_shell.pdbx_CC_half_anomalous                        ? 
_reflns_shell.pdbx_absDiff_over_sigma_anomalous             ? 
_reflns_shell.pdbx_percent_possible_anomalous               ? 
# 
_refine.aniso_B[1][1]                            ? 
_refine.aniso_B[1][2]                            ? 
_refine.aniso_B[1][3]                            ? 
_refine.aniso_B[2][2]                            ? 
_refine.aniso_B[2][3]                            ? 
_refine.aniso_B[3][3]                            ? 
_refine.B_iso_max                                ? 
_refine.B_iso_mean                               46.66 
_refine.B_iso_min                                ? 
_refine.correlation_coeff_Fo_to_Fc               ? 
_refine.correlation_coeff_Fo_to_Fc_free          ? 
_refine.details                                  ? 
_refine.diff_density_max                         ? 
_refine.diff_density_max_esd                     ? 
_refine.diff_density_min                         ? 
_refine.diff_density_min_esd                     ? 
_refine.diff_density_rms                         ? 
_refine.diff_density_rms_esd                     ? 
_refine.entry_id                                 8G9J 
_refine.pdbx_refine_id                           'X-RAY DIFFRACTION' 
_refine.ls_abs_structure_details                 ? 
_refine.ls_abs_structure_Flack                   ? 
_refine.ls_abs_structure_Flack_esd               ? 
_refine.ls_abs_structure_Rogers                  ? 
_refine.ls_abs_structure_Rogers_esd              ? 
_refine.ls_d_res_high                            2.50 
_refine.ls_d_res_low                             46.39 
_refine.ls_extinction_coef                       ? 
_refine.ls_extinction_coef_esd                   ? 
_refine.ls_extinction_expression                 ? 
_refine.ls_extinction_method                     ? 
_refine.ls_goodness_of_fit_all                   ? 
_refine.ls_goodness_of_fit_all_esd               ? 
_refine.ls_goodness_of_fit_obs                   ? 
_refine.ls_goodness_of_fit_obs_esd               ? 
_refine.ls_hydrogen_treatment                    ? 
_refine.ls_matrix_type                           ? 
_refine.ls_number_constraints                    ? 
_refine.ls_number_parameters                     ? 
_refine.ls_number_reflns_all                     ? 
_refine.ls_number_reflns_obs                     6005 
_refine.ls_number_reflns_R_free                  600 
_refine.ls_number_reflns_R_work                  5405 
_refine.ls_number_restraints                     ? 
_refine.ls_percent_reflns_obs                    98.64 
_refine.ls_percent_reflns_R_free                 9.99 
_refine.ls_R_factor_all                          ? 
_refine.ls_R_factor_obs                          0.2386 
_refine.ls_R_factor_R_free                       0.2849 
_refine.ls_R_factor_R_free_error                 ? 
_refine.ls_R_factor_R_free_error_details         ? 
_refine.ls_R_factor_R_work                       0.2331 
_refine.ls_R_Fsqd_factor_obs                     ? 
_refine.ls_R_I_factor_obs                        ? 
_refine.ls_redundancy_reflns_all                 ? 
_refine.ls_redundancy_reflns_obs                 ? 
_refine.ls_restrained_S_all                      ? 
_refine.ls_restrained_S_obs                      ? 
_refine.ls_shift_over_esd_max                    ? 
_refine.ls_shift_over_esd_mean                   ? 
_refine.ls_structure_factor_coef                 ? 
_refine.ls_weighting_details                     ? 
_refine.ls_weighting_scheme                      ? 
_refine.ls_wR_factor_all                         ? 
_refine.ls_wR_factor_obs                         ? 
_refine.ls_wR_factor_R_free                      ? 
_refine.ls_wR_factor_R_work                      ? 
_refine.occupancy_max                            ? 
_refine.occupancy_min                            ? 
_refine.solvent_model_details                    'FLAT BULK SOLVENT MODEL' 
_refine.solvent_model_param_bsol                 ? 
_refine.solvent_model_param_ksol                 ? 
_refine.pdbx_R_complete                          ? 
_refine.ls_R_factor_gt                           ? 
_refine.ls_goodness_of_fit_gt                    ? 
_refine.ls_goodness_of_fit_ref                   ? 
_refine.ls_shift_over_su_max                     ? 
_refine.ls_shift_over_su_max_lt                  ? 
_refine.ls_shift_over_su_mean                    ? 
_refine.ls_shift_over_su_mean_lt                 ? 
_refine.pdbx_ls_sigma_I                          ? 
_refine.pdbx_ls_sigma_F                          1.34 
_refine.pdbx_ls_sigma_Fsqd                       ? 
_refine.pdbx_data_cutoff_high_absF               ? 
_refine.pdbx_data_cutoff_high_rms_absF           ? 
_refine.pdbx_data_cutoff_low_absF                ? 
_refine.pdbx_isotropic_thermal_model             ? 
_refine.pdbx_ls_cross_valid_method               'FREE R-VALUE' 
_refine.pdbx_method_to_determine_struct          'MOLECULAR REPLACEMENT' 
_refine.pdbx_starting_model                      ? 
_refine.pdbx_stereochemistry_target_values       'GeoStd + Monomer Library + CDL v1.2' 
_refine.pdbx_R_Free_selection_details            ? 
_refine.pdbx_stereochem_target_val_spec_case     ? 
_refine.pdbx_overall_ESU_R                       ? 
_refine.pdbx_overall_ESU_R_Free                  ? 
_refine.pdbx_solvent_vdw_probe_radii             1.1100 
_refine.pdbx_solvent_ion_probe_radii             ? 
_refine.pdbx_solvent_shrinkage_radii             0.9000 
_refine.pdbx_real_space_R                        ? 
_refine.pdbx_density_correlation                 ? 
_refine.pdbx_pd_number_of_powder_patterns        ? 
_refine.pdbx_pd_number_of_points                 ? 
_refine.pdbx_pd_meas_number_of_points            ? 
_refine.pdbx_pd_proc_ls_prof_R_factor            ? 
_refine.pdbx_pd_proc_ls_prof_wR_factor           ? 
_refine.pdbx_pd_Marquardt_correlation_coeff      ? 
_refine.pdbx_pd_Fsqrd_R_factor                   ? 
_refine.pdbx_pd_ls_matrix_band_width             ? 
_refine.pdbx_overall_phase_error                 33.6280 
_refine.pdbx_overall_SU_R_free_Cruickshank_DPI   ? 
_refine.pdbx_overall_SU_R_free_Blow_DPI          ? 
_refine.pdbx_overall_SU_R_Blow_DPI               ? 
_refine.pdbx_TLS_residual_ADP_flag               ? 
_refine.pdbx_diffrn_id                           1 
_refine.overall_SU_B                             ? 
_refine.overall_SU_ML                            0.3042 
_refine.overall_SU_R_Cruickshank_DPI             ? 
_refine.overall_SU_R_free                        ? 
_refine.overall_FOM_free_R_set                   ? 
_refine.overall_FOM_work_R_set                   ? 
_refine.pdbx_average_fsc_overall                 ? 
_refine.pdbx_average_fsc_work                    ? 
_refine.pdbx_average_fsc_free                    ? 
# 
_refine_hist.pdbx_refine_id                   'X-RAY DIFFRACTION' 
_refine_hist.cycle_id                         LAST 
_refine_hist.details                          ? 
_refine_hist.d_res_high                       2.50 
_refine_hist.d_res_low                        46.39 
_refine_hist.number_atoms_solvent             13 
_refine_hist.number_atoms_total               1499 
_refine_hist.number_reflns_all                ? 
_refine_hist.number_reflns_obs                ? 
_refine_hist.number_reflns_R_free             ? 
_refine_hist.number_reflns_R_work             ? 
_refine_hist.R_factor_all                     ? 
_refine_hist.R_factor_obs                     ? 
_refine_hist.R_factor_R_free                  ? 
_refine_hist.R_factor_R_work                  ? 
_refine_hist.pdbx_number_residues_total       ? 
_refine_hist.pdbx_B_iso_mean_ligand           ? 
_refine_hist.pdbx_B_iso_mean_solvent          ? 
_refine_hist.pdbx_number_atoms_protein        1486 
_refine_hist.pdbx_number_atoms_nucleic_acid   0 
_refine_hist.pdbx_number_atoms_ligand         0 
_refine_hist.pdbx_number_atoms_lipid          ? 
_refine_hist.pdbx_number_atoms_carb           ? 
_refine_hist.pdbx_pseudo_atom_details         ? 
# 
loop_
_refine_ls_restr.pdbx_refine_id 
_refine_ls_restr.criterion 
_refine_ls_restr.dev_ideal 
_refine_ls_restr.dev_ideal_target 
_refine_ls_restr.number 
_refine_ls_restr.rejects 
_refine_ls_restr.type 
_refine_ls_restr.weight 
_refine_ls_restr.pdbx_restraint_function 
'X-RAY DIFFRACTION' ? 0.0025  ? 1488 ? f_bond_d           ? ? 
'X-RAY DIFFRACTION' ? 0.5168  ? 2011 ? f_angle_d          ? ? 
'X-RAY DIFFRACTION' ? 0.0305  ? 263  ? f_chiral_restr     ? ? 
'X-RAY DIFFRACTION' ? 0.0028  ? 258  ? f_plane_restr      ? ? 
'X-RAY DIFFRACTION' ? 20.7395 ? 567  ? f_dihedral_angle_d ? ? 
# 
loop_
_refine_ls_shell.pdbx_refine_id 
_refine_ls_shell.d_res_high 
_refine_ls_shell.d_res_low 
_refine_ls_shell.number_reflns_all 
_refine_ls_shell.number_reflns_obs 
_refine_ls_shell.number_reflns_R_free 
_refine_ls_shell.number_reflns_R_work 
_refine_ls_shell.percent_reflns_obs 
_refine_ls_shell.percent_reflns_R_free 
_refine_ls_shell.R_factor_all 
_refine_ls_shell.R_factor_obs 
_refine_ls_shell.R_factor_R_free_error 
_refine_ls_shell.R_factor_R_work 
_refine_ls_shell.redundancy_reflns_all 
_refine_ls_shell.redundancy_reflns_obs 
_refine_ls_shell.wR_factor_all 
_refine_ls_shell.wR_factor_obs 
_refine_ls_shell.wR_factor_R_free 
_refine_ls_shell.wR_factor_R_work 
_refine_ls_shell.pdbx_R_complete 
_refine_ls_shell.pdbx_total_number_of_bins_used 
_refine_ls_shell.pdbx_phase_error 
_refine_ls_shell.pdbx_fsc_work 
_refine_ls_shell.pdbx_fsc_free 
_refine_ls_shell.R_factor_R_free 
'X-RAY DIFFRACTION' 2.50 2.75  . . 141 1263 95.58 . . . . 0.2988 . . . . . . . . . . . 0.3763 
'X-RAY DIFFRACTION' 2.75 3.15  . . 148 1334 99.66 . . . . 0.2756 . . . . . . . . . . . 0.3635 
'X-RAY DIFFRACTION' 3.15 3.97  . . 148 1353 99.54 . . . . 0.2311 . . . . . . . . . . . 0.3215 
'X-RAY DIFFRACTION' 3.97 46.39 . . 163 1455 99.63 . . . . 0.1998 . . . . . . . . . . . 0.2184 
# 
_struct.entry_id                     8G9J 
_struct.title                        
'Geometrically programmable nanomaterial construction using regularized protein building blocks' 
_struct.pdbx_model_details           ? 
_struct.pdbx_formula_weight          ? 
_struct.pdbx_formula_weight_method   ? 
_struct.pdbx_model_type_details      ? 
_struct.pdbx_CASP_flag               N 
# 
_struct_keywords.entry_id        8G9J 
_struct_keywords.text            'nanomaterial, protein building blocks, De novo design, train-track, DE NOVO PROTEIN' 
_struct_keywords.pdbx_keywords   'DE NOVO PROTEIN' 
# 
loop_
_struct_asym.id 
_struct_asym.pdbx_blank_PDB_chainid_flag 
_struct_asym.pdbx_modified 
_struct_asym.entity_id 
_struct_asym.details 
A N N 1 ? 
B N N 2 ? 
# 
_struct_ref.id                         1 
_struct_ref.db_name                    PDB 
_struct_ref.db_code                    8G9J 
_struct_ref.pdbx_db_accession          8G9J 
_struct_ref.pdbx_db_isoform            ? 
_struct_ref.entity_id                  1 
_struct_ref.pdbx_seq_one_letter_code   ? 
_struct_ref.pdbx_align_begin           1 
# 
_struct_ref_seq.align_id                      1 
_struct_ref_seq.ref_id                        1 
_struct_ref_seq.pdbx_PDB_id_code              8G9J 
_struct_ref_seq.pdbx_strand_id                A 
_struct_ref_seq.seq_align_beg                 1 
_struct_ref_seq.pdbx_seq_align_beg_ins_code   ? 
_struct_ref_seq.seq_align_end                 223 
_struct_ref_seq.pdbx_seq_align_end_ins_code   ? 
_struct_ref_seq.pdbx_db_accession             8G9J 
_struct_ref_seq.db_align_beg                  -18 
_struct_ref_seq.pdbx_db_align_beg_ins_code    ? 
_struct_ref_seq.db_align_end                  204 
_struct_ref_seq.pdbx_db_align_end_ins_code    ? 
_struct_ref_seq.pdbx_auth_seq_align_beg       -18 
_struct_ref_seq.pdbx_auth_seq_align_end       204 
# 
_pdbx_struct_assembly.id                   1 
_pdbx_struct_assembly.details              author_and_software_defined_assembly 
_pdbx_struct_assembly.method_details       PISA 
_pdbx_struct_assembly.oligomeric_details   monomeric 
_pdbx_struct_assembly.oligomeric_count     1 
# 
_pdbx_struct_assembly_gen.assembly_id       1 
_pdbx_struct_assembly_gen.oper_expression   1 
_pdbx_struct_assembly_gen.asym_id_list      A,B 
# 
_pdbx_struct_assembly_auth_evidence.id                     1 
_pdbx_struct_assembly_auth_evidence.assembly_id            1 
_pdbx_struct_assembly_auth_evidence.experimental_support   SAXS 
_pdbx_struct_assembly_auth_evidence.details                ? 
# 
_pdbx_struct_oper_list.id                   1 
_pdbx_struct_oper_list.type                 'identity operation' 
_pdbx_struct_oper_list.name                 1_555 
_pdbx_struct_oper_list.symmetry_operation   x,y,z 
_pdbx_struct_oper_list.matrix[1][1]         1.0000000000 
_pdbx_struct_oper_list.matrix[1][2]         0.0000000000 
_pdbx_struct_oper_list.matrix[1][3]         0.0000000000 
_pdbx_struct_oper_list.vector[1]            0.0000000000 
_pdbx_struct_oper_list.matrix[2][1]         0.0000000000 
_pdbx_struct_oper_list.matrix[2][2]         1.0000000000 
_pdbx_struct_oper_list.matrix[2][3]         0.0000000000 
_pdbx_struct_oper_list.vector[2]            0.0000000000 
_pdbx_struct_oper_list.matrix[3][1]         0.0000000000 
_pdbx_struct_oper_list.matrix[3][2]         0.0000000000 
_pdbx_struct_oper_list.matrix[3][3]         1.0000000000 
_pdbx_struct_oper_list.vector[3]            0.0000000000 
# 
loop_
_struct_conf.conf_type_id 
_struct_conf.id 
_struct_conf.pdbx_PDB_helix_id 
_struct_conf.beg_label_comp_id 
_struct_conf.beg_label_asym_id 
_struct_conf.beg_label_seq_id 
_struct_conf.pdbx_beg_PDB_ins_code 
_struct_conf.end_label_comp_id 
_struct_conf.end_label_asym_id 
_struct_conf.end_label_seq_id 
_struct_conf.pdbx_end_PDB_ins_code 
_struct_conf.beg_auth_comp_id 
_struct_conf.beg_auth_asym_id 
_struct_conf.beg_auth_seq_id 
_struct_conf.end_auth_comp_id 
_struct_conf.end_auth_asym_id 
_struct_conf.end_auth_seq_id 
_struct_conf.pdbx_PDB_helix_class 
_struct_conf.details 
_struct_conf.pdbx_PDB_helix_length 
HELX_P HELX_P1 AA1 SER A 20  ? GLY A 41  ? SER A 1   GLY A 22  1 ? 22 
HELX_P HELX_P2 AA2 GLY A 42  ? ALA A 67  ? GLY A 23  ALA A 48  1 ? 26 
HELX_P HELX_P3 AA3 SER A 70  ? GLY A 92  ? SER A 51  GLY A 73  1 ? 23 
HELX_P HELX_P4 AA4 GLY A 93  ? LEU A 118 ? GLY A 74  LEU A 99  1 ? 26 
HELX_P HELX_P5 AA5 SER A 121 ? GLY A 143 ? SER A 102 GLY A 124 1 ? 23 
HELX_P HELX_P6 AA6 GLY A 144 ? LEU A 169 ? GLY A 125 LEU A 150 1 ? 26 
HELX_P HELX_P7 AA7 SER A 172 ? LYS A 192 ? SER A 153 LYS A 173 1 ? 21 
HELX_P HELX_P8 AA8 GLY A 195 ? GLU A 219 ? GLY A 176 GLU A 200 1 ? 25 
# 
_struct_conf_type.id          HELX_P 
_struct_conf_type.criteria    ? 
_struct_conf_type.reference   ? 
# 
_pdbx_validate_torsion.id              1 
_pdbx_validate_torsion.PDB_model_num   1 
_pdbx_validate_torsion.auth_comp_id    ALA 
_pdbx_validate_torsion.auth_asym_id    A 
_pdbx_validate_torsion.auth_seq_id     152 
_pdbx_validate_torsion.PDB_ins_code    ? 
_pdbx_validate_torsion.label_alt_id    ? 
_pdbx_validate_torsion.phi             55.59 
_pdbx_validate_torsion.psi             -151.79 
# 
loop_
_space_group_symop.id 
_space_group_symop.operation_xyz 
1 x,y,z               
2 -y+1/2,x+1/2,z+1/4  
3 y+1/2,-x+1/2,z+3/4  
4 x+1/2,-y+1/2,-z+3/4 
5 -x+1/2,y+1/2,-z+1/4 
6 -x,-y,z+1/2         
7 y,x,-z              
8 -y,-x,-z+1/2        
# 
loop_
_pdbx_unobs_or_zero_occ_residues.id 
_pdbx_unobs_or_zero_occ_residues.PDB_model_num 
_pdbx_unobs_or_zero_occ_residues.polymer_flag 
_pdbx_unobs_or_zero_occ_residues.occupancy_flag 
_pdbx_unobs_or_zero_occ_residues.auth_asym_id 
_pdbx_unobs_or_zero_occ_residues.auth_comp_id 
_pdbx_unobs_or_zero_occ_residues.auth_seq_id 
_pdbx_unobs_or_zero_occ_residues.PDB_ins_code 
_pdbx_unobs_or_zero_occ_residues.label_asym_id 
_pdbx_unobs_or_zero_occ_residues.label_comp_id 
_pdbx_unobs_or_zero_occ_residues.label_seq_id 
1  1 Y 1 A HIS -18 ? A HIS 1   
2  1 Y 1 A HIS -17 ? A HIS 2   
3  1 Y 1 A HIS -16 ? A HIS 3   
4  1 Y 1 A HIS -15 ? A HIS 4   
5  1 Y 1 A HIS -14 ? A HIS 5   
6  1 Y 1 A HIS -13 ? A HIS 6   
7  1 Y 1 A SER -12 ? A SER 7   
8  1 Y 1 A GLY -11 ? A GLY 8   
9  1 Y 1 A SER -10 ? A SER 9   
10 1 Y 1 A GLY -9  ? A GLY 10  
11 1 Y 1 A GLU -8  ? A GLU 11  
12 1 Y 1 A ASN -7  ? A ASN 12  
13 1 Y 1 A LEU -6  ? A LEU 13  
14 1 Y 1 A TYR -5  ? A TYR 14  
15 1 Y 1 A PHE -4  ? A PHE 15  
16 1 Y 1 A GLN -3  ? A GLN 16  
17 1 Y 1 A GLY -2  ? A GLY 17  
18 1 Y 1 A SER -1  ? A SER 18  
19 1 Y 1 A GLY 0   ? A GLY 19  
20 1 Y 1 A GLY 202 ? A GLY 221 
21 1 Y 1 A ALA 203 ? A ALA 222 
22 1 Y 1 A SER 204 ? A SER 223 
# 
loop_
_chem_comp_atom.comp_id 
_chem_comp_atom.atom_id 
_chem_comp_atom.type_symbol 
_chem_comp_atom.pdbx_aromatic_flag 
_chem_comp_atom.pdbx_stereo_config 
_chem_comp_atom.pdbx_ordinal 
ALA N    N N N 1   
ALA CA   C N S 2   
ALA C    C N N 3   
ALA O    O N N 4   
ALA CB   C N N 5   
ALA OXT  O N N 6   
ALA H    H N N 7   
ALA H2   H N N 8   
ALA HA   H N N 9   
ALA HB1  H N N 10  
ALA HB2  H N N 11  
ALA HB3  H N N 12  
ALA HXT  H N N 13  
ARG N    N N N 14  
ARG CA   C N S 15  
ARG C    C N N 16  
ARG O    O N N 17  
ARG CB   C N N 18  
ARG CG   C N N 19  
ARG CD   C N N 20  
ARG NE   N N N 21  
ARG CZ   C N N 22  
ARG NH1  N N N 23  
ARG NH2  N N N 24  
ARG OXT  O N N 25  
ARG H    H N N 26  
ARG H2   H N N 27  
ARG HA   H N N 28  
ARG HB2  H N N 29  
ARG HB3  H N N 30  
ARG HG2  H N N 31  
ARG HG3  H N N 32  
ARG HD2  H N N 33  
ARG HD3  H N N 34  
ARG HE   H N N 35  
ARG HH11 H N N 36  
ARG HH12 H N N 37  
ARG HH21 H N N 38  
ARG HH22 H N N 39  
ARG HXT  H N N 40  
ASN N    N N N 41  
ASN CA   C N S 42  
ASN C    C N N 43  
ASN O    O N N 44  
ASN CB   C N N 45  
ASN CG   C N N 46  
ASN OD1  O N N 47  
ASN ND2  N N N 48  
ASN OXT  O N N 49  
ASN H    H N N 50  
ASN H2   H N N 51  
ASN HA   H N N 52  
ASN HB2  H N N 53  
ASN HB3  H N N 54  
ASN HD21 H N N 55  
ASN HD22 H N N 56  
ASN HXT  H N N 57  
ASP N    N N N 58  
ASP CA   C N S 59  
ASP C    C N N 60  
ASP O    O N N 61  
ASP CB   C N N 62  
ASP CG   C N N 63  
ASP OD1  O N N 64  
ASP OD2  O N N 65  
ASP OXT  O N N 66  
ASP H    H N N 67  
ASP H2   H N N 68  
ASP HA   H N N 69  
ASP HB2  H N N 70  
ASP HB3  H N N 71  
ASP HD2  H N N 72  
ASP HXT  H N N 73  
GLN N    N N N 74  
GLN CA   C N S 75  
GLN C    C N N 76  
GLN O    O N N 77  
GLN CB   C N N 78  
GLN CG   C N N 79  
GLN CD   C N N 80  
GLN OE1  O N N 81  
GLN NE2  N N N 82  
GLN OXT  O N N 83  
GLN H    H N N 84  
GLN H2   H N N 85  
GLN HA   H N N 86  
GLN HB2  H N N 87  
GLN HB3  H N N 88  
GLN HG2  H N N 89  
GLN HG3  H N N 90  
GLN HE21 H N N 91  
GLN HE22 H N N 92  
GLN HXT  H N N 93  
GLU N    N N N 94  
GLU CA   C N S 95  
GLU C    C N N 96  
GLU O    O N N 97  
GLU CB   C N N 98  
GLU CG   C N N 99  
GLU CD   C N N 100 
GLU OE1  O N N 101 
GLU OE2  O N N 102 
GLU OXT  O N N 103 
GLU H    H N N 104 
GLU H2   H N N 105 
GLU HA   H N N 106 
GLU HB2  H N N 107 
GLU HB3  H N N 108 
GLU HG2  H N N 109 
GLU HG3  H N N 110 
GLU HE2  H N N 111 
GLU HXT  H N N 112 
GLY N    N N N 113 
GLY CA   C N N 114 
GLY C    C N N 115 
GLY O    O N N 116 
GLY OXT  O N N 117 
GLY H    H N N 118 
GLY H2   H N N 119 
GLY HA2  H N N 120 
GLY HA3  H N N 121 
GLY HXT  H N N 122 
HIS N    N N N 123 
HIS CA   C N S 124 
HIS C    C N N 125 
HIS O    O N N 126 
HIS CB   C N N 127 
HIS CG   C Y N 128 
HIS ND1  N Y N 129 
HIS CD2  C Y N 130 
HIS CE1  C Y N 131 
HIS NE2  N Y N 132 
HIS OXT  O N N 133 
HIS H    H N N 134 
HIS H2   H N N 135 
HIS HA   H N N 136 
HIS HB2  H N N 137 
HIS HB3  H N N 138 
HIS HD1  H N N 139 
HIS HD2  H N N 140 
HIS HE1  H N N 141 
HIS HE2  H N N 142 
HIS HXT  H N N 143 
HOH O    O N N 144 
HOH H1   H N N 145 
HOH H2   H N N 146 
ILE N    N N N 147 
ILE CA   C N S 148 
ILE C    C N N 149 
ILE O    O N N 150 
ILE CB   C N S 151 
ILE CG1  C N N 152 
ILE CG2  C N N 153 
ILE CD1  C N N 154 
ILE OXT  O N N 155 
ILE H    H N N 156 
ILE H2   H N N 157 
ILE HA   H N N 158 
ILE HB   H N N 159 
ILE HG12 H N N 160 
ILE HG13 H N N 161 
ILE HG21 H N N 162 
ILE HG22 H N N 163 
ILE HG23 H N N 164 
ILE HD11 H N N 165 
ILE HD12 H N N 166 
ILE HD13 H N N 167 
ILE HXT  H N N 168 
LEU N    N N N 169 
LEU CA   C N S 170 
LEU C    C N N 171 
LEU O    O N N 172 
LEU CB   C N N 173 
LEU CG   C N N 174 
LEU CD1  C N N 175 
LEU CD2  C N N 176 
LEU OXT  O N N 177 
LEU H    H N N 178 
LEU H2   H N N 179 
LEU HA   H N N 180 
LEU HB2  H N N 181 
LEU HB3  H N N 182 
LEU HG   H N N 183 
LEU HD11 H N N 184 
LEU HD12 H N N 185 
LEU HD13 H N N 186 
LEU HD21 H N N 187 
LEU HD22 H N N 188 
LEU HD23 H N N 189 
LEU HXT  H N N 190 
LYS N    N N N 191 
LYS CA   C N S 192 
LYS C    C N N 193 
LYS O    O N N 194 
LYS CB   C N N 195 
LYS CG   C N N 196 
LYS CD   C N N 197 
LYS CE   C N N 198 
LYS NZ   N N N 199 
LYS OXT  O N N 200 
LYS H    H N N 201 
LYS H2   H N N 202 
LYS HA   H N N 203 
LYS HB2  H N N 204 
LYS HB3  H N N 205 
LYS HG2  H N N 206 
LYS HG3  H N N 207 
LYS HD2  H N N 208 
LYS HD3  H N N 209 
LYS HE2  H N N 210 
LYS HE3  H N N 211 
LYS HZ1  H N N 212 
LYS HZ2  H N N 213 
LYS HZ3  H N N 214 
LYS HXT  H N N 215 
PHE N    N N N 216 
PHE CA   C N S 217 
PHE C    C N N 218 
PHE O    O N N 219 
PHE CB   C N N 220 
PHE CG   C Y N 221 
PHE CD1  C Y N 222 
PHE CD2  C Y N 223 
PHE CE1  C Y N 224 
PHE CE2  C Y N 225 
PHE CZ   C Y N 226 
PHE OXT  O N N 227 
PHE H    H N N 228 
PHE H2   H N N 229 
PHE HA   H N N 230 
PHE HB2  H N N 231 
PHE HB3  H N N 232 
PHE HD1  H N N 233 
PHE HD2  H N N 234 
PHE HE1  H N N 235 
PHE HE2  H N N 236 
PHE HZ   H N N 237 
PHE HXT  H N N 238 
PRO N    N N N 239 
PRO CA   C N S 240 
PRO C    C N N 241 
PRO O    O N N 242 
PRO CB   C N N 243 
PRO CG   C N N 244 
PRO CD   C N N 245 
PRO OXT  O N N 246 
PRO H    H N N 247 
PRO HA   H N N 248 
PRO HB2  H N N 249 
PRO HB3  H N N 250 
PRO HG2  H N N 251 
PRO HG3  H N N 252 
PRO HD2  H N N 253 
PRO HD3  H N N 254 
PRO HXT  H N N 255 
SER N    N N N 256 
SER CA   C N S 257 
SER C    C N N 258 
SER O    O N N 259 
SER CB   C N N 260 
SER OG   O N N 261 
SER OXT  O N N 262 
SER H    H N N 263 
SER H2   H N N 264 
SER HA   H N N 265 
SER HB2  H N N 266 
SER HB3  H N N 267 
SER HG   H N N 268 
SER HXT  H N N 269 
THR N    N N N 270 
THR CA   C N S 271 
THR C    C N N 272 
THR O    O N N 273 
THR CB   C N R 274 
THR OG1  O N N 275 
THR CG2  C N N 276 
THR OXT  O N N 277 
THR H    H N N 278 
THR H2   H N N 279 
THR HA   H N N 280 
THR HB   H N N 281 
THR HG1  H N N 282 
THR HG21 H N N 283 
THR HG22 H N N 284 
THR HG23 H N N 285 
THR HXT  H N N 286 
TYR N    N N N 287 
TYR CA   C N S 288 
TYR C    C N N 289 
TYR O    O N N 290 
TYR CB   C N N 291 
TYR CG   C Y N 292 
TYR CD1  C Y N 293 
TYR CD2  C Y N 294 
TYR CE1  C Y N 295 
TYR CE2  C Y N 296 
TYR CZ   C Y N 297 
TYR OH   O N N 298 
TYR OXT  O N N 299 
TYR H    H N N 300 
TYR H2   H N N 301 
TYR HA   H N N 302 
TYR HB2  H N N 303 
TYR HB3  H N N 304 
TYR HD1  H N N 305 
TYR HD2  H N N 306 
TYR HE1  H N N 307 
TYR HE2  H N N 308 
TYR HH   H N N 309 
TYR HXT  H N N 310 
VAL N    N N N 311 
VAL CA   C N S 312 
VAL C    C N N 313 
VAL O    O N N 314 
VAL CB   C N N 315 
VAL CG1  C N N 316 
VAL CG2  C N N 317 
VAL OXT  O N N 318 
VAL H    H N N 319 
VAL H2   H N N 320 
VAL HA   H N N 321 
VAL HB   H N N 322 
VAL HG11 H N N 323 
VAL HG12 H N N 324 
VAL HG13 H N N 325 
VAL HG21 H N N 326 
VAL HG22 H N N 327 
VAL HG23 H N N 328 
VAL HXT  H N N 329 
# 
loop_
_chem_comp_bond.comp_id 
_chem_comp_bond.atom_id_1 
_chem_comp_bond.atom_id_2 
_chem_comp_bond.value_order 
_chem_comp_bond.pdbx_aromatic_flag 
_chem_comp_bond.pdbx_stereo_config 
_chem_comp_bond.pdbx_ordinal 
ALA N   CA   sing N N 1   
ALA N   H    sing N N 2   
ALA N   H2   sing N N 3   
ALA CA  C    sing N N 4   
ALA CA  CB   sing N N 5   
ALA CA  HA   sing N N 6   
ALA C   O    doub N N 7   
ALA C   OXT  sing N N 8   
ALA CB  HB1  sing N N 9   
ALA CB  HB2  sing N N 10  
ALA CB  HB3  sing N N 11  
ALA OXT HXT  sing N N 12  
ARG N   CA   sing N N 13  
ARG N   H    sing N N 14  
ARG N   H2   sing N N 15  
ARG CA  C    sing N N 16  
ARG CA  CB   sing N N 17  
ARG CA  HA   sing N N 18  
ARG C   O    doub N N 19  
ARG C   OXT  sing N N 20  
ARG CB  CG   sing N N 21  
ARG CB  HB2  sing N N 22  
ARG CB  HB3  sing N N 23  
ARG CG  CD   sing N N 24  
ARG CG  HG2  sing N N 25  
ARG CG  HG3  sing N N 26  
ARG CD  NE   sing N N 27  
ARG CD  HD2  sing N N 28  
ARG CD  HD3  sing N N 29  
ARG NE  CZ   sing N N 30  
ARG NE  HE   sing N N 31  
ARG CZ  NH1  sing N N 32  
ARG CZ  NH2  doub N N 33  
ARG NH1 HH11 sing N N 34  
ARG NH1 HH12 sing N N 35  
ARG NH2 HH21 sing N N 36  
ARG NH2 HH22 sing N N 37  
ARG OXT HXT  sing N N 38  
ASN N   CA   sing N N 39  
ASN N   H    sing N N 40  
ASN N   H2   sing N N 41  
ASN CA  C    sing N N 42  
ASN CA  CB   sing N N 43  
ASN CA  HA   sing N N 44  
ASN C   O    doub N N 45  
ASN C   OXT  sing N N 46  
ASN CB  CG   sing N N 47  
ASN CB  HB2  sing N N 48  
ASN CB  HB3  sing N N 49  
ASN CG  OD1  doub N N 50  
ASN CG  ND2  sing N N 51  
ASN ND2 HD21 sing N N 52  
ASN ND2 HD22 sing N N 53  
ASN OXT HXT  sing N N 54  
ASP N   CA   sing N N 55  
ASP N   H    sing N N 56  
ASP N   H2   sing N N 57  
ASP CA  C    sing N N 58  
ASP CA  CB   sing N N 59  
ASP CA  HA   sing N N 60  
ASP C   O    doub N N 61  
ASP C   OXT  sing N N 62  
ASP CB  CG   sing N N 63  
ASP CB  HB2  sing N N 64  
ASP CB  HB3  sing N N 65  
ASP CG  OD1  doub N N 66  
ASP CG  OD2  sing N N 67  
ASP OD2 HD2  sing N N 68  
ASP OXT HXT  sing N N 69  
GLN N   CA   sing N N 70  
GLN N   H    sing N N 71  
GLN N   H2   sing N N 72  
GLN CA  C    sing N N 73  
GLN CA  CB   sing N N 74  
GLN CA  HA   sing N N 75  
GLN C   O    doub N N 76  
GLN C   OXT  sing N N 77  
GLN CB  CG   sing N N 78  
GLN CB  HB2  sing N N 79  
GLN CB  HB3  sing N N 80  
GLN CG  CD   sing N N 81  
GLN CG  HG2  sing N N 82  
GLN CG  HG3  sing N N 83  
GLN CD  OE1  doub N N 84  
GLN CD  NE2  sing N N 85  
GLN NE2 HE21 sing N N 86  
GLN NE2 HE22 sing N N 87  
GLN OXT HXT  sing N N 88  
GLU N   CA   sing N N 89  
GLU N   H    sing N N 90  
GLU N   H2   sing N N 91  
GLU CA  C    sing N N 92  
GLU CA  CB   sing N N 93  
GLU CA  HA   sing N N 94  
GLU C   O    doub N N 95  
GLU C   OXT  sing N N 96  
GLU CB  CG   sing N N 97  
GLU CB  HB2  sing N N 98  
GLU CB  HB3  sing N N 99  
GLU CG  CD   sing N N 100 
GLU CG  HG2  sing N N 101 
GLU CG  HG3  sing N N 102 
GLU CD  OE1  doub N N 103 
GLU CD  OE2  sing N N 104 
GLU OE2 HE2  sing N N 105 
GLU OXT HXT  sing N N 106 
GLY N   CA   sing N N 107 
GLY N   H    sing N N 108 
GLY N   H2   sing N N 109 
GLY CA  C    sing N N 110 
GLY CA  HA2  sing N N 111 
GLY CA  HA3  sing N N 112 
GLY C   O    doub N N 113 
GLY C   OXT  sing N N 114 
GLY OXT HXT  sing N N 115 
HIS N   CA   sing N N 116 
HIS N   H    sing N N 117 
HIS N   H2   sing N N 118 
HIS CA  C    sing N N 119 
HIS CA  CB   sing N N 120 
HIS CA  HA   sing N N 121 
HIS C   O    doub N N 122 
HIS C   OXT  sing N N 123 
HIS CB  CG   sing N N 124 
HIS CB  HB2  sing N N 125 
HIS CB  HB3  sing N N 126 
HIS CG  ND1  sing Y N 127 
HIS CG  CD2  doub Y N 128 
HIS ND1 CE1  doub Y N 129 
HIS ND1 HD1  sing N N 130 
HIS CD2 NE2  sing Y N 131 
HIS CD2 HD2  sing N N 132 
HIS CE1 NE2  sing Y N 133 
HIS CE1 HE1  sing N N 134 
HIS NE2 HE2  sing N N 135 
HIS OXT HXT  sing N N 136 
HOH O   H1   sing N N 137 
HOH O   H2   sing N N 138 
ILE N   CA   sing N N 139 
ILE N   H    sing N N 140 
ILE N   H2   sing N N 141 
ILE CA  C    sing N N 142 
ILE CA  CB   sing N N 143 
ILE CA  HA   sing N N 144 
ILE C   O    doub N N 145 
ILE C   OXT  sing N N 146 
ILE CB  CG1  sing N N 147 
ILE CB  CG2  sing N N 148 
ILE CB  HB   sing N N 149 
ILE CG1 CD1  sing N N 150 
ILE CG1 HG12 sing N N 151 
ILE CG1 HG13 sing N N 152 
ILE CG2 HG21 sing N N 153 
ILE CG2 HG22 sing N N 154 
ILE CG2 HG23 sing N N 155 
ILE CD1 HD11 sing N N 156 
ILE CD1 HD12 sing N N 157 
ILE CD1 HD13 sing N N 158 
ILE OXT HXT  sing N N 159 
LEU N   CA   sing N N 160 
LEU N   H    sing N N 161 
LEU N   H2   sing N N 162 
LEU CA  C    sing N N 163 
LEU CA  CB   sing N N 164 
LEU CA  HA   sing N N 165 
LEU C   O    doub N N 166 
LEU C   OXT  sing N N 167 
LEU CB  CG   sing N N 168 
LEU CB  HB2  sing N N 169 
LEU CB  HB3  sing N N 170 
LEU CG  CD1  sing N N 171 
LEU CG  CD2  sing N N 172 
LEU CG  HG   sing N N 173 
LEU CD1 HD11 sing N N 174 
LEU CD1 HD12 sing N N 175 
LEU CD1 HD13 sing N N 176 
LEU CD2 HD21 sing N N 177 
LEU CD2 HD22 sing N N 178 
LEU CD2 HD23 sing N N 179 
LEU OXT HXT  sing N N 180 
LYS N   CA   sing N N 181 
LYS N   H    sing N N 182 
LYS N   H2   sing N N 183 
LYS CA  C    sing N N 184 
LYS CA  CB   sing N N 185 
LYS CA  HA   sing N N 186 
LYS C   O    doub N N 187 
LYS C   OXT  sing N N 188 
LYS CB  CG   sing N N 189 
LYS CB  HB2  sing N N 190 
LYS CB  HB3  sing N N 191 
LYS CG  CD   sing N N 192 
LYS CG  HG2  sing N N 193 
LYS CG  HG3  sing N N 194 
LYS CD  CE   sing N N 195 
LYS CD  HD2  sing N N 196 
LYS CD  HD3  sing N N 197 
LYS CE  NZ   sing N N 198 
LYS CE  HE2  sing N N 199 
LYS CE  HE3  sing N N 200 
LYS NZ  HZ1  sing N N 201 
LYS NZ  HZ2  sing N N 202 
LYS NZ  HZ3  sing N N 203 
LYS OXT HXT  sing N N 204 
PHE N   CA   sing N N 205 
PHE N   H    sing N N 206 
PHE N   H2   sing N N 207 
PHE CA  C    sing N N 208 
PHE CA  CB   sing N N 209 
PHE CA  HA   sing N N 210 
PHE C   O    doub N N 211 
PHE C   OXT  sing N N 212 
PHE CB  CG   sing N N 213 
PHE CB  HB2  sing N N 214 
PHE CB  HB3  sing N N 215 
PHE CG  CD1  doub Y N 216 
PHE CG  CD2  sing Y N 217 
PHE CD1 CE1  sing Y N 218 
PHE CD1 HD1  sing N N 219 
PHE CD2 CE2  doub Y N 220 
PHE CD2 HD2  sing N N 221 
PHE CE1 CZ   doub Y N 222 
PHE CE1 HE1  sing N N 223 
PHE CE2 CZ   sing Y N 224 
PHE CE2 HE2  sing N N 225 
PHE CZ  HZ   sing N N 226 
PHE OXT HXT  sing N N 227 
PRO N   CA   sing N N 228 
PRO N   CD   sing N N 229 
PRO N   H    sing N N 230 
PRO CA  C    sing N N 231 
PRO CA  CB   sing N N 232 
PRO CA  HA   sing N N 233 
PRO C   O    doub N N 234 
PRO C   OXT  sing N N 235 
PRO CB  CG   sing N N 236 
PRO CB  HB2  sing N N 237 
PRO CB  HB3  sing N N 238 
PRO CG  CD   sing N N 239 
PRO CG  HG2  sing N N 240 
PRO CG  HG3  sing N N 241 
PRO CD  HD2  sing N N 242 
PRO CD  HD3  sing N N 243 
PRO OXT HXT  sing N N 244 
SER N   CA   sing N N 245 
SER N   H    sing N N 246 
SER N   H2   sing N N 247 
SER CA  C    sing N N 248 
SER CA  CB   sing N N 249 
SER CA  HA   sing N N 250 
SER C   O    doub N N 251 
SER C   OXT  sing N N 252 
SER CB  OG   sing N N 253 
SER CB  HB2  sing N N 254 
SER CB  HB3  sing N N 255 
SER OG  HG   sing N N 256 
SER OXT HXT  sing N N 257 
THR N   CA   sing N N 258 
THR N   H    sing N N 259 
THR N   H2   sing N N 260 
THR CA  C    sing N N 261 
THR CA  CB   sing N N 262 
THR CA  HA   sing N N 263 
THR C   O    doub N N 264 
THR C   OXT  sing N N 265 
THR CB  OG1  sing N N 266 
THR CB  CG2  sing N N 267 
THR CB  HB   sing N N 268 
THR OG1 HG1  sing N N 269 
THR CG2 HG21 sing N N 270 
THR CG2 HG22 sing N N 271 
THR CG2 HG23 sing N N 272 
THR OXT HXT  sing N N 273 
TYR N   CA   sing N N 274 
TYR N   H    sing N N 275 
TYR N   H2   sing N N 276 
TYR CA  C    sing N N 277 
TYR CA  CB   sing N N 278 
TYR CA  HA   sing N N 279 
TYR C   O    doub N N 280 
TYR C   OXT  sing N N 281 
TYR CB  CG   sing N N 282 
TYR CB  HB2  sing N N 283 
TYR CB  HB3  sing N N 284 
TYR CG  CD1  doub Y N 285 
TYR CG  CD2  sing Y N 286 
TYR CD1 CE1  sing Y N 287 
TYR CD1 HD1  sing N N 288 
TYR CD2 CE2  doub Y N 289 
TYR CD2 HD2  sing N N 290 
TYR CE1 CZ   doub Y N 291 
TYR CE1 HE1  sing N N 292 
TYR CE2 CZ   sing Y N 293 
TYR CE2 HE2  sing N N 294 
TYR CZ  OH   sing N N 295 
TYR OH  HH   sing N N 296 
TYR OXT HXT  sing N N 297 
VAL N   CA   sing N N 298 
VAL N   H    sing N N 299 
VAL N   H2   sing N N 300 
VAL CA  C    sing N N 301 
VAL CA  CB   sing N N 302 
VAL CA  HA   sing N N 303 
VAL C   O    doub N N 304 
VAL C   OXT  sing N N 305 
VAL CB  CG1  sing N N 306 
VAL CB  CG2  sing N N 307 
VAL CB  HB   sing N N 308 
VAL CG1 HG11 sing N N 309 
VAL CG1 HG12 sing N N 310 
VAL CG1 HG13 sing N N 311 
VAL CG2 HG21 sing N N 312 
VAL CG2 HG22 sing N N 313 
VAL CG2 HG23 sing N N 314 
VAL OXT HXT  sing N N 315 
# 
_pdbx_audit_support.funding_organization   'National Science Foundation (NSF, United States)' 
_pdbx_audit_support.country                'United States' 
_pdbx_audit_support.grant_number           ? 
_pdbx_audit_support.ordinal                1 
# 
_pdbx_initial_refinement_model.id               1 
_pdbx_initial_refinement_model.entity_id_list   ? 
_pdbx_initial_refinement_model.type             other 
_pdbx_initial_refinement_model.source_name      Other 
_pdbx_initial_refinement_model.accession_code   ? 
_pdbx_initial_refinement_model.details          'Designed Model' 
# 
_space_group.name_H-M_alt     'P 41 21 2' 
_space_group.name_Hall        'P 4abw 2nw' 
_space_group.IT_number        92 
_space_group.crystal_system   tetragonal 
_space_group.id               1 
# 
_atom_sites.entry_id                    8G9J 
_atom_sites.Cartn_transf_matrix[1][1]   ? 
_atom_sites.Cartn_transf_matrix[1][2]   ? 
_atom_sites.Cartn_transf_matrix[1][3]   ? 
_atom_sites.Cartn_transf_matrix[2][1]   ? 
_atom_sites.Cartn_transf_matrix[2][2]   ? 
_atom_sites.Cartn_transf_matrix[2][3]   ? 
_atom_sites.Cartn_transf_matrix[3][1]   ? 
_atom_sites.Cartn_transf_matrix[3][2]   ? 
_atom_sites.Cartn_transf_matrix[3][3]   ? 
_atom_sites.Cartn_transf_vector[1]      ? 
_atom_sites.Cartn_transf_vector[2]      ? 
_atom_sites.Cartn_transf_vector[3]      ? 
_atom_sites.fract_transf_matrix[1][1]   0.00773991 
_atom_sites.fract_transf_matrix[1][2]   -0.00289360 
_atom_sites.fract_transf_matrix[1][3]   -0.01834490 
_atom_sites.fract_transf_matrix[2][1]   0.01324559 
_atom_sites.fract_transf_matrix[2][2]   0.01479090 
_atom_sites.fract_transf_matrix[2][3]   0.00325544 
_atom_sites.fract_transf_matrix[3][1]   0.00500525 
_atom_sites.fract_transf_matrix[3][2]   -0.00512503 
_atom_sites.fract_transf_matrix[3][3]   0.00292015 
_atom_sites.fract_transf_vector[1]      0.137743 
_atom_sites.fract_transf_vector[2]      0.061794 
_atom_sites.fract_transf_vector[3]      0.182441 
_atom_sites.solution_primary            ? 
_atom_sites.solution_secondary          ? 
_atom_sites.solution_hydrogens          ? 
_atom_sites.special_details             ? 
# 
loop_
_atom_type.symbol 
_atom_type.scat_dispersion_real 
_atom_type.scat_dispersion_imag 
_atom_type.scat_Cromer_Mann_a1 
_atom_type.scat_Cromer_Mann_a2 
_atom_type.scat_Cromer_Mann_a3 
_atom_type.scat_Cromer_Mann_a4 
_atom_type.scat_Cromer_Mann_b1 
_atom_type.scat_Cromer_Mann_b2 
_atom_type.scat_Cromer_Mann_b3 
_atom_type.scat_Cromer_Mann_b4 
_atom_type.scat_Cromer_Mann_c 
_atom_type.scat_source 
_atom_type.scat_dispersion_source 
C ? ? 3.54356 2.42580 ? ? 25.62398 1.50364 ? ? 0.0 
;2-Gaussian fit: Grosse-Kunstleve RW, Sauter NK, Adams PD: Newsletter of the IUCr Commission on Crystallographic Computing 2004, 3, 22-31.
;
? 
N ? ? 4.01032 2.96436 ? ? 19.97189 1.75589 ? ? 0.0 
;2-Gaussian fit: Grosse-Kunstleve RW, Sauter NK, Adams PD: Newsletter of the IUCr Commission on Crystallographic Computing 2004, 3, 22-31.
;
? 
O ? ? 4.49882 3.47563 ? ? 15.80542 1.70748 ? ? 0.0 
;2-Gaussian fit: Grosse-Kunstleve RW, Sauter NK, Adams PD: Newsletter of the IUCr Commission on Crystallographic Computing 2004, 3, 22-31.
;
? 
# 
loop_
_atom_site.group_PDB 
_atom_site.id 
_atom_site.type_symbol 
_atom_site.label_atom_id 
_atom_site.label_alt_id 
_atom_site.label_comp_id 
_atom_site.label_asym_id 
_atom_site.label_entity_id 
_atom_site.label_seq_id 
_atom_site.pdbx_PDB_ins_code 
_atom_site.Cartn_x 
_atom_site.Cartn_y 
_atom_site.Cartn_z 
_atom_site.occupancy 
_atom_site.B_iso_or_equiv 
_atom_site.pdbx_formal_charge 
_atom_site.auth_seq_id 
_atom_site.auth_comp_id 
_atom_site.auth_asym_id 
_atom_site.auth_atom_id 
_atom_site.pdbx_PDB_model_num 
ATOM   1    N N   . SER A 1 20  ? 21.52385  5.03896   -10.21014 1.000 61.18897  ? 1   SER A N   1 
ATOM   2    C CA  . SER A 1 20  ? 20.32704  5.27759   -9.41006  1.000 62.66698  ? 1   SER A CA  1 
ATOM   3    C C   . SER A 1 20  ? 19.08044  5.32955   -10.28948 1.000 54.25164  ? 1   SER A C   1 
ATOM   4    O O   . SER A 1 20  ? 18.18016  4.49989   -10.15627 1.000 61.23280  ? 1   SER A O   1 
ATOM   5    C CB  . SER A 1 20  ? 20.46357  6.57618   -8.61371  1.000 44.29104  ? 1   SER A CB  1 
ATOM   6    O OG  . SER A 1 20  ? 20.59910  7.69047   -9.48006  1.000 73.10170  ? 1   SER A OG  1 
ATOM   7    N N   . GLU A 1 21  ? 19.03120  6.31649   -11.18740 1.000 47.91517  ? 2   GLU A N   1 
ATOM   8    C CA  . GLU A 1 21  ? 17.90600  6.41607   -12.11089 1.000 46.06654  ? 2   GLU A CA  1 
ATOM   9    C C   . GLU A 1 21  ? 17.92479  5.28925   -13.13532 1.000 45.33636  ? 2   GLU A C   1 
ATOM   10   O O   . GLU A 1 21  ? 16.86905  4.90208   -13.64911 1.000 36.99616  ? 2   GLU A O   1 
ATOM   11   C CB  . GLU A 1 21  ? 17.91861  7.77789   -12.80672 1.000 49.78471  ? 2   GLU A CB  1 
ATOM   12   C CG  . GLU A 1 21  ? 19.18549  8.05007   -13.60325 1.000 72.36087  ? 2   GLU A CG  1 
ATOM   13   C CD  . GLU A 1 21  ? 19.47082  9.53019   -13.76214 1.000 80.50136  ? 2   GLU A CD  1 
ATOM   14   O OE1 . GLU A 1 21  ? 19.10862  10.30641  -12.85274 1.000 92.27184  ? 2   GLU A OE1 1 
ATOM   15   O OE2 . GLU A 1 21  ? 20.05810  9.91652   -14.79549 1.000 84.77838  ? 2   GLU A OE2 1 
ATOM   16   N N   . GLU A 1 22  ? 19.10814  4.75325   -13.44474 1.000 46.42584  ? 3   GLU A N   1 
ATOM   17   C CA  . GLU A 1 22  ? 19.18346  3.59405   -14.32608 1.000 48.26260  ? 3   GLU A CA  1 
ATOM   18   C C   . GLU A 1 22  ? 18.69714  2.33370   -13.62343 1.000 42.63720  ? 3   GLU A C   1 
ATOM   19   O O   . GLU A 1 22  ? 18.16014  1.42933   -14.27349 1.000 44.82055  ? 3   GLU A O   1 
ATOM   20   C CB  . GLU A 1 22  ? 20.61639  3.40569   -14.82612 1.000 56.44778  ? 3   GLU A CB  1 
ATOM   21   C CG  . GLU A 1 22  ? 21.20492  4.62831   -15.51746 1.000 56.79747  ? 3   GLU A CG  1 
ATOM   22   C CD  . GLU A 1 22  ? 22.67744  4.46191   -15.84262 1.000 72.74676  ? 3   GLU A CD  1 
ATOM   23   O OE1 . GLU A 1 22  ? 23.31984  3.57179   -15.24468 1.000 68.33160  ? 3   GLU A OE1 1 
ATOM   24   O OE2 . GLU A 1 22  ? 23.19095  5.21896   -16.69472 0.360 61.86869  ? 3   GLU A OE2 1 
ATOM   25   N N   . ILE A 1 23  ? 18.88783  2.25360   -12.30442 1.000 33.58672  ? 4   ILE A N   1 
ATOM   26   C CA  . ILE A 1 23  ? 18.34691  1.14060   -11.53123 1.000 42.09056  ? 4   ILE A CA  1 
ATOM   27   C C   . ILE A 1 23  ? 16.82430  1.15005   -11.58017 1.000 47.89944  ? 4   ILE A C   1 
ATOM   28   O O   . ILE A 1 23  ? 16.18558  0.09455   -11.66665 1.000 48.17987  ? 4   ILE A O   1 
ATOM   29   C CB  . ILE A 1 23  ? 18.86686  1.20032   -10.08284 1.000 48.28307  ? 4   ILE A CB  1 
ATOM   30   C CG1 . ILE A 1 23  ? 20.39409  1.29196   -10.06308 1.000 51.03281  ? 4   ILE A CG1 1 
ATOM   31   C CG2 . ILE A 1 23  ? 18.39460  -0.00874  -9.29123  1.000 41.22143  ? 4   ILE A CG2 1 
ATOM   32   C CD1 . ILE A 1 23  ? 20.97088  1.53851   -8.69119  1.000 35.59686  ? 4   ILE A CD1 1 
ATOM   33   N N   . VAL A 1 24  ? 16.21894  2.33884   -11.53009 1.000 41.61419  ? 5   VAL A N   1 
ATOM   34   C CA  . VAL A 1 24  ? 14.76659  2.43602   -11.62150 1.000 37.15394  ? 5   VAL A CA  1 
ATOM   35   C C   . VAL A 1 24  ? 14.28860  1.98938   -12.99662 1.000 34.03417  ? 5   VAL A C   1 
ATOM   36   O O   . VAL A 1 24  ? 13.29351  1.26435   -13.11812 1.000 29.15619  ? 5   VAL A O   1 
ATOM   37   C CB  . VAL A 1 24  ? 14.30881  3.86976   -11.29752 1.000 37.93762  ? 5   VAL A CB  1 
ATOM   38   C CG1 . VAL A 1 24  ? 12.79202  3.97265   -11.36348 1.000 36.65897  ? 5   VAL A CG1 1 
ATOM   39   C CG2 . VAL A 1 24  ? 14.81784  4.29201   -9.92724  1.000 38.06723  ? 5   VAL A CG2 1 
ATOM   40   N N   . GLU A 1 25  ? 15.00185  2.39405   -14.05013 1.000 40.66372  ? 6   GLU A N   1 
ATOM   41   C CA  . GLU A 1 25  ? 14.57073  2.08713   -15.41169 1.000 43.18706  ? 6   GLU A CA  1 
ATOM   42   C C   . GLU A 1 25  ? 14.64461  0.59208   -15.70090 1.000 42.04845  ? 6   GLU A C   1 
ATOM   43   O O   . GLU A 1 25  ? 13.74651  0.02821   -16.33900 1.000 32.64860  ? 6   GLU A O   1 
ATOM   44   C CB  . GLU A 1 25  ? 15.41866  2.86019   -16.41927 1.000 56.29415  ? 6   GLU A CB  1 
ATOM   45   C CG  . GLU A 1 25  ? 15.05374  2.56507   -17.86233 1.000 65.61287  ? 6   GLU A CG  1 
ATOM   46   C CD  . GLU A 1 25  ? 16.18573  2.84816   -18.82319 1.000 82.00540  ? 6   GLU A CD  1 
ATOM   47   O OE1 . GLU A 1 25  ? 16.23201  2.19631   -19.88831 1.000 82.79251  ? 6   GLU A OE1 1 
ATOM   48   O OE2 . GLU A 1 25  ? 17.03092  3.71228   -18.51040 1.000 74.26224  ? 6   GLU A OE2 1 
ATOM   49   N N   . GLU A 1 26  ? 15.71881  -0.06659  -15.25887 1.000 40.93670  ? 7   GLU A N   1 
ATOM   50   C CA  . GLU A 1 26  ? 15.81608  -1.50818  -15.46103 1.000 40.38021  ? 7   GLU A CA  1 
ATOM   51   C C   . GLU A 1 26  ? 14.80238  -2.24985  -14.60078 1.000 27.69124  ? 7   GLU A C   1 
ATOM   52   O O   . GLU A 1 26  ? 14.18482  -3.21909  -15.05613 1.000 35.28685  ? 7   GLU A O   1 
ATOM   53   C CB  . GLU A 1 26  ? 17.23163  -2.00004  -15.15847 1.000 41.07727  ? 7   GLU A CB  1 
ATOM   54   C CG  . GLU A 1 26  ? 17.46367  -3.44865  -15.57879 1.000 66.94500  ? 7   GLU A CG  1 
ATOM   55   C CD  . GLU A 1 26  ? 18.74211  -4.03985  -15.01400 1.000 70.07954  ? 7   GLU A CD  1 
ATOM   56   O OE1 . GLU A 1 26  ? 19.28687  -3.47707  -14.04031 1.000 79.09863  ? 7   GLU A OE1 1 
ATOM   57   O OE2 . GLU A 1 26  ? 19.20075  -5.07347  -15.54388 1.000 71.09236  ? 7   GLU A OE2 1 
ATOM   58   N N   . ALA A 1 27  ? 14.61960  -1.80966  -13.35361 1.000 40.02765  ? 8   ALA A N   1 
ATOM   59   C CA  . ALA A 1 27  ? 13.64454  -2.45074  -12.47811 1.000 36.44929  ? 8   ALA A CA  1 
ATOM   60   C C   . ALA A 1 27  ? 12.23105  -2.30377  -13.02519 1.000 35.75747  ? 8   ALA A C   1 
ATOM   61   O O   . ALA A 1 27  ? 11.45623  -3.26802  -13.02884 1.000 34.31849  ? 8   ALA A O   1 
ATOM   62   C CB  . ALA A 1 27  ? 13.74053  -1.86442  -11.07031 1.000 34.84168  ? 8   ALA A CB  1 
ATOM   63   N N   . GLU A 1 28  ? 11.88204  -1.10580  -13.49890 1.000 34.77720  ? 9   GLU A N   1 
ATOM   64   C CA  . GLU A 1 28  ? 10.54996  -0.87794  -14.04723 1.000 33.52916  ? 9   GLU A CA  1 
ATOM   65   C C   . GLU A 1 28  ? 10.30541  -1.70813  -15.30165 1.000 37.34420  ? 9   GLU A C   1 
ATOM   66   O O   . GLU A 1 28  ? 9.17157   -2.13768  -15.54662 1.000 43.01362  ? 9   GLU A O   1 
ATOM   67   C CB  . GLU A 1 28  ? 10.36340  0.61107   -14.33762 1.000 44.75154  ? 9   GLU A CB  1 
ATOM   68   C CG  . GLU A 1 28  ? 8.95440   1.01365   -14.73068 1.000 51.17306  ? 9   GLU A CG  1 
ATOM   69   C CD  . GLU A 1 28  ? 8.76454   2.51792   -14.71612 1.000 75.85054  ? 9   GLU A CD  1 
ATOM   70   O OE1 . GLU A 1 28  ? 9.69322   3.22628   -14.27105 1.000 78.27957  ? 9   GLU A OE1 1 
ATOM   71   O OE2 . GLU A 1 28  ? 7.69054   2.99095   -15.14591 1.000 80.26064  ? 9   GLU A OE2 1 
ATOM   72   N N   . THR A 1 29  ? 11.34736  -1.94271  -16.10411 1.000 44.84427  ? 10  THR A N   1 
ATOM   73   C CA  . THR A 1 29  ? 11.19878  -2.79559  -17.27958 1.000 31.97223  ? 10  THR A CA  1 
ATOM   74   C C   . THR A 1 29  ? 10.83846  -4.22016  -16.88170 1.000 32.93303  ? 10  THR A C   1 
ATOM   75   O O   . THR A 1 29  ? 10.00034  -4.85835  -17.52968 1.000 46.70997  ? 10  THR A O   1 
ATOM   76   C CB  . THR A 1 29  ? 12.48510  -2.78083  -18.10759 1.000 40.64005  ? 10  THR A CB  1 
ATOM   77   O OG1 . THR A 1 29  ? 12.79157  -1.43560  -18.49442 1.000 50.82547  ? 10  THR A OG1 1 
ATOM   78   C CG2 . THR A 1 29  ? 12.33203  -3.63774  -19.35742 1.000 32.35881  ? 10  THR A CG2 1 
ATOM   79   N N   . ALA A 1 30  ? 11.46026  -4.73280  -15.81610 1.000 39.51406  ? 11  ALA A N   1 
ATOM   80   C CA  . ALA A 1 30  ? 11.14260  -6.07604  -15.34489 1.000 32.72007  ? 11  ALA A CA  1 
ATOM   81   C C   . ALA A 1 30  ? 9.73597   -6.13721  -14.76731 1.000 35.47434  ? 11  ALA A C   1 
ATOM   82   O O   . ALA A 1 30  ? 9.01354   -7.11658  -14.98715 1.000 33.53675  ? 11  ALA A O   1 
ATOM   83   C CB  . ALA A 1 30  ? 12.16953  -6.52801  -14.30578 1.000 21.92341  ? 11  ALA A CB  1 
ATOM   84   N N   . LEU A 1 31  ? 9.32980   -5.10084  -14.02597 1.000 31.81728  ? 12  LEU A N   1 
ATOM   85   C CA  . LEU A 1 31  ? 7.98614   -5.08192  -13.45510 1.000 29.18242  ? 12  LEU A CA  1 
ATOM   86   C C   . LEU A 1 31  ? 6.92380   -5.11243  -14.54707 1.000 40.18460  ? 12  LEU A C   1 
ATOM   87   O O   . LEU A 1 31  ? 5.94105   -5.85632  -14.44428 1.000 38.64907  ? 12  LEU A O   1 
ATOM   88   C CB  . LEU A 1 31  ? 7.80753   -3.85430  -12.55982 1.000 16.66720  ? 12  LEU A CB  1 
ATOM   89   C CG  . LEU A 1 31  ? 8.70663   -3.78701  -11.32124 1.000 42.86659  ? 12  LEU A CG  1 
ATOM   90   C CD1 . LEU A 1 31  ? 8.33052   -2.61070  -10.42812 1.000 28.34703  ? 12  LEU A CD1 1 
ATOM   91   C CD2 . LEU A 1 31  ? 8.66000   -5.09502  -10.54440 1.000 24.18502  ? 12  LEU A CD2 1 
ATOM   92   N N   . LYS A 1 32  ? 7.10801   -4.32414  -15.60796 1.000 27.57833  ? 13  LYS A N   1 
ATOM   93   C CA  . LYS A 1 32  ? 6.15948   -4.36438  -16.71568 1.000 26.85015  ? 13  LYS A CA  1 
ATOM   94   C C   . LYS A 1 32  ? 6.25015   -5.68438  -17.47364 1.000 37.06320  ? 13  LYS A C   1 
ATOM   95   O O   . LYS A 1 32  ? 5.22592   -6.22985  -17.90205 1.000 28.95191  ? 13  LYS A O   1 
ATOM   96   C CB  . LYS A 1 32  ? 6.39204   -3.18009  -17.65357 1.000 33.82760  ? 13  LYS A CB  1 
ATOM   97   C CG  . LYS A 1 32  ? 5.88914   -1.84668  -17.10718 1.000 56.48019  ? 13  LYS A CG  1 
ATOM   98   C CD  . LYS A 1 32  ? 4.42903   -1.94346  -16.67598 1.000 65.66508  ? 13  LYS A CD  1 
ATOM   99   C CE  . LYS A 1 32  ? 3.79723   -0.56905  -16.49170 1.000 66.99371  ? 13  LYS A CE  1 
ATOM   100  N NZ  . LYS A 1 32  ? 3.57657   0.12324   -17.79416 1.000 78.49099  ? 13  LYS A NZ  1 
ATOM   101  N N   . ALA A 1 33  ? 7.46342   -6.22153  -17.63800 1.000 33.26195  ? 14  ALA A N   1 
ATOM   102  C CA  . ALA A 1 33  ? 7.61420   -7.49789  -18.33216 1.000 26.13819  ? 14  ALA A CA  1 
ATOM   103  C C   . ALA A 1 33  ? 6.88544   -8.61689  -17.59959 1.000 28.96795  ? 14  ALA A C   1 
ATOM   104  O O   . ALA A 1 33  ? 6.24938   -9.46774  -18.23264 1.000 32.55708  ? 14  ALA A O   1 
ATOM   105  C CB  . ALA A 1 33  ? 9.09413   -7.84312  -18.49647 1.000 20.77587  ? 14  ALA A CB  1 
ATOM   106  N N   . LEU A 1 34  ? 6.96701   -8.63484  -16.26602 1.000 37.95132  ? 15  LEU A N   1 
ATOM   107  C CA  . LEU A 1 34  ? 6.25649   -9.65117  -15.49412 1.000 33.15814  ? 15  LEU A CA  1 
ATOM   108  C C   . LEU A 1 34  ? 4.75042   -9.44334  -15.56175 1.000 38.69210  ? 15  LEU A C   1 
ATOM   109  O O   . LEU A 1 34  ? 3.98626   -10.41334 -15.63629 1.000 48.52688  ? 15  LEU A O   1 
ATOM   110  C CB  . LEU A 1 34  ? 6.72899   -9.63381  -14.04264 1.000 36.74927  ? 15  LEU A CB  1 
ATOM   111  C CG  . LEU A 1 34  ? 8.17457   -10.07019 -13.82686 1.000 45.33664  ? 15  LEU A CG  1 
ATOM   112  C CD1 . LEU A 1 34  ? 8.57459   -9.86773  -12.37859 1.000 35.98444  ? 15  LEU A CD1 1 
ATOM   113  C CD2 . LEU A 1 34  ? 8.34328   -11.52246 -14.23961 1.000 37.00489  ? 15  LEU A CD2 1 
ATOM   114  N N   . LEU A 1 35  ? 4.30922   -8.18356  -15.53261 1.000 33.93033  ? 16  LEU A N   1 
ATOM   115  C CA  . LEU A 1 35  ? 2.88494   -7.88614  -15.62777 1.000 35.27139  ? 16  LEU A CA  1 
ATOM   116  C C   . LEU A 1 35  ? 2.28543   -8.45623  -16.90702 1.000 36.30322  ? 16  LEU A C   1 
ATOM   117  O O   . LEU A 1 35  ? 1.19242   -9.03412  -16.88325 1.000 44.74145  ? 16  LEU A O   1 
ATOM   118  C CB  . LEU A 1 35  ? 2.67096   -6.37481  -15.55340 1.000 34.78835  ? 16  LEU A CB  1 
ATOM   119  C CG  . LEU A 1 35  ? 1.23626   -5.85350  -15.58146 1.000 46.85378  ? 16  LEU A CG  1 
ATOM   120  C CD1 . LEU A 1 35  ? 0.42416   -6.45848  -14.44859 1.000 36.06953  ? 16  LEU A CD1 1 
ATOM   121  C CD2 . LEU A 1 35  ? 1.24349   -4.33861  -15.49021 1.000 26.96390  ? 16  LEU A CD2 1 
ATOM   122  N N   . GLU A 1 36  ? 2.99396   -8.31413  -18.03199 1.000 47.42496  ? 17  GLU A N   1 
ATOM   123  C CA  . GLU A 1 36  ? 2.49405   -8.84066  -19.29847 1.000 38.49356  ? 17  GLU A CA  1 
ATOM   124  C C   . GLU A 1 36  ? 2.31387   -10.35079 -19.23414 1.000 44.02007  ? 17  GLU A C   1 
ATOM   125  O O   . GLU A 1 36  ? 1.29917   -10.88288 -19.69881 1.000 56.05517  ? 17  GLU A O   1 
ATOM   126  C CB  . GLU A 1 36  ? 3.44363   -8.46471  -20.43613 1.000 41.53129  ? 17  GLU A CB  1 
ATOM   127  C CG  . GLU A 1 36  ? 3.68454   -6.97288  -20.58549 1.000 52.00014  ? 17  GLU A CG  1 
ATOM   128  C CD  . GLU A 1 36  ? 4.80549   -6.66293  -21.55863 1.000 61.97488  ? 17  GLU A CD  1 
ATOM   129  O OE1 . GLU A 1 36  ? 4.77828   -5.57906  -22.17949 1.000 57.80765  ? 17  GLU A OE1 1 
ATOM   130  O OE2 . GLU A 1 36  ? 5.71402   -7.50774  -21.70437 1.000 71.94358  ? 17  GLU A OE2 1 
ATOM   131  N N   . GLU A 1 37  ? 3.28697   -11.06011 -18.65826 1.000 43.43930  ? 18  GLU A N   1 
ATOM   132  C CA  . GLU A 1 37  ? 3.17043   -12.50801 -18.53747 1.000 42.77503  ? 18  GLU A CA  1 
ATOM   133  C C   . GLU A 1 37  ? 2.13468   -12.91718 -17.50180 1.000 35.21541  ? 18  GLU A C   1 
ATOM   134  O O   . GLU A 1 37  ? 1.66550   -14.05987 -17.53193 1.000 47.65602  ? 18  GLU A O   1 
ATOM   135  C CB  . GLU A 1 37  ? 4.53010   -13.11739 -18.19904 1.000 40.96741  ? 18  GLU A CB  1 
ATOM   136  C CG  . GLU A 1 37  ? 5.52772   -13.02247 -19.34202 1.000 53.16896  ? 18  GLU A CG  1 
ATOM   137  C CD  . GLU A 1 37  ? 6.96389   -13.02053 -18.86594 1.000 66.81191  ? 18  GLU A CD  1 
ATOM   138  O OE1 . GLU A 1 37  ? 7.18964   -13.26089 -17.66058 1.000 56.10307  ? 18  GLU A OE1 1 
ATOM   139  O OE2 . GLU A 1 37  ? 7.86455   -12.77134 -19.69594 1.000 70.15379  ? 18  GLU A OE2 1 
ATOM   140  N N   . ALA A 1 38  ? 1.76965   -12.01676 -16.58740 1.000 43.37187  ? 19  ALA A N   1 
ATOM   141  C CA  . ALA A 1 38  ? 0.66653   -12.30356 -15.67830 1.000 50.24571  ? 19  ALA A CA  1 
ATOM   142  C C   . ALA A 1 38  ? -0.67251  -12.22171 -16.39939 1.000 57.15151  ? 19  ALA A C   1 
ATOM   143  O O   . ALA A 1 38  ? -1.57359  -13.02685 -16.13868 1.000 55.08854  ? 19  ALA A O   1 
ATOM   144  C CB  . ALA A 1 38  ? 0.69619   -11.34325 -14.48864 1.000 37.45077  ? 19  ALA A CB  1 
ATOM   145  N N   . GLU A 1 39  ? -0.81233  -11.26323 -17.31686 1.000 45.80125  ? 20  GLU A N   1 
ATOM   146  C CA  . GLU A 1 39  ? -2.05124  -11.12835 -18.07526 1.000 54.49105  ? 20  GLU A CA  1 
ATOM   147  C C   . GLU A 1 39  ? -2.19989  -12.25337 -19.09342 1.000 65.13755  ? 20  GLU A C   1 
ATOM   148  O O   . GLU A 1 39  ? -3.27760  -12.84441 -19.22733 1.000 58.72867  ? 20  GLU A O   1 
ATOM   149  C CB  . GLU A 1 39  ? -2.08687  -9.76549  -18.76554 1.000 51.32736  ? 20  GLU A CB  1 
ATOM   150  C CG  . GLU A 1 39  ? -1.90115  -8.59652  -17.81394 1.000 51.70754  ? 20  GLU A CG  1 
ATOM   151  C CD  . GLU A 1 39  ? -1.69680  -7.27785  -18.53400 1.000 58.76866  ? 20  GLU A CD  1 
ATOM   152  O OE1 . GLU A 1 39  ? -1.32664  -7.29695  -19.72741 1.000 65.47865  ? 20  GLU A OE1 1 
ATOM   153  O OE2 . GLU A 1 39  ? -1.90679  -6.22040  -17.90331 1.000 64.08949  ? 20  GLU A OE2 1 
ATOM   154  N N   . LYS A 1 40  ? -1.12563  -12.55821 -19.82594 1.000 72.11991  ? 21  LYS A N   1 
ATOM   155  C CA  . LYS A 1 40  ? -1.17637  -13.62468 -20.82223 1.000 66.15311  ? 21  LYS A CA  1 
ATOM   156  C C   . LYS A 1 40  ? -1.51589  -14.96365 -20.17854 1.000 66.43995  ? 21  LYS A C   1 
ATOM   157  O O   . LYS A 1 40  ? -2.40912  -15.68222 -20.64266 1.000 79.71664  ? 21  LYS A O   1 
ATOM   158  C CB  . LYS A 1 40  ? 0.15817   -13.70673 -21.56380 1.000 77.02155  ? 21  LYS A CB  1 
ATOM   159  C CG  . LYS A 1 40  ? 0.32671   -14.96156 -22.40624 1.000 86.79616  ? 21  LYS A CG  1 
ATOM   160  C CD  . LYS A 1 40  ? 1.78084   -15.16547 -22.80083 1.000 68.37400  ? 21  LYS A CD  1 
ATOM   161  C CE  . LYS A 1 40  ? 2.67316   -15.21574 -21.56965 1.000 82.60395  ? 21  LYS A CE  1 
ATOM   162  N NZ  . LYS A 1 40  ? 2.21971   -16.25247 -20.59741 1.000 80.39215  ? 21  LYS A NZ  1 
ATOM   163  N N   . GLY A 1 41  ? -0.81317  -15.31510 -19.10786 1.000 58.62346  ? 22  GLY A N   1 
ATOM   164  C CA  . GLY A 1 41  ? -1.09004  -16.55268 -18.41385 1.000 78.11037  ? 22  GLY A CA  1 
ATOM   165  C C   . GLY A 1 41  ? -2.39933  -16.50214 -17.64921 1.000 72.22400  ? 22  GLY A C   1 
ATOM   166  O O   . GLY A 1 41  ? -3.00577  -15.45006 -17.44053 1.000 50.95321  ? 22  GLY A O   1 
ATOM   167  N N   . GLY A 1 42  ? -2.84564  -17.68131 -17.22844 1.000 82.32824  ? 23  GLY A N   1 
ATOM   168  C CA  . GLY A 1 42  ? -4.04647  -17.77797 -16.42777 1.000 76.50330  ? 23  GLY A CA  1 
ATOM   169  C C   . GLY A 1 42  ? -3.81976  -17.30482 -15.00532 1.000 73.01927  ? 23  GLY A C   1 
ATOM   170  O O   . GLY A 1 42  ? -2.70866  -16.97505 -14.58751 1.000 77.29953  ? 23  GLY A O   1 
ATOM   171  N N   . LYS A 1 43  ? -4.91249  -17.27434 -14.23972 1.000 76.72639  ? 24  LYS A N   1 
ATOM   172  C CA  . LYS A 1 43  ? -4.83096  -16.84566 -12.84852 1.000 72.89799  ? 24  LYS A CA  1 
ATOM   173  C C   . LYS A 1 43  ? -4.04406  -17.81742 -11.97776 1.000 69.90354  ? 24  LYS A C   1 
ATOM   174  O O   . LYS A 1 43  ? -3.69941  -17.46638 -10.84352 1.000 80.56579  ? 24  LYS A O   1 
ATOM   175  C CB  . LYS A 1 43  ? -6.23439  -16.65065 -12.26837 1.000 65.49659  ? 24  LYS A CB  1 
ATOM   176  C CG  . LYS A 1 43  ? -6.93833  -15.37303 -12.71540 1.000 64.40378  ? 24  LYS A CG  1 
ATOM   177  C CD  . LYS A 1 43  ? -7.72343  -15.56948 -14.00399 1.000 71.11295  ? 24  LYS A CD  1 
ATOM   178  C CE  . LYS A 1 43  ? -8.53563  -14.32709 -14.34143 1.000 75.97398  ? 24  LYS A CE  1 
ATOM   179  N NZ  . LYS A 1 43  ? -9.39890  -14.51716 -15.54132 1.000 71.86522  ? 24  LYS A NZ  1 
ATOM   180  N N   . GLU A 1 44  ? -3.75539  -19.02254 -12.47570 1.000 80.97745  ? 25  GLU A N   1 
ATOM   181  C CA  . GLU A 1 44  ? -2.94700  -19.96907 -11.71280 1.000 84.62191  ? 25  GLU A CA  1 
ATOM   182  C C   . GLU A 1 44  ? -1.50907  -19.48211 -11.57428 1.000 74.04482  ? 25  GLU A C   1 
ATOM   183  O O   . GLU A 1 44  ? -0.90571  -19.59827 -10.50038 1.000 62.74616  ? 25  GLU A O   1 
ATOM   184  C CB  . GLU A 1 44  ? -2.98742  -21.34717 -12.37761 1.000 85.77908  ? 25  GLU A CB  1 
ATOM   185  C CG  . GLU A 1 44  ? -2.69628  -21.33034 -13.87590 1.000 71.15629  ? 25  GLU A CG  1 
ATOM   186  C CD  . GLU A 1 44  ? -2.42701  -22.71434 -14.43314 1.000 93.11973  ? 25  GLU A CD  1 
ATOM   187  O OE1 . GLU A 1 44  ? -2.46694  -23.68620 -13.64882 1.000 106.10461 ? 25  GLU A OE1 1 
ATOM   188  O OE2 . GLU A 1 44  ? -2.17171  -22.82840 -15.65249 1.000 67.42192  ? 25  GLU A OE2 1 
ATOM   189  N N   . ASP A 1 45  ? -0.94555  -18.93558 -12.64833 1.000 85.53809  ? 26  ASP A N   1 
ATOM   190  C CA  . ASP A 1 45  ? 0.41376   -18.41830 -12.63684 1.000 83.36332  ? 26  ASP A CA  1 
ATOM   191  C C   . ASP A 1 45  ? 0.48567   -16.95090 -12.23586 1.000 77.05538  ? 26  ASP A C   1 
ATOM   192  O O   . ASP A 1 45  ? 1.58589   -16.44550 -11.98840 1.000 66.39265  ? 26  ASP A O   1 
ATOM   193  C CB  . ASP A 1 45  ? 1.05663   -18.60757 -14.01710 1.000 85.75594  ? 26  ASP A CB  1 
ATOM   194  C CG  . ASP A 1 45  ? 1.11020   -20.06672 -14.44298 1.000 83.29498  ? 26  ASP A CG  1 
ATOM   195  O OD1 . ASP A 1 45  ? 1.36891   -20.93196 -13.57908 1.000 90.59738  ? 26  ASP A OD1 1 
ATOM   196  O OD2 . ASP A 1 45  ? 0.89406   -20.34877 -15.64160 1.000 73.23821  ? 26  ASP A OD2 1 
ATOM   197  N N   . ALA A 1 46  ? -0.65485  -16.26038 -12.15944 1.000 78.88685  ? 27  ALA A N   1 
ATOM   198  C CA  . ALA A 1 46  ? -0.65300  -14.84481 -11.81260 1.000 58.72265  ? 27  ALA A CA  1 
ATOM   199  C C   . ALA A 1 46  ? -0.21969  -14.59530 -10.37485 1.000 58.49817  ? 27  ALA A C   1 
ATOM   200  O O   . ALA A 1 46  ? 0.22182   -13.48573 -10.05976 1.000 52.26780  ? 27  ALA A O   1 
ATOM   201  C CB  . ALA A 1 46  ? -2.03834  -14.24213 -12.04669 1.000 69.33488  ? 27  ALA A CB  1 
ATOM   202  N N   . LEU A 1 47  ? -0.33544  -15.59062 -9.49531  1.000 67.07185  ? 28  LEU A N   1 
ATOM   203  C CA  . LEU A 1 47  ? 0.09852   -15.38877 -8.11828  1.000 54.82656  ? 28  LEU A CA  1 
ATOM   204  C C   . LEU A 1 47  ? 1.60582   -15.55920 -7.97419  1.000 46.51500  ? 28  LEU A C   1 
ATOM   205  O O   . LEU A 1 47  ? 2.24492   -14.81626 -7.22049  1.000 52.27737  ? 28  LEU A O   1 
ATOM   206  C CB  . LEU A 1 47  ? -0.63350  -16.34715 -7.18432  1.000 61.37779  ? 28  LEU A CB  1 
ATOM   207  C CG  . LEU A 1 47  ? -0.33653  -16.08954 -5.70891  1.000 55.02974  ? 28  LEU A CG  1 
ATOM   208  C CD1 . LEU A 1 47  ? -0.90827  -14.74596 -5.27203  1.000 63.29760  ? 28  LEU A CD1 1 
ATOM   209  C CD2 . LEU A 1 47  ? -0.88223  -17.21801 -4.86825  1.000 59.68385  ? 28  LEU A CD2 1 
ATOM   210  N N   . GLU A 1 48  ? 2.18912   -16.53408 -8.67844  1.000 47.59630  ? 29  GLU A N   1 
ATOM   211  C CA  . GLU A 1 48  ? 3.64191   -16.67463 -8.67258  1.000 60.75772  ? 29  GLU A CA  1 
ATOM   212  C C   . GLU A 1 48  ? 4.31149   -15.45589 -9.29549  1.000 55.24818  ? 29  GLU A C   1 
ATOM   213  O O   . GLU A 1 48  ? 5.38564   -15.03387 -8.85189  1.000 44.84639  ? 29  GLU A O   1 
ATOM   214  C CB  . GLU A 1 48  ? 4.05719   -17.95029 -9.40869  1.000 68.25372  ? 29  GLU A CB  1 
ATOM   215  C CG  . GLU A 1 48  ? 3.71921   -19.24206 -8.67808  1.000 55.07505  ? 29  GLU A CG  1 
ATOM   216  C CD  . GLU A 1 48  ? 4.28200   -20.47413 -9.37001  0.100 69.61922  ? 29  GLU A CD  1 
ATOM   217  O OE1 . GLU A 1 48  ? 5.29977   -20.35046 -10.08404 1.000 96.40776  ? 29  GLU A OE1 1 
ATOM   218  O OE2 . GLU A 1 48  ? 3.70245   -21.56832 -9.20551  0.860 67.83483  ? 29  GLU A OE2 1 
ATOM   219  N N   . ILE A 1 49  ? 3.68859   -14.87158 -10.32141 1.000 50.11969  ? 30  ILE A N   1 
ATOM   220  C CA  . ILE A 1 49  ? 4.25772   -13.68347 -10.94871 1.000 47.23375  ? 30  ILE A CA  1 
ATOM   221  C C   . ILE A 1 49  ? 4.08329   -12.46910 -10.04499 1.000 44.12552  ? 30  ILE A C   1 
ATOM   222  O O   . ILE A 1 49  ? 4.95509   -11.59301 -9.98446  1.000 35.03619  ? 30  ILE A O   1 
ATOM   223  C CB  . ILE A 1 49  ? 3.63028   -13.46181 -12.33685 1.000 44.66077  ? 30  ILE A CB  1 
ATOM   224  C CG1 . ILE A 1 49  ? 3.89494   -14.67257 -13.23400 1.000 50.91294  ? 30  ILE A CG1 1 
ATOM   225  C CG2 . ILE A 1 49  ? 4.18614   -12.20382 -12.97773 1.000 46.64490  ? 30  ILE A CG2 1 
ATOM   226  C CD1 . ILE A 1 49  ? 3.29285   -14.56031 -14.61623 1.000 47.96325  ? 30  ILE A CD1 1 
ATOM   227  N N   . ALA A 1 50  ? 2.96113   -12.39981 -9.32190  1.000 40.67052  ? 31  ALA A N   1 
ATOM   228  C CA  . ALA A 1 50  ? 2.75443   -11.29813 -8.38707  1.000 33.58320  ? 31  ALA A CA  1 
ATOM   229  C C   . ALA A 1 50  ? 3.76842   -11.34704 -7.25392  1.000 37.63205  ? 31  ALA A C   1 
ATOM   230  O O   . ALA A 1 50  ? 4.29044   -10.30889 -6.83176  1.000 40.97803  ? 31  ALA A O   1 
ATOM   231  C CB  . ALA A 1 50  ? 1.33023   -11.32663 -7.82998  1.000 27.18716  ? 31  ALA A CB  1 
ATOM   232  N N   . GLU A 1 51  ? 4.06928   -12.54531 -6.75126  1.000 39.37491  ? 32  GLU A N   1 
ATOM   233  C CA  . GLU A 1 51  ? 5.07065   -12.65334 -5.69603  1.000 28.17647  ? 32  GLU A CA  1 
ATOM   234  C C   . GLU A 1 51  ? 6.46610   -12.37290 -6.23513  1.000 39.48503  ? 32  GLU A C   1 
ATOM   235  O O   . GLU A 1 51  ? 7.31218   -11.81101 -5.52912  1.000 39.68081  ? 32  GLU A O   1 
ATOM   236  C CB  . GLU A 1 51  ? 5.02069   -14.03733 -5.05508  1.000 38.95422  ? 32  GLU A CB  1 
ATOM   237  C CG  . GLU A 1 51  ? 5.65781   -14.09065 -3.68233  1.000 68.56703  ? 32  GLU A CG  1 
ATOM   238  C CD  . GLU A 1 51  ? 4.78069   -13.45434 -2.62536  1.000 66.73777  ? 32  GLU A CD  1 
ATOM   239  O OE1 . GLU A 1 51  ? 3.68178   -13.98774 -2.36526  1.000 56.05877  ? 32  GLU A OE1 1 
ATOM   240  O OE2 . GLU A 1 51  ? 5.18313   -12.41196 -2.06638  1.000 61.52122  ? 32  GLU A OE2 1 
ATOM   241  N N   . LYS A 1 52  ? 6.72518   -12.76068 -7.48505  1.000 51.00462  ? 33  LYS A N   1 
ATOM   242  C CA  . LYS A 1 52  ? 8.02686   -12.49734 -8.08833  1.000 42.30226  ? 33  LYS A CA  1 
ATOM   243  C C   . LYS A 1 52  ? 8.17539   -11.02889 -8.46605  1.000 43.49815  ? 33  LYS A C   1 
ATOM   244  O O   . LYS A 1 52  ? 9.29532   -10.50546 -8.49993  1.000 44.36739  ? 33  LYS A O   1 
ATOM   245  C CB  . LYS A 1 52  ? 8.22058   -13.39804 -9.31114  1.000 57.06100  ? 33  LYS A CB  1 
ATOM   246  C CG  . LYS A 1 52  ? 9.67025   -13.70551 -9.65811  1.000 71.04103  ? 33  LYS A CG  1 
ATOM   247  C CD  . LYS A 1 52  ? 9.78447   -14.94725 -10.54579 1.000 61.63103  ? 33  LYS A CD  1 
ATOM   248  C CE  . LYS A 1 52  ? 9.30593   -16.20416 -9.82257  1.000 74.82357  ? 33  LYS A CE  1 
ATOM   249  N NZ  . LYS A 1 52  ? 9.45328   -17.43210 -10.65853 1.000 78.37161  ? 33  LYS A NZ  1 
ATOM   250  N N   . LEU A 1 53  ? 7.05898   -10.35207 -8.74257  1.000 45.34935  ? 34  LEU A N   1 
ATOM   251  C CA  . LEU A 1 53  ? 7.09752   -8.92816  -9.06002  1.000 36.41801  ? 34  LEU A CA  1 
ATOM   252  C C   . LEU A 1 53  ? 7.38872   -8.09325  -7.81656  1.000 45.14064  ? 34  LEU A C   1 
ATOM   253  O O   . LEU A 1 53  ? 8.10953   -7.08976  -7.88637  1.000 36.86607  ? 34  LEU A O   1 
ATOM   254  C CB  . LEU A 1 53  ? 5.76976   -8.52065  -9.70395  1.000 30.85996  ? 34  LEU A CB  1 
ATOM   255  C CG  . LEU A 1 53  ? 5.53718   -7.12584  -10.28170 1.000 33.83411  ? 34  LEU A CG  1 
ATOM   256  C CD1 . LEU A 1 53  ? 4.51144   -7.21355  -11.39620 1.000 25.44229  ? 34  LEU A CD1 1 
ATOM   257  C CD2 . LEU A 1 53  ? 5.05892   -6.16163  -9.21022  1.000 37.33840  ? 34  LEU A CD2 1 
ATOM   258  N N   . ALA A 1 54  ? 6.84406   -8.49423  -6.66723  1.000 48.41640  ? 35  ALA A N   1 
ATOM   259  C CA  . ALA A 1 54  ? 7.08150   -7.74103  -5.44179  1.000 45.79805  ? 35  ALA A CA  1 
ATOM   260  C C   . ALA A 1 54  ? 8.48024   -7.98719  -4.89225  1.000 39.26519  ? 35  ALA A C   1 
ATOM   261  O O   . ALA A 1 54  ? 9.12005   -7.05917  -4.38516  1.000 42.97449  ? 35  ALA A O   1 
ATOM   262  C CB  . ALA A 1 54  ? 6.02977   -8.09474  -4.39358  1.000 27.21134  ? 35  ALA A CB  1 
ATOM   263  N N   . GLU A 1 55  ? 8.96762   -9.22836  -4.97250  1.000 34.18313  ? 36  GLU A N   1 
ATOM   264  C CA  . GLU A 1 55  ? 10.32492  -9.50869  -4.51719  1.000 35.93532  ? 36  GLU A CA  1 
ATOM   265  C C   . GLU A 1 55  ? 11.36021  -8.78063  -5.36467  1.000 34.41694  ? 36  GLU A C   1 
ATOM   266  O O   . GLU A 1 55  ? 12.39498  -8.35096  -4.84346  1.000 41.97794  ? 36  GLU A O   1 
ATOM   267  C CB  . GLU A 1 55  ? 10.58821  -11.01459 -4.52901  1.000 34.72275  ? 36  GLU A CB  1 
ATOM   268  C CG  . GLU A 1 55  ? 11.92595  -11.42195 -3.91476  1.000 66.33980  ? 36  GLU A CG  1 
ATOM   269  C CD  . GLU A 1 55  ? 13.01010  -11.64363 -4.95432  0.100 57.62236  ? 36  GLU A CD  1 
ATOM   270  O OE1 . GLU A 1 55  ? 12.70100  -12.20248 -6.02800  1.000 66.29930  ? 36  GLU A OE1 1 
ATOM   271  O OE2 . GLU A 1 55  ? 14.17096  -11.25781 -4.69806  1.000 66.13377  ? 36  GLU A OE2 1 
ATOM   272  N N   . LEU A 1 56  ? 11.10538  -8.62786  -6.66403  1.000 36.22855  ? 37  LEU A N   1 
ATOM   273  C CA  . LEU A 1 56  ? 12.02339  -7.85913  -7.49591  1.000 36.96119  ? 37  LEU A CA  1 
ATOM   274  C C   . LEU A 1 56  ? 11.97677  -6.38225  -7.13000  1.000 37.24723  ? 37  LEU A C   1 
ATOM   275  O O   . LEU A 1 56  ? 13.01575  -5.71325  -7.07647  1.000 54.21964  ? 37  LEU A O   1 
ATOM   276  C CB  . LEU A 1 56  ? 11.68933  -8.06636  -8.97472  1.000 45.55747  ? 37  LEU A CB  1 
ATOM   277  C CG  . LEU A 1 56  ? 12.72118  -7.62386  -10.01922 1.000 57.53781  ? 37  LEU A CG  1 
ATOM   278  C CD1 . LEU A 1 56  ? 12.60042  -6.14183  -10.36353 1.000 46.04701  ? 37  LEU A CD1 1 
ATOM   279  C CD2 . LEU A 1 56  ? 14.13298  -7.95431  -9.55388  1.000 64.03597  ? 37  LEU A CD2 1 
ATOM   280  N N   . ALA A 1 57  ? 10.77945  -5.85549  -6.87846  1.000 30.79330  ? 38  ALA A N   1 
ATOM   281  C CA  . ALA A 1 57  ? 10.66373  -4.45308  -6.49974  1.000 32.77059  ? 38  ALA A CA  1 
ATOM   282  C C   . ALA A 1 57  ? 11.28186  -4.19804  -5.13391  1.000 32.09309  ? 38  ALA A C   1 
ATOM   283  O O   . ALA A 1 57  ? 11.97077  -3.19065  -4.93629  1.000 27.20773  ? 38  ALA A O   1 
ATOM   284  C CB  . ALA A 1 57  ? 9.20007   -4.02562  -6.50798  1.000 44.42005  ? 38  ALA A CB  1 
ATOM   285  N N   . LYS A 1 58  ? 11.04871  -5.09639  -4.17707  1.000 31.12184  ? 39  LYS A N   1 
ATOM   286  C CA  . LYS A 1 58  ? 11.63858  -4.91072  -2.85662  1.000 24.03577  ? 39  LYS A CA  1 
ATOM   287  C C   . LYS A 1 58  ? 13.15858  -4.94697  -2.91979  1.000 29.04536  ? 39  LYS A C   1 
ATOM   288  O O   . LYS A 1 58  ? 13.82588  -4.10932  -2.30348  1.000 37.18782  ? 39  LYS A O   1 
ATOM   289  C CB  . LYS A 1 58  ? 11.10605  -5.96014  -1.88505  1.000 28.25173  ? 39  LYS A CB  1 
ATOM   290  C CG  . LYS A 1 58  ? 9.92377   -5.45870  -1.07593  1.000 52.97946  ? 39  LYS A CG  1 
ATOM   291  C CD  . LYS A 1 58  ? 9.29352   -6.53239  -0.22184  1.000 49.82304  ? 39  LYS A CD  1 
ATOM   292  C CE  . LYS A 1 58  ? 8.34253   -7.38435  -1.03151  1.000 49.68651  ? 39  LYS A CE  1 
ATOM   293  N NZ  . LYS A 1 58  ? 7.53459   -8.24160  -0.13251  1.000 65.18360  ? 39  LYS A NZ  1 
ATOM   294  N N   . GLU A 1 59  ? 13.72428  -5.88371  -3.68593  1.000 34.19974  ? 40  GLU A N   1 
ATOM   295  C CA  . GLU A 1 59  ? 15.17693  -5.95461  -3.80037  1.000 32.90433  ? 40  GLU A CA  1 
ATOM   296  C C   . GLU A 1 59  ? 15.73577  -4.72127  -4.49208  1.000 35.47127  ? 40  GLU A C   1 
ATOM   297  O O   . GLU A 1 59  ? 16.86015  -4.30053  -4.19898  1.000 49.36122  ? 40  GLU A O   1 
ATOM   298  C CB  . GLU A 1 59  ? 15.59253  -7.22040  -4.55319  1.000 46.95168  ? 40  GLU A CB  1 
ATOM   299  C CG  . GLU A 1 59  ? 16.95162  -7.78555  -4.12483  1.000 62.58045  ? 40  GLU A CG  1 
ATOM   300  C CD  . GLU A 1 59  ? 16.84010  -8.85528  -3.04431  1.000 88.24651  ? 40  GLU A CD  1 
ATOM   301  O OE1 . GLU A 1 59  ? 17.78514  -8.99921  -2.23790  1.000 65.20870  ? 40  GLU A OE1 1 
ATOM   302  O OE2 . GLU A 1 59  ? 15.80657  -9.55489  -3.00219  1.000 68.84955  ? 40  GLU A OE2 1 
ATOM   303  N N   . ALA A 1 60  ? 14.96492  -4.12514  -5.40386  1.000 41.68104  ? 41  ALA A N   1 
ATOM   304  C CA  . ALA A 1 60  ? 15.41694  -2.91565  -6.08095  1.000 35.89967  ? 41  ALA A CA  1 
ATOM   305  C C   . ALA A 1 60  ? 15.34365  -1.70140  -5.16530  1.000 47.05739  ? 41  ALA A C   1 
ATOM   306  O O   . ALA A 1 60  ? 16.13333  -0.76025  -5.31669  1.000 56.48932  ? 41  ALA A O   1 
ATOM   307  C CB  . ALA A 1 60  ? 14.58614  -2.68442  -7.34122  1.000 24.20749  ? 41  ALA A CB  1 
ATOM   308  N N   . LEU A 1 61  ? 14.39835  -1.69882  -4.22210  1.000 46.36368  ? 42  LEU A N   1 
ATOM   309  C CA  . LEU A 1 61  ? 14.32783  -0.61250  -3.25207  1.000 32.90127  ? 42  LEU A CA  1 
ATOM   310  C C   . LEU A 1 61  ? 15.55202  -0.60763  -2.34687  1.000 38.57356  ? 42  LEU A C   1 
ATOM   311  O O   . LEU A 1 61  ? 16.04473  0.46101   -1.96854  1.000 46.16061  ? 42  LEU A O   1 
ATOM   312  C CB  . LEU A 1 61  ? 13.04743  -0.72228  -2.42059  1.000 29.25425  ? 42  LEU A CB  1 
ATOM   313  C CG  . LEU A 1 61  ? 11.71105  -0.41568  -3.10374  1.000 34.11098  ? 42  LEU A CG  1 
ATOM   314  C CD1 . LEU A 1 61  ? 10.54275  -0.61961  -2.14432  1.000 22.47106  ? 42  LEU A CD1 1 
ATOM   315  C CD2 . LEU A 1 61  ? 11.70565  0.99831   -3.66041  1.000 26.63534  ? 42  LEU A CD2 1 
ATOM   316  N N   . GLU A 1 62  ? 16.06034  -1.79180  -1.99209  1.000 48.18263  ? 43  GLU A N   1 
ATOM   317  C CA  . GLU A 1 62  ? 17.23882  -1.85725  -1.13312  1.000 51.60187  ? 43  GLU A CA  1 
ATOM   318  C C   . GLU A 1 62  ? 18.48109  -1.37015  -1.86770  1.000 51.11750  ? 43  GLU A C   1 
ATOM   319  O O   . GLU A 1 62  ? 19.35619  -0.73746  -1.26580  1.000 61.60498  ? 43  GLU A O   1 
ATOM   320  C CB  . GLU A 1 62  ? 17.44737  -3.28310  -0.61911  1.000 53.97599  ? 43  GLU A CB  1 
ATOM   321  C CG  . GLU A 1 62  ? 16.18636  -3.97018  -0.11253  1.000 72.56987  ? 43  GLU A CG  1 
ATOM   322  C CD  . GLU A 1 62  ? 15.43219  -3.15091  0.91753   1.000 69.41453  ? 43  GLU A CD  1 
ATOM   323  O OE1 . GLU A 1 62  ? 16.04882  -2.71913  1.91799   1.000 73.36569  ? 43  GLU A OE1 1 
ATOM   324  O OE2 . GLU A 1 62  ? 14.21693  -2.93913  0.71761   1.000 49.82114  ? 43  GLU A OE2 1 
ATOM   325  N N   . VAL A 1 63  ? 18.57841  -1.65812  -3.16788  1.000 55.23344  ? 44  VAL A N   1 
ATOM   326  C CA  . VAL A 1 63  ? 19.70253  -1.15744  -3.95440  1.000 43.97499  ? 44  VAL A CA  1 
ATOM   327  C C   . VAL A 1 63  ? 19.65273  0.36197   -4.03626  1.000 46.51384  ? 44  VAL A C   1 
ATOM   328  O O   . VAL A 1 63  ? 20.68170  1.03949   -3.92770  1.000 52.54270  ? 44  VAL A O   1 
ATOM   329  C CB  . VAL A 1 63  ? 19.71087  -1.80362  -5.35312  1.000 56.74848  ? 44  VAL A CB  1 
ATOM   330  C CG1 . VAL A 1 63  ? 20.78436  -1.17429  -6.22957  1.000 53.49797  ? 44  VAL A CG1 1 
ATOM   331  C CG2 . VAL A 1 63  ? 19.92647  -3.30400  -5.24275  1.000 45.70570  ? 44  VAL A CG2 1 
ATOM   332  N N   . LEU A 1 64  ? 18.45540  0.92230   -4.22307  1.000 41.83532  ? 45  LEU A N   1 
ATOM   333  C CA  . LEU A 1 64  ? 18.31410  2.37347   -4.21602  1.000 45.88281  ? 45  LEU A CA  1 
ATOM   334  C C   . LEU A 1 64  ? 18.50940  2.94649   -2.81943  1.000 48.70611  ? 45  LEU A C   1 
ATOM   335  O O   . LEU A 1 64  ? 18.87177  4.12012   -2.67702  1.000 50.57692  ? 45  LEU A O   1 
ATOM   336  C CB  . LEU A 1 64  ? 16.94481  2.77238   -4.76026  1.000 38.98627  ? 45  LEU A CB  1 
ATOM   337  C CG  . LEU A 1 64  ? 16.63547  2.42009   -6.21148  1.000 40.33275  ? 45  LEU A CG  1 
ATOM   338  C CD1 . LEU A 1 64  ? 15.21983  2.84664   -6.54238  1.000 40.76000  ? 45  LEU A CD1 1 
ATOM   339  C CD2 . LEU A 1 64  ? 17.63150  3.08674   -7.14437  1.000 53.11207  ? 45  LEU A CD2 1 
ATOM   340  N N   . LEU A 1 65  ? 18.26533  2.14002   -1.78401  1.000 55.40936  ? 46  LEU A N   1 
ATOM   341  C CA  . LEU A 1 65  ? 18.49189  2.58683   -0.41285  1.000 50.72708  ? 46  LEU A CA  1 
ATOM   342  C C   . LEU A 1 65  ? 19.97540  2.80631   -0.14517  1.000 56.62658  ? 46  LEU A C   1 
ATOM   343  O O   . LEU A 1 65  ? 20.38278  3.87982   0.31452   1.000 54.70738  ? 46  LEU A O   1 
ATOM   344  C CB  . LEU A 1 65  ? 17.91519  1.56641   0.56965   1.000 42.65338  ? 46  LEU A CB  1 
ATOM   345  C CG  . LEU A 1 65  ? 18.41881  1.63654   2.01283   1.000 61.33040  ? 46  LEU A CG  1 
ATOM   346  C CD1 . LEU A 1 65  ? 17.92412  2.90065   2.70048   1.000 44.18181  ? 46  LEU A CD1 1 
ATOM   347  C CD2 . LEU A 1 65  ? 18.00754  0.39328   2.79108   1.000 62.57944  ? 46  LEU A CD2 1 
ATOM   348  N N   . GLU A 1 66  ? 20.80023  1.79581   -0.42874  1.000 72.57669  ? 47  GLU A N   1 
ATOM   349  C CA  . GLU A 1 66  ? 22.23389  1.89805   -0.18896  1.000 67.83025  ? 47  GLU A CA  1 
ATOM   350  C C   . GLU A 1 66  ? 22.93963  2.78089   -1.20990  1.000 64.01890  ? 47  GLU A C   1 
ATOM   351  O O   . GLU A 1 66  ? 24.09338  3.15999   -0.97931  1.000 78.64643  ? 47  GLU A O   1 
ATOM   352  C CB  . GLU A 1 66  ? 22.86138  0.49867   -0.17085  1.000 71.65405  ? 47  GLU A CB  1 
ATOM   353  C CG  . GLU A 1 66  ? 22.64920  -0.31345  -1.44417  1.000 69.50222  ? 47  GLU A CG  1 
ATOM   354  C CD  . GLU A 1 66  ? 22.95679  -1.78985  -1.25420  1.000 93.21150  ? 47  GLU A CD  1 
ATOM   355  O OE1 . GLU A 1 66  ? 22.91281  -2.26236  -0.09783  1.000 87.37855  ? 47  GLU A OE1 1 
ATOM   356  O OE2 . GLU A 1 66  ? 23.24081  -2.47692  -2.25975  1.000 87.50508  ? 47  GLU A OE2 1 
ATOM   357  N N   . ALA A 1 67  ? 22.27956  3.12237   -2.31623  1.000 60.11301  ? 48  ALA A N   1 
ATOM   358  C CA  . ALA A 1 67  ? 22.84313  4.00720   -3.32700  1.000 49.10195  ? 48  ALA A CA  1 
ATOM   359  C C   . ALA A 1 67  ? 22.50303  5.47410   -3.09312  1.000 55.00867  ? 48  ALA A C   1 
ATOM   360  O O   . ALA A 1 67  ? 22.97598  6.32918   -3.84882  1.000 67.74298  ? 48  ALA A O   1 
ATOM   361  C CB  . ALA A 1 67  ? 22.36828  3.59046   -4.72322  1.000 45.04171  ? 48  ALA A CB  1 
ATOM   362  N N   . GLY A 1 68  ? 21.69970  5.78492   -2.07634  1.000 46.65394  ? 49  GLY A N   1 
ATOM   363  C CA  . GLY A 1 68  ? 21.34861  7.15867   -1.76897  1.000 54.89345  ? 49  GLY A CA  1 
ATOM   364  C C   . GLY A 1 68  ? 20.51983  7.83928   -2.84061  1.000 53.70267  ? 49  GLY A C   1 
ATOM   365  O O   . GLY A 1 68  ? 20.79982  8.98187   -3.21382  1.000 55.67446  ? 49  GLY A O   1 
ATOM   366  N N   . ALA A 1 69  ? 19.49269  7.15337   -3.33573  1.000 44.17593  ? 50  ALA A N   1 
ATOM   367  C CA  . ALA A 1 69  ? 18.66906  7.66548   -4.41939  1.000 50.30116  ? 50  ALA A CA  1 
ATOM   368  C C   . ALA A 1 69  ? 17.66245  8.69374   -3.90747  1.000 49.78352  ? 50  ALA A C   1 
ATOM   369  O O   . ALA A 1 69  ? 17.29855  8.71644   -2.72780  1.000 52.04184  ? 50  ALA A O   1 
ATOM   370  C CB  . ALA A 1 69  ? 17.93772  6.51937   -5.11963  1.000 43.47100  ? 50  ALA A CB  1 
ATOM   371  N N   . SER A 1 70  ? 17.21616  9.55637   -4.81789  1.000 52.38165  ? 51  SER A N   1 
ATOM   372  C CA  . SER A 1 70  ? 16.22893  10.56318  -4.45511  1.000 48.57257  ? 51  SER A CA  1 
ATOM   373  C C   . SER A 1 70  ? 14.92366  9.88295   -4.05426  1.000 50.82933  ? 51  SER A C   1 
ATOM   374  O O   . SER A 1 70  ? 14.56297  8.85092   -4.63155  1.000 49.02957  ? 51  SER A O   1 
ATOM   375  C CB  . SER A 1 70  ? 15.98074  11.52540  -5.61831  1.000 49.80784  ? 51  SER A CB  1 
ATOM   376  O OG  . SER A 1 70  ? 17.03843  12.46170  -5.74218  1.000 83.37088  ? 51  SER A OG  1 
ATOM   377  N N   . PRO A 1 71  ? 14.19615  10.41347  -3.06880  1.000 51.63071  ? 52  PRO A N   1 
ATOM   378  C CA  . PRO A 1 71  ? 12.96094  9.74626   -2.62976  1.000 47.30406  ? 52  PRO A CA  1 
ATOM   379  C C   . PRO A 1 71  ? 11.90300  9.64513   -3.71469  1.000 37.68507  ? 52  PRO A C   1 
ATOM   380  O O   . PRO A 1 71  ? 11.04440  8.75675   -3.63892  1.000 40.89475  ? 52  PRO A O   1 
ATOM   381  C CB  . PRO A 1 71  ? 12.48896  10.61860  -1.45895  1.000 39.72428  ? 52  PRO A CB  1 
ATOM   382  C CG  . PRO A 1 71  ? 13.72296  11.30551  -0.97983  1.000 51.92678  ? 52  PRO A CG  1 
ATOM   383  C CD  . PRO A 1 71  ? 14.52117  11.57062  -2.22141  1.000 40.47969  ? 52  PRO A CD  1 
ATOM   384  N N   . GLU A 1 72  ? 11.93682  10.51722  -4.72476  1.000 39.37033  ? 53  GLU A N   1 
ATOM   385  C CA  . GLU A 1 72  ? 10.96910  10.41467  -5.81296  1.000 35.42761  ? 53  GLU A CA  1 
ATOM   386  C C   . GLU A 1 72  ? 11.17134  9.13401   -6.61256  1.000 33.61243  ? 53  GLU A C   1 
ATOM   387  O O   . GLU A 1 72  ? 10.19688  8.50389   -7.03982  1.000 31.97057  ? 53  GLU A O   1 
ATOM   388  C CB  . GLU A 1 72  ? 11.06330  11.63529  -6.72779  1.000 34.63413  ? 53  GLU A CB  1 
ATOM   389  C CG  . GLU A 1 72  ? 10.65590  12.94437  -6.06976  1.000 38.05749  ? 53  GLU A CG  1 
ATOM   390  C CD  . GLU A 1 72  ? 11.75787  13.53966  -5.21440  1.000 55.28212  ? 53  GLU A CD  1 
ATOM   391  O OE1 . GLU A 1 72  ? 12.89251  13.01641  -5.25376  1.000 70.11610  ? 53  GLU A OE1 1 
ATOM   392  O OE2 . GLU A 1 72  ? 11.49013  14.53072  -4.50365  1.000 55.43331  ? 53  GLU A OE2 1 
ATOM   393  N N   . LEU A 1 73  ? 12.42806  8.73137   -6.82274  1.000 41.88498  ? 54  LEU A N   1 
ATOM   394  C CA  . LEU A 1 73  ? 12.69360  7.46442   -7.49795  1.000 45.43691  ? 54  LEU A CA  1 
ATOM   395  C C   . LEU A 1 73  ? 12.15154  6.28809   -6.69516  1.000 36.02639  ? 54  LEU A C   1 
ATOM   396  O O   . LEU A 1 73  ? 11.62069  5.33012   -7.26852  1.000 33.47203  ? 54  LEU A O   1 
ATOM   397  C CB  . LEU A 1 73  ? 14.19343  7.30723   -7.74297  1.000 40.93007  ? 54  LEU A CB  1 
ATOM   398  C CG  . LEU A 1 73  ? 14.76862  8.27096   -8.77933  1.000 44.09921  ? 54  LEU A CG  1 
ATOM   399  C CD1 . LEU A 1 73  ? 16.27583  8.11360   -8.89019  1.000 61.28168  ? 54  LEU A CD1 1 
ATOM   400  C CD2 . LEU A 1 73  ? 14.10036  8.03993   -10.12357 1.000 46.36144  ? 54  LEU A CD2 1 
ATOM   401  N N   . ILE A 1 74  ? 12.27473  6.34734   -5.36692  1.000 32.14514  ? 55  ILE A N   1 
ATOM   402  C CA  . ILE A 1 74  ? 11.71515  5.30687   -4.50855  1.000 24.57476  ? 55  ILE A CA  1 
ATOM   403  C C   . ILE A 1 74  ? 10.20081  5.24759   -4.66085  1.000 37.19687  ? 55  ILE A C   1 
ATOM   404  O O   . ILE A 1 74  ? 9.60982   4.16219   -4.73844  1.000 33.36248  ? 55  ILE A O   1 
ATOM   405  C CB  . ILE A 1 74  ? 12.11935  5.55603   -3.04348  1.000 47.16128  ? 55  ILE A CB  1 
ATOM   406  C CG1 . ILE A 1 74  ? 13.64186  5.54038   -2.88779  1.000 32.49930  ? 55  ILE A CG1 1 
ATOM   407  C CG2 . ILE A 1 74  ? 11.46039  4.53373   -2.12494  1.000 27.09023  ? 55  ILE A CG2 1 
ATOM   408  C CD1 . ILE A 1 74  ? 14.24416  4.15719   -2.92790  1.000 41.29167  ? 55  ILE A CD1 1 
ATOM   409  N N   . VAL A 1 75  ? 9.54922   6.41328   -4.70338  1.000 32.09957  ? 56  VAL A N   1 
ATOM   410  C CA  . VAL A 1 75  ? 8.09478   6.45364   -4.81561  1.000 20.65716  ? 56  VAL A CA  1 
ATOM   411  C C   . VAL A 1 75  ? 7.64675   5.95756   -6.18296  1.000 25.57657  ? 56  VAL A C   1 
ATOM   412  O O   . VAL A 1 75  ? 6.69139   5.17820   -6.29120  1.000 32.01012  ? 56  VAL A O   1 
ATOM   413  C CB  . VAL A 1 75  ? 7.57847   7.87426   -4.53184  1.000 28.51239  ? 56  VAL A CB  1 
ATOM   414  C CG1 . VAL A 1 75  ? 6.08396   7.95735   -4.80310  1.000 26.27584  ? 56  VAL A CG1 1 
ATOM   415  C CG2 . VAL A 1 75  ? 7.88674   8.26614   -3.09653  1.000 29.57743  ? 56  VAL A CG2 1 
ATOM   416  N N   . ARG A 1 76  ? 8.32032   6.40082   -7.24758  1.000 18.62866  ? 57  ARG A N   1 
ATOM   417  C CA  . ARG A 1 76  ? 7.97803   5.92716   -8.58643  1.000 33.76909  ? 57  ARG A CA  1 
ATOM   418  C C   . ARG A 1 76  ? 8.09564   4.41031   -8.67810  1.000 35.12669  ? 57  ARG A C   1 
ATOM   419  O O   . ARG A 1 76  ? 7.15813   3.72623   -9.10874  1.000 23.89285  ? 57  ARG A O   1 
ATOM   420  C CB  . ARG A 1 76  ? 8.86965   6.59748   -9.63298  1.000 26.76218  ? 57  ARG A CB  1 
ATOM   421  C CG  . ARG A 1 76  ? 8.97777   5.81097   -10.93084 1.000 33.55697  ? 57  ARG A CG  1 
ATOM   422  C CD  . ARG A 1 76  ? 9.58547   6.64245   -12.04252 1.000 54.42838  ? 57  ARG A CD  1 
ATOM   423  N NE  . ARG A 1 76  ? 8.55883   7.28447   -12.85595 1.000 66.05952  ? 57  ARG A NE  1 
ATOM   424  C CZ  . ARG A 1 76  ? 8.17912   6.86237   -14.05489 1.000 64.89723  ? 57  ARG A CZ  1 
ATOM   425  N NH1 . ARG A 1 76  ? 8.74433   5.81261   -14.62959 1.000 50.22334  ? 57  ARG A NH1 1 
ATOM   426  N NH2 . ARG A 1 76  ? 7.21251   7.51383   -14.69663 1.000 64.69678  ? 57  ARG A NH2 1 
ATOM   427  N N   . LEU A 1 77  ? 9.24402   3.86678   -8.26550  1.000 32.92617  ? 58  LEU A N   1 
ATOM   428  C CA  . LEU A 1 77  ? 9.43334   2.42019   -8.28920  1.000 30.05846  ? 58  LEU A CA  1 
ATOM   429  C C   . LEU A 1 77  ? 8.37699   1.71203   -7.45011  1.000 24.45281  ? 58  LEU A C   1 
ATOM   430  O O   . LEU A 1 77  ? 7.82820   0.68516   -7.86627  1.000 28.24442  ? 58  LEU A O   1 
ATOM   431  C CB  . LEU A 1 77  ? 10.83739  2.06861   -7.79561  1.000 32.32848  ? 58  LEU A CB  1 
ATOM   432  C CG  . LEU A 1 77  ? 11.23454  0.59546   -7.90631  1.000 33.16965  ? 58  LEU A CG  1 
ATOM   433  C CD1 . LEU A 1 77  ? 11.24517  0.16104   -9.36149  1.000 29.14926  ? 58  LEU A CD1 1 
ATOM   434  C CD2 . LEU A 1 77  ? 12.58681  0.35436   -7.25900  1.000 27.86824  ? 58  LEU A CD2 1 
ATOM   435  N N   . ALA A 1 78  ? 8.06913   2.25112   -6.26930  1.000 35.32273  ? 59  ALA A N   1 
ATOM   436  C CA  . ALA A 1 78  ? 7.05586   1.63199   -5.42119  1.000 22.95782  ? 59  ALA A CA  1 
ATOM   437  C C   . ALA A 1 78  ? 5.68334   1.67681   -6.08278  1.000 29.03440  ? 59  ALA A C   1 
ATOM   438  O O   . ALA A 1 78  ? 4.99979   0.65134   -6.18391  1.000 31.70222  ? 59  ALA A O   1 
ATOM   439  C CB  . ALA A 1 78  ? 7.02410   2.31730   -4.05573  1.000 26.59300  ? 59  ALA A CB  1 
ATOM   440  N N   . GLU A 1 79  ? 5.27086   2.85733   -6.55621  1.000 36.70383  ? 60  GLU A N   1 
ATOM   441  C CA  . GLU A 1 79  ? 3.95551   2.99049   -7.17721  1.000 34.75422  ? 60  GLU A CA  1 
ATOM   442  C C   . GLU A 1 79  ? 3.85062   2.15632   -8.44793  1.000 38.21537  ? 60  GLU A C   1 
ATOM   443  O O   . GLU A 1 79  ? 2.78599   1.60219   -8.74664  1.000 36.58667  ? 60  GLU A O   1 
ATOM   444  C CB  . GLU A 1 79  ? 3.66026   4.45736   -7.48591  1.000 32.54591  ? 60  GLU A CB  1 
ATOM   445  C CG  . GLU A 1 79  ? 3.41670   5.32738   -6.27273  1.000 26.35046  ? 60  GLU A CG  1 
ATOM   446  C CD  . GLU A 1 79  ? 3.07027   6.74700   -6.66107  1.000 46.47860  ? 60  GLU A CD  1 
ATOM   447  O OE1 . GLU A 1 79  ? 3.24684   7.09474   -7.84994  1.000 58.05212  ? 60  GLU A OE1 1 
ATOM   448  O OE2 . GLU A 1 79  ? 2.61837   7.51054   -5.78305  1.000 59.46144  ? 60  GLU A OE2 1 
ATOM   449  N N   . THR A 1 80  ? 4.93712   2.07316   -9.22204  1.000 27.73871  ? 61  THR A N   1 
ATOM   450  C CA  . THR A 1 80  ? 4.92771   1.22319   -10.40876 1.000 26.12195  ? 61  THR A CA  1 
ATOM   451  C C   . THR A 1 80  ? 4.60209   -0.21785  -10.04111 1.000 22.47591  ? 61  THR A C   1 
ATOM   452  O O   . THR A 1 80  ? 3.78478   -0.86957  -10.70332 1.000 19.17101  ? 61  THR A O   1 
ATOM   453  C CB  . THR A 1 80  ? 6.27740   1.30126   -11.12678 1.000 30.01184  ? 61  THR A CB  1 
ATOM   454  O OG1 . THR A 1 80  ? 6.41973   2.58255   -11.75376 1.000 25.36959  ? 61  THR A OG1 1 
ATOM   455  C CG2 . THR A 1 80  ? 6.39364   0.21084   -12.17839 1.000 24.29813  ? 61  THR A CG2 1 
ATOM   456  N N   . ALA A 1 81  ? 5.21845   -0.72531  -8.97202  1.000 29.82506  ? 62  ALA A N   1 
ATOM   457  C CA  . ALA A 1 81  ? 4.93512   -2.08650  -8.53773  1.000 30.78049  ? 62  ALA A CA  1 
ATOM   458  C C   . ALA A 1 81  ? 3.56788   -2.18864  -7.88032  1.000 19.28946  ? 62  ALA A C   1 
ATOM   459  O O   . ALA A 1 81  ? 2.90366   -3.22292  -8.00143  1.000 26.44099  ? 62  ALA A O   1 
ATOM   460  C CB  . ALA A 1 81  ? 6.02385   -2.57468  -7.58370  1.000 27.97705  ? 62  ALA A CB  1 
ATOM   461  N N   . LEU A 1 82  ? 3.12714   -1.13452  -7.18782  1.000 21.40493  ? 63  LEU A N   1 
ATOM   462  C CA  . LEU A 1 82  ? 1.79339   -1.15842  -6.59343  1.000 21.16254  ? 63  LEU A CA  1 
ATOM   463  C C   . LEU A 1 82  ? 0.71282   -1.20853  -7.66712  1.000 20.71195  ? 63  LEU A C   1 
ATOM   464  O O   . LEU A 1 82  ? -0.26254  -1.95687  -7.53706  1.000 25.65238  ? 63  LEU A O   1 
ATOM   465  C CB  . LEU A 1 82  ? 1.59031   0.05457   -5.68261  1.000 27.54955  ? 63  LEU A CB  1 
ATOM   466  C CG  . LEU A 1 82  ? 2.45673   0.15019   -4.42063  1.000 41.57255  ? 63  LEU A CG  1 
ATOM   467  C CD1 . LEU A 1 82  ? 2.07819   1.36843   -3.58602  1.000 25.29562  ? 63  LEU A CD1 1 
ATOM   468  C CD2 . LEU A 1 82  ? 2.37832   -1.12383  -3.58764  1.000 27.37503  ? 63  LEU A CD2 1 
ATOM   469  N N   . LYS A 1 83  ? 0.86962   -0.42846  -8.74009  1.000 21.79935  ? 64  LYS A N   1 
ATOM   470  C CA  . LYS A 1 83  ? -0.11851  -0.45756  -9.81426  1.000 21.20920  ? 64  LYS A CA  1 
ATOM   471  C C   . LYS A 1 83  ? -0.13507  -1.81325  -10.51374 1.000 29.40941  ? 64  LYS A C   1 
ATOM   472  O O   . LYS A 1 83  ? -1.20955  -2.36731  -10.78151 1.000 23.30900  ? 64  LYS A O   1 
ATOM   473  C CB  . LYS A 1 83  ? 0.15361   0.67237   -10.80926 1.000 17.69841  ? 64  LYS A CB  1 
ATOM   474  C CG  . LYS A 1 83  ? -0.40003  2.02182   -10.36719 1.000 37.96248  ? 64  LYS A CG  1 
ATOM   475  C CD  . LYS A 1 83  ? 0.63426   3.13279   -10.48556 1.000 37.04548  ? 64  LYS A CD  1 
ATOM   476  C CE  . LYS A 1 83  ? 1.17425   3.25091   -11.89913 1.000 38.49895  ? 64  LYS A CE  1 
ATOM   477  N NZ  . LYS A 1 83  ? 2.13236   4.38476   -12.02649 1.000 42.31799  ? 64  LYS A NZ  1 
ATOM   478  N N   . ALA A 1 84  ? 1.04439   -2.36964  -10.80530 1.000 19.94710  ? 65  ALA A N   1 
ATOM   479  C CA  . ALA A 1 84  ? 1.10680   -3.68965  -11.42761 1.000 26.67703  ? 65  ALA A CA  1 
ATOM   480  C C   . ALA A 1 84  ? 0.42350   -4.74471  -10.56405 1.000 30.43209  ? 65  ALA A C   1 
ATOM   481  O O   . ALA A 1 84  ? -0.34440  -5.57054  -11.07190 1.000 35.86815  ? 65  ALA A O   1 
ATOM   482  C CB  . ALA A 1 84  ? 2.56157   -4.07543  -11.69393 1.000 22.81848  ? 65  ALA A CB  1 
ATOM   483  N N   . LEU A 1 85  ? 0.69566   -4.73703  -9.25607  1.000 19.46178  ? 66  LEU A N   1 
ATOM   484  C CA  . LEU A 1 85  ? 0.02767   -5.67048  -8.35433  1.000 15.79021  ? 66  LEU A CA  1 
ATOM   485  C C   . LEU A 1 85  ? -1.48067  -5.46355  -8.36725  1.000 24.67562  ? 66  LEU A C   1 
ATOM   486  O O   . LEU A 1 85  ? -2.24840  -6.43324  -8.39644  1.000 29.48478  ? 66  LEU A O   1 
ATOM   487  C CB  . LEU A 1 85  ? 0.58025   -5.51523  -6.93707  1.000 21.97986  ? 66  LEU A CB  1 
ATOM   488  C CG  . LEU A 1 85  ? 1.99821   -6.04859  -6.71887  1.000 32.60518  ? 66  LEU A CG  1 
ATOM   489  C CD1 . LEU A 1 85  ? 2.47757   -5.74923  -5.30851  1.000 34.41777  ? 66  LEU A CD1 1 
ATOM   490  C CD2 . LEU A 1 85  ? 2.05141   -7.54320  -7.00267  1.000 30.90362  ? 66  LEU A CD2 1 
ATOM   491  N N   . LEU A 1 86  ? -1.92326  -4.20371  -8.35191  1.000 25.21383  ? 67  LEU A N   1 
ATOM   492  C CA  . LEU A 1 86  ? -3.35059  -3.91740  -8.43807  1.000 18.87219  ? 67  LEU A CA  1 
ATOM   493  C C   . LEU A 1 86  ? -3.94133  -4.44926  -9.73697  1.000 28.04397  ? 67  LEU A C   1 
ATOM   494  O O   . LEU A 1 86  ? -5.02625  -5.04310  -9.73451  1.000 36.08791  ? 67  LEU A O   1 
ATOM   495  C CB  . LEU A 1 86  ? -3.58986  -2.41255  -8.31603  1.000 21.20428  ? 67  LEU A CB  1 
ATOM   496  C CG  . LEU A 1 86  ? -5.01468  -1.91147  -8.56722  1.000 33.49099  ? 67  LEU A CG  1 
ATOM   497  C CD1 . LEU A 1 86  ? -5.97517  -2.42417  -7.50056  1.000 23.45417  ? 67  LEU A CD1 1 
ATOM   498  C CD2 . LEU A 1 86  ? -5.03679  -0.39168  -8.63480  1.000 16.45219  ? 67  LEU A CD2 1 
ATOM   499  N N   . ALA A 1 87  ? -3.23717  -4.25309  -10.85681 1.000 27.01435  ? 68  ALA A N   1 
ATOM   500  C CA  . ALA A 1 87  ? -3.74298  -4.72177  -12.14395 1.000 27.77882  ? 68  ALA A CA  1 
ATOM   501  C C   . ALA A 1 87  ? -3.95630  -6.22955  -12.13945 1.000 33.48976  ? 68  ALA A C   1 
ATOM   502  O O   . ALA A 1 87  ? -4.96058  -6.72314  -12.66630 1.000 37.75082  ? 68  ALA A O   1 
ATOM   503  C CB  . ALA A 1 87  ? -2.78392  -4.31887  -13.26322 1.000 37.12985  ? 68  ALA A CB  1 
ATOM   504  N N   . ILE A 1 88  ? -3.02424  -6.97705  -11.54381 1.000 21.25563  ? 69  ILE A N   1 
ATOM   505  C CA  . ILE A 1 88  ? -3.17664  -8.42566  -11.45522 1.000 27.00407  ? 69  ILE A CA  1 
ATOM   506  C C   . ILE A 1 88  ? -4.36740  -8.78618  -10.57264 1.000 28.79420  ? 69  ILE A C   1 
ATOM   507  O O   . ILE A 1 88  ? -5.13866  -9.69960  -10.89049 1.000 36.03418  ? 69  ILE A O   1 
ATOM   508  C CB  . ILE A 1 88  ? -1.87106  -9.06537  -10.94579 1.000 27.91984  ? 69  ILE A CB  1 
ATOM   509  C CG1 . ILE A 1 88  ? -0.70309  -8.68852  -11.85901 1.000 27.75538  ? 69  ILE A CG1 1 
ATOM   510  C CG2 . ILE A 1 88  ? -2.00342  -10.57475 -10.88044 1.000 29.80841  ? 69  ILE A CG2 1 
ATOM   511  C CD1 . ILE A 1 88  ? 0.64432   -9.10519  -11.32702 1.000 17.73874  ? 69  ILE A CD1 1 
ATOM   512  N N   . ALA A 1 89  ? -4.54365  -8.07319  -9.45663  1.000 34.74030  ? 70  ALA A N   1 
ATOM   513  C CA  . ALA A 1 89  ? -5.66601  -8.36185  -8.56820  1.000 33.65722  ? 70  ALA A CA  1 
ATOM   514  C C   . ALA A 1 89  ? -6.99775  -8.04689  -9.23671  1.000 33.87481  ? 70  ALA A C   1 
ATOM   515  O O   . ALA A 1 89  ? -7.97358  -8.78862  -9.06980  1.000 34.75407  ? 70  ALA A O   1 
ATOM   516  C CB  . ALA A 1 89  ? -5.51913  -7.57971  -7.26341  1.000 36.70204  ? 70  ALA A CB  1 
ATOM   517  N N   . GLU A 1 90  ? -7.05981  -6.94905  -9.99260  1.000 36.22431  ? 71  GLU A N   1 
ATOM   518  C CA  . GLU A 1 90  ? -8.28086  -6.62418  -10.72227 1.000 38.18917  ? 71  GLU A CA  1 
ATOM   519  C C   . GLU A 1 90  ? -8.61153  -7.70729  -11.74178 1.000 42.02415  ? 71  GLU A C   1 
ATOM   520  O O   . GLU A 1 90  ? -9.74803  -8.18807  -11.80761 1.000 45.29224  ? 71  GLU A O   1 
ATOM   521  C CB  . GLU A 1 90  ? -8.13924  -5.26260  -11.40264 1.000 27.52252  ? 71  GLU A CB  1 
ATOM   522  C CG  . GLU A 1 90  ? -8.13337  -4.09205  -10.43682 1.000 36.98967  ? 71  GLU A CG  1 
ATOM   523  C CD  . GLU A 1 90  ? -7.94788  -2.76103  -11.13799 1.000 61.21669  ? 71  GLU A CD  1 
ATOM   524  O OE1 . GLU A 1 90  ? -7.50026  -2.75767  -12.30410 1.000 58.32944  ? 71  GLU A OE1 1 
ATOM   525  O OE2 . GLU A 1 90  ? -8.25115  -1.71695  -10.52382 1.000 67.50022  ? 71  GLU A OE2 1 
ATOM   526  N N   . LEU A 1 91  ? -7.62241  -8.11196  -12.54172 1.000 37.06203  ? 72  LEU A N   1 
ATOM   527  C CA  . LEU A 1 91  ? -7.84756  -9.16649  -13.52505 1.000 37.67541  ? 72  LEU A CA  1 
ATOM   528  C C   . LEU A 1 91  ? -8.14338  -10.49661 -12.85060 1.000 36.07072  ? 72  LEU A C   1 
ATOM   529  O O   . LEU A 1 91  ? -8.95131  -11.28872 -13.34917 1.000 44.38239  ? 72  LEU A O   1 
ATOM   530  C CB  . LEU A 1 91  ? -6.62899  -9.29510  -14.43316 1.000 37.13592  ? 72  LEU A CB  1 
ATOM   531  C CG  . LEU A 1 91  ? -6.36334  -8.07908  -15.31558 1.000 39.17267  ? 72  LEU A CG  1 
ATOM   532  C CD1 . LEU A 1 91  ? -5.04171  -8.22115  -16.04705 1.000 44.81768  ? 72  LEU A CD1 1 
ATOM   533  C CD2 . LEU A 1 91  ? -7.50867  -7.90396  -16.29426 1.000 35.11453  ? 72  LEU A CD2 1 
ATOM   534  N N   . GLY A 1 92  ? -7.49182  -10.76050 -11.72564 1.000 46.65437  ? 73  GLY A N   1 
ATOM   535  C CA  . GLY A 1 92  ? -7.66726  -12.01864 -11.03208 1.000 47.99805  ? 73  GLY A CA  1 
ATOM   536  C C   . GLY A 1 92  ? -8.95657  -12.07723 -10.23491 1.000 46.33266  ? 73  GLY A C   1 
ATOM   537  O O   . GLY A 1 92  ? -9.64284  -11.07648 -10.01162 1.000 41.81256  ? 73  GLY A O   1 
ATOM   538  N N   . GLY A 1 93  ? -9.27660  -13.28677 -9.78439  1.000 43.87528  ? 74  GLY A N   1 
ATOM   539  C CA  . GLY A 1 93  ? -10.52680 -13.53443 -9.09983  1.000 81.10392  ? 74  GLY A CA  1 
ATOM   540  C C   . GLY A 1 93  ? -10.58657 -12.91830 -7.71493  1.000 71.14169  ? 74  GLY A C   1 
ATOM   541  O O   . GLY A 1 93  ? -9.78112  -12.06897 -7.33274  1.000 45.80692  ? 74  GLY A O   1 
ATOM   542  N N   . GLU A 1 94  ? -11.58941 -13.36767 -6.94776  1.000 87.35374  ? 75  GLU A N   1 
ATOM   543  C CA  . GLU A 1 94  ? -11.75774 -12.87790 -5.58374  1.000 77.69275  ? 75  GLU A CA  1 
ATOM   544  C C   . GLU A 1 94  ? -10.67018 -13.42060 -4.66544  1.000 67.19767  ? 75  GLU A C   1 
ATOM   545  O O   . GLU A 1 94  ? -10.16985 -12.69625 -3.79741  1.000 68.00000  ? 75  GLU A O   1 
ATOM   546  C CB  . GLU A 1 94  ? -13.14102 -13.25288 -5.05413  1.000 87.75694  ? 75  GLU A CB  1 
ATOM   547  C CG  . GLU A 1 94  ? -14.29417 -12.96719 -6.00509  0.600 76.40565  ? 75  GLU A CG  1 
ATOM   548  C CD  . GLU A 1 94  ? -14.55275 -14.10259 -6.97917  1.000 74.36709  ? 75  GLU A CD  1 
ATOM   549  O OE1 . GLU A 1 94  ? -13.69701 -15.00928 -7.07640  1.000 70.84074  ? 75  GLU A OE1 1 
ATOM   550  O OE2 . GLU A 1 94  ? -15.61509 -14.09091 -7.63891  0.630 69.89739  ? 75  GLU A OE2 1 
ATOM   551  N N   . GLU A 1 95  ? -10.29419 -14.69304 -4.83389  1.000 64.97751  ? 76  GLU A N   1 
ATOM   552  C CA  . GLU A 1 95  ? -9.21898  -15.24827 -4.01814  1.000 63.23561  ? 76  GLU A CA  1 
ATOM   553  C C   . GLU A 1 95  ? -7.89142  -14.56898 -4.32977  1.000 66.58546  ? 76  GLU A C   1 
ATOM   554  O O   . GLU A 1 95  ? -7.10638  -14.28927 -3.41785  1.000 62.56593  ? 76  GLU A O   1 
ATOM   555  C CB  . GLU A 1 95  ? -9.12214  -16.76564 -4.22034  1.000 69.70060  ? 76  GLU A CB  1 
ATOM   556  C CG  . GLU A 1 95  ? -8.37357  -17.23712 -5.47751  1.000 73.63388  ? 76  GLU A CG  1 
ATOM   557  C CD  . GLU A 1 95  ? -9.16605  -17.05659 -6.76602  1.000 70.93336  ? 76  GLU A CD  1 
ATOM   558  O OE1 . GLU A 1 95  ? -8.85444  -17.75815 -7.75014  0.100 64.43880  ? 76  GLU A OE1 1 
ATOM   559  O OE2 . GLU A 1 95  ? -10.09585 -16.22107 -6.80413  1.000 81.25715  ? 76  GLU A OE2 1 
ATOM   560  N N   . LEU A 1 96  ? -7.63301  -14.27559 -5.60820  1.000 56.56190  ? 77  LEU A N   1 
ATOM   561  C CA  . LEU A 1 96  ? -6.38069  -13.63354 -5.98273  1.000 44.92229  ? 77  LEU A CA  1 
ATOM   562  C C   . LEU A 1 96  ? -6.33442  -12.18777 -5.50701  1.000 51.91408  ? 77  LEU A C   1 
ATOM   563  O O   . LEU A 1 96  ? -5.25001  -11.66696 -5.22018  1.000 49.51020  ? 77  LEU A O   1 
ATOM   564  C CB  . LEU A 1 96  ? -6.19340  -13.71320 -7.49853  1.000 50.55488  ? 77  LEU A CB  1 
ATOM   565  C CG  . LEU A 1 96  ? -4.77576  -13.95957 -8.01641  1.000 43.51934  ? 77  LEU A CG  1 
ATOM   566  C CD1 . LEU A 1 96  ? -4.24219  -15.29436 -7.51609  1.000 55.73761  ? 77  LEU A CD1 1 
ATOM   567  C CD2 . LEU A 1 96  ? -4.73850  -13.90631 -9.53467  1.000 51.50032  ? 77  LEU A CD2 1 
ATOM   568  N N   . ALA A 1 97  ? -7.49465  -11.53252 -5.40525  1.000 38.52761  ? 78  ALA A N   1 
ATOM   569  C CA  . ALA A 1 97  ? -7.52599  -10.14046 -4.97087  1.000 35.53402  ? 78  ALA A CA  1 
ATOM   570  C C   . ALA A 1 97  ? -6.96798  -9.99719  -3.56072  1.000 38.14622  ? 78  ALA A C   1 
ATOM   571  O O   . ALA A 1 97  ? -6.08847  -9.16520  -3.31073  1.000 35.46320  ? 78  ALA A O   1 
ATOM   572  C CB  . ALA A 1 97  ? -8.95424  -9.59568  -5.05196  1.000 55.25011  ? 78  ALA A CB  1 
ATOM   573  N N   . LEU A 1 98  ? -7.45682  -10.81747 -2.62669  1.000 40.51821  ? 79  LEU A N   1 
ATOM   574  C CA  . LEU A 1 98  ? -7.01224  -10.71456 -1.24044  1.000 36.22803  ? 79  LEU A CA  1 
ATOM   575  C C   . LEU A 1 98  ? -5.53754  -11.08302 -1.08292  1.000 30.84192  ? 79  LEU A C   1 
ATOM   576  O O   . LEU A 1 98  ? -4.84006  -10.48338 -0.25558  1.000 40.58537  ? 79  LEU A O   1 
ATOM   577  C CB  . LEU A 1 98  ? -7.89502  -11.59156 -0.34976  1.000 27.64550  ? 79  LEU A CB  1 
ATOM   578  C CG  . LEU A 1 98  ? -7.58368  -11.59006 1.14765   1.000 44.30858  ? 79  LEU A CG  1 
ATOM   579  C CD1 . LEU A 1 98  ? -7.54801  -10.17202 1.69254   1.000 43.08581  ? 79  LEU A CD1 1 
ATOM   580  C CD2 . LEU A 1 98  ? -8.59026  -12.43149 1.91707   1.000 52.34476  ? 79  LEU A CD2 1 
ATOM   581  N N   . GLU A 1 99  ? -5.04533  -12.04765 -1.86865  1.000 33.52310  ? 80  GLU A N   1 
ATOM   582  C CA  . GLU A 1 99  ? -3.63743  -12.44185 -1.80436  1.000 24.54191  ? 80  GLU A CA  1 
ATOM   583  C C   . GLU A 1 99  ? -2.72001  -11.29231 -2.18306  1.000 39.81031  ? 80  GLU A C   1 
ATOM   584  O O   . GLU A 1 99  ? -1.74464  -10.99387 -1.48341  1.000 38.40262  ? 80  GLU A O   1 
ATOM   585  C CB  . GLU A 1 99  ? -3.35466  -13.60928 -2.75011  1.000 64.86066  ? 80  GLU A CB  1 
ATOM   586  C CG  . GLU A 1 99  ? -4.12243  -14.87391 -2.50587  1.000 72.95297  ? 80  GLU A CG  1 
ATOM   587  C CD  . GLU A 1 99  ? -3.93666  -15.41904 -1.11185  1.000 85.49780  ? 80  GLU A CD  1 
ATOM   588  O OE1 . GLU A 1 99  ? -2.88510  -15.16076 -0.48379  1.000 79.49691  ? 80  GLU A OE1 1 
ATOM   589  O OE2 . GLU A 1 99  ? -4.85728  -16.11194 -0.64107  1.000 93.03571  ? 80  GLU A OE2 1 
ATOM   590  N N   . ILE A 1 100 ? -2.97526  -10.68944 -3.34494  1.000 36.92597  ? 81  ILE A N   1 
ATOM   591  C CA  . ILE A 1 100 ? -2.11119  -9.62318  -3.82978  1.000 44.88031  ? 81  ILE A CA  1 
ATOM   592  C C   . ILE A 1 100 ? -2.23586  -8.40600  -2.93130  1.000 33.48576  ? 81  ILE A C   1 
ATOM   593  O O   . ILE A 1 100 ? -1.28189  -7.63172  -2.78031  1.000 41.55636  ? 81  ILE A O   1 
ATOM   594  C CB  . ILE A 1 100 ? -2.44723  -9.29646  -5.29660  1.000 32.05991  ? 81  ILE A CB  1 
ATOM   595  C CG1 . ILE A 1 100 ? -2.29119  -10.54431 -6.17000  1.000 21.00021  ? 81  ILE A CG1 1 
ATOM   596  C CG2 . ILE A 1 100 ? -1.55713  -8.19256  -5.79778  1.000 30.29517  ? 81  ILE A CG2 1 
ATOM   597  C CD1 . ILE A 1 100 ? -3.01567  -10.44601 -7.47291  1.000 36.22000  ? 81  ILE A CD1 1 
ATOM   598  N N   . ALA A 1 101 ? -3.40095  -8.23070  -2.30030  1.000 29.24977  ? 82  ALA A N   1 
ATOM   599  C CA  . ALA A 1 101 ? -3.56651  -7.14687  -1.34010  1.000 30.93627  ? 82  ALA A CA  1 
ATOM   600  C C   . ALA A 1 101 ? -2.57594  -7.28552  -0.19485  1.000 31.13249  ? 82  ALA A C   1 
ATOM   601  O O   . ALA A 1 101 ? -1.91311  -6.31351  0.18391   1.000 31.56247  ? 82  ALA A O   1 
ATOM   602  C CB  . ALA A 1 101 ? -5.00195  -7.12019  -0.81614  1.000 28.07850  ? 82  ALA A CB  1 
ATOM   603  N N   . ARG A 1 102 ? -2.44622  -8.49331  0.35704   1.000 40.29971  ? 83  ARG A N   1 
ATOM   604  C CA  . ARG A 1 102 ? -1.41509  -8.73102  1.36033   1.000 25.42865  ? 83  ARG A CA  1 
ATOM   605  C C   . ARG A 1 102 ? -0.03309  -8.42695  0.80108   1.000 28.70877  ? 83  ARG A C   1 
ATOM   606  O O   . ARG A 1 102 ? 0.77968   -7.76059  1.45376   1.000 34.03608  ? 83  ARG A O   1 
ATOM   607  C CB  . ARG A 1 102 ? -1.48776  -10.17407 1.85408   1.000 24.05562  ? 83  ARG A CB  1 
ATOM   608  C CG  . ARG A 1 102 ? -2.78815  -10.52015 2.55933   1.000 27.99371  ? 83  ARG A CG  1 
ATOM   609  C CD  . ARG A 1 102 ? -2.68282  -11.85954 3.26198   1.000 32.16201  ? 83  ARG A CD  1 
ATOM   610  N NE  . ARG A 1 102 ? -3.83222  -12.12595 4.11898   1.000 52.71260  ? 83  ARG A NE  1 
ATOM   611  C CZ  . ARG A 1 102 ? -4.84704  -12.91284 3.78835   1.000 52.83456  ? 83  ARG A CZ  1 
ATOM   612  N NH1 . ARG A 1 102 ? -4.89492  -13.52156 2.61459   1.000 55.25600  ? 83  ARG A NH1 1 
ATOM   613  N NH2 . ARG A 1 102 ? -5.83518  -13.09895 4.65986   1.000 38.12466  ? 83  ARG A NH2 1 
ATOM   614  N N   . ILE A 1 103 ? 0.24386   -8.89759  -0.41534  1.000 37.52170  ? 84  ILE A N   1 
ATOM   615  C CA  . ILE A 1 103 ? 1.51497   -8.59763  -1.06422  1.000 29.38340  ? 84  ILE A CA  1 
ATOM   616  C C   . ILE A 1 103 ? 1.68154   -7.09253  -1.25064  1.000 26.61093  ? 84  ILE A C   1 
ATOM   617  O O   . ILE A 1 103 ? 2.74904   -6.53478  -0.96835  1.000 24.42955  ? 84  ILE A O   1 
ATOM   618  C CB  . ILE A 1 103 ? 1.60861   -9.35871  -2.39971  1.000 43.56455  ? 84  ILE A CB  1 
ATOM   619  C CG1 . ILE A 1 103 ? 1.59299   -10.87036 -2.15392  1.000 33.51658  ? 84  ILE A CG1 1 
ATOM   620  C CG2 . ILE A 1 103 ? 2.85476   -8.96175  -3.15782  1.000 39.04388  ? 84  ILE A CG2 1 
ATOM   621  C CD1 . ILE A 1 103 ? 1.44039   -11.69782 -3.41465  1.000 41.19641  ? 84  ILE A CD1 1 
ATOM   622  N N   . LEU A 1 104 ? 0.62210   -6.40993  -1.69840  1.000 22.41076  ? 85  LEU A N   1 
ATOM   623  C CA  . LEU A 1 104 ? 0.70216   -4.97614  -1.96892  1.000 21.39986  ? 85  LEU A CA  1 
ATOM   624  C C   . LEU A 1 104 ? 1.00927   -4.18086  -0.70316  1.000 27.29876  ? 85  LEU A C   1 
ATOM   625  O O   . LEU A 1 104 ? 1.81773   -3.24477  -0.73359  1.000 31.51690  ? 85  LEU A O   1 
ATOM   626  C CB  . LEU A 1 104 ? -0.60467  -4.50095  -2.61121  1.000 24.72866  ? 85  LEU A CB  1 
ATOM   627  C CG  . LEU A 1 104 ? -0.76005  -3.04704  -3.06466  1.000 33.90918  ? 85  LEU A CG  1 
ATOM   628  C CD1 . LEU A 1 104 ? -1.65728  -2.98739  -4.28675  1.000 37.47584  ? 85  LEU A CD1 1 
ATOM   629  C CD2 . LEU A 1 104 ? -1.32874  -2.16513  -1.95728  1.000 28.65862  ? 85  LEU A CD2 1 
ATOM   630  N N   . ALA A 1 105 ? 0.37408   -4.53050  0.41767   1.000 37.33865  ? 86  ALA A N   1 
ATOM   631  C CA  . ALA A 1 105 ? 0.64396   -3.81527  1.66098   1.000 33.29063  ? 86  ALA A CA  1 
ATOM   632  C C   . ALA A 1 105 ? 2.03675   -4.13325  2.18710   1.000 28.56824  ? 86  ALA A C   1 
ATOM   633  O O   . ALA A 1 105 ? 2.74134   -3.24059  2.67126   1.000 38.62419  ? 86  ALA A O   1 
ATOM   634  C CB  . ALA A 1 105 ? -0.41445  -4.15647  2.70766   1.000 30.61528  ? 86  ALA A CB  1 
ATOM   635  N N   . GLU A 1 106 ? 2.44897   -5.40090  2.10150   1.000 25.27468  ? 87  GLU A N   1 
ATOM   636  C CA  . GLU A 1 106 ? 3.78625   -5.78111  2.54656   1.000 21.99027  ? 87  GLU A CA  1 
ATOM   637  C C   . GLU A 1 106 ? 4.85394   -5.02640  1.76645   1.000 36.30939  ? 87  GLU A C   1 
ATOM   638  O O   . GLU A 1 106 ? 5.83653   -4.54644  2.34396   1.000 39.60194  ? 87  GLU A O   1 
ATOM   639  C CB  . GLU A 1 106 ? 3.96146   -7.29253  2.39825   1.000 31.68493  ? 87  GLU A CB  1 
ATOM   640  C CG  . GLU A 1 106 ? 5.23749   -7.87313  2.98239   1.000 42.32485  ? 87  GLU A CG  1 
ATOM   641  C CD  . GLU A 1 106 ? 5.12278   -9.37281  3.22706   1.000 63.71397  ? 87  GLU A CD  1 
ATOM   642  O OE1 . GLU A 1 106 ? 4.53268   -9.76928  4.25465   1.000 72.00055  ? 87  GLU A OE1 1 
ATOM   643  O OE2 . GLU A 1 106 ? 5.60192   -10.15813 2.38329   1.000 49.95356  ? 87  GLU A OE2 1 
ATOM   644  N N   . LEU A 1 107 ? 4.66335   -4.89290  0.45239   1.000 31.83550  ? 88  LEU A N   1 
ATOM   645  C CA  . LEU A 1 107 ? 5.59690   -4.12856  -0.36712  1.000 23.61238  ? 88  LEU A CA  1 
ATOM   646  C C   . LEU A 1 107 ? 5.55575   -2.64479  -0.02072  1.000 31.74042  ? 88  LEU A C   1 
ATOM   647  O O   . LEU A 1 107 ? 6.59095   -1.96793  -0.03965  1.000 34.91419  ? 88  LEU A O   1 
ATOM   648  C CB  . LEU A 1 107 ? 5.27997   -4.34464  -1.84714  1.000 29.40025  ? 88  LEU A CB  1 
ATOM   649  C CG  . LEU A 1 107 ? 5.91750   -3.40525  -2.87206  1.000 24.51052  ? 88  LEU A CG  1 
ATOM   650  C CD1 . LEU A 1 107 ? 7.43466   -3.51579  -2.85015  1.000 31.00102  ? 88  LEU A CD1 1 
ATOM   651  C CD2 . LEU A 1 107 ? 5.37170   -3.70481  -4.25753  1.000 31.01713  ? 88  LEU A CD2 1 
ATOM   652  N N   . ALA A 1 108 ? 4.37000   -2.11801  0.29113   1.000 27.73105  ? 89  ALA A N   1 
ATOM   653  C CA  . ALA A 1 108 ? 4.26080   -0.70075  0.62388   1.000 29.13249  ? 89  ALA A CA  1 
ATOM   654  C C   . ALA A 1 108 ? 4.90409   -0.39379  1.97281   1.000 41.16631  ? 89  ALA A C   1 
ATOM   655  O O   . ALA A 1 108 ? 5.52450   0.66328   2.14405   1.000 32.70597  ? 89  ALA A O   1 
ATOM   656  C CB  . ALA A 1 108 ? 2.79377   -0.27308  0.61397   1.000 35.16034  ? 89  ALA A CB  1 
ATOM   657  N N   . GLU A 1 109 ? 4.76770   -1.30417  2.94298   1.000 31.99132  ? 90  GLU A N   1 
ATOM   658  C CA  . GLU A 1 109 ? 5.40024   -1.09794  4.24289   1.000 32.27447  ? 90  GLU A CA  1 
ATOM   659  C C   . GLU A 1 109 ? 6.91854   -1.10376  4.12200   1.000 33.50525  ? 90  GLU A C   1 
ATOM   660  O O   . GLU A 1 109 ? 7.60217   -0.31909  4.78917   1.000 44.68009  ? 90  GLU A O   1 
ATOM   661  C CB  . GLU A 1 109 ? 4.93026   -2.16223  5.23711   1.000 45.99577  ? 90  GLU A CB  1 
ATOM   662  C CG  . GLU A 1 109 ? 3.44280   -2.08738  5.56298   1.000 55.74782  ? 90  GLU A CG  1 
ATOM   663  C CD  . GLU A 1 109 ? 3.00897   -3.08779  6.61892   1.000 68.49641  ? 90  GLU A CD  1 
ATOM   664  O OE1 . GLU A 1 109 ? 3.87348   -3.56851  7.38355   1.000 66.54234  ? 90  GLU A OE1 1 
ATOM   665  O OE2 . GLU A 1 109 ? 1.79898   -3.39412  6.68245   1.000 67.19458  ? 90  GLU A OE2 1 
ATOM   666  N N   . VAL A 1 110 ? 7.46398   -1.97783  3.27493   1.000 28.11413  ? 91  VAL A N   1 
ATOM   667  C CA  . VAL A 1 110 ? 8.90001   -1.95674  3.01873   1.000 25.46128  ? 91  VAL A CA  1 
ATOM   668  C C   . VAL A 1 110 ? 9.30725   -0.62178  2.41004   1.000 26.31977  ? 91  VAL A C   1 
ATOM   669  O O   . VAL A 1 110 ? 10.32328  -0.02982  2.79486   1.000 23.99918  ? 91  VAL A O   1 
ATOM   670  C CB  . VAL A 1 110 ? 9.29946   -3.13753  2.11225   1.000 32.61420  ? 91  VAL A CB  1 
ATOM   671  C CG1 . VAL A 1 110 ? 10.75891  -3.02445  1.69360   1.000 26.12252  ? 91  VAL A CG1 1 
ATOM   672  C CG2 . VAL A 1 110 ? 9.05093   -4.46124  2.81449   1.000 27.81644  ? 91  VAL A CG2 1 
ATOM   673  N N   . ALA A 1 111 ? 8.51268   -0.12037  1.46071   1.000 33.87448  ? 92  ALA A N   1 
ATOM   674  C CA  . ALA A 1 111 ? 8.85354   1.12541   0.78098   1.000 31.45365  ? 92  ALA A CA  1 
ATOM   675  C C   . ALA A 1 111 ? 8.77073   2.31831   1.72531   1.000 31.57727  ? 92  ALA A C   1 
ATOM   676  O O   . ALA A 1 111 ? 9.60265   3.23104   1.65434   1.000 35.93753  ? 92  ALA A O   1 
ATOM   677  C CB  . ALA A 1 111 ? 7.93903   1.33246   -0.42661  1.000 27.75054  ? 92  ALA A CB  1 
ATOM   678  N N   . LEU A 1 112 ? 7.77299   2.33446   2.61222   1.000 28.08402  ? 93  LEU A N   1 
ATOM   679  C CA  . LEU A 1 112 ? 7.66510   3.42464   3.57710   1.000 39.37504  ? 93  LEU A CA  1 
ATOM   680  C C   . LEU A 1 112 ? 8.86250   3.46299   4.51770   1.000 44.87017  ? 93  LEU A C   1 
ATOM   681  O O   . LEU A 1 112 ? 9.25784   4.54095   4.97875   1.000 37.91141  ? 93  LEU A O   1 
ATOM   682  C CB  . LEU A 1 112 ? 6.36875   3.29397   4.37673   1.000 37.85141  ? 93  LEU A CB  1 
ATOM   683  C CG  . LEU A 1 112 ? 5.08280   3.64205   3.62776   1.000 35.79592  ? 93  LEU A CG  1 
ATOM   684  C CD1 . LEU A 1 112 ? 3.86759   3.35621   4.49172   1.000 37.81680  ? 93  LEU A CD1 1 
ATOM   685  C CD2 . LEU A 1 112 ? 5.10263   5.10059   3.19681   1.000 31.01508  ? 93  LEU A CD2 1 
ATOM   686  N N   . GLU A 1 113 ? 9.45547   2.30531   4.80513   1.000 49.02316  ? 94  GLU A N   1 
ATOM   687  C CA  . GLU A 1 113 ? 10.59670  2.25876   5.70933   1.000 36.46798  ? 94  GLU A CA  1 
ATOM   688  C C   . GLU A 1 113 ? 11.89674  2.63742   5.01008   1.000 28.60246  ? 94  GLU A C   1 
ATOM   689  O O   . GLU A 1 113 ? 12.82284  3.13076   5.66341   1.000 41.87258  ? 94  GLU A O   1 
ATOM   690  C CB  . GLU A 1 113 ? 10.69300  0.86860   6.34156   1.000 43.81075  ? 94  GLU A CB  1 
ATOM   691  C CG  . GLU A 1 113 ? 9.53502   0.57537   7.29580   1.000 54.88561  ? 94  GLU A CG  1 
ATOM   692  C CD  . GLU A 1 113 ? 9.36176   -0.89972  7.59723   1.000 75.39094  ? 94  GLU A CD  1 
ATOM   693  O OE1 . GLU A 1 113 ? 10.04179  -1.72444  6.95032   1.000 73.28580  ? 94  GLU A OE1 1 
ATOM   694  O OE2 . GLU A 1 113 ? 8.53851   -1.23045  8.47994   1.000 71.64856  ? 94  GLU A OE2 1 
ATOM   695  N N   . VAL A 1 114 ? 11.98786  2.41922   3.69581   1.000 40.36761  ? 95  VAL A N   1 
ATOM   696  C CA  . VAL A 1 114 ? 13.12565  2.93356   2.93856   1.000 28.57337  ? 95  VAL A CA  1 
ATOM   697  C C   . VAL A 1 114 ? 13.04814  4.45174   2.83710   1.000 39.46758  ? 95  VAL A C   1 
ATOM   698  O O   . VAL A 1 114 ? 14.05803  5.15134   2.98461   1.000 45.46160  ? 95  VAL A O   1 
ATOM   699  C CB  . VAL A 1 114 ? 13.18823  2.27523   1.54806   1.000 40.50859  ? 95  VAL A CB  1 
ATOM   700  C CG1 . VAL A 1 114 ? 14.31478  2.88181   0.71928   1.000 35.65485  ? 95  VAL A CG1 1 
ATOM   701  C CG2 . VAL A 1 114 ? 13.36802  0.76985   1.68216   1.000 32.62370  ? 95  VAL A CG2 1 
ATOM   702  N N   . LEU A 1 115 ? 11.84712  4.98533   2.59107   1.000 40.35232  ? 96  LEU A N   1 
ATOM   703  C CA  . LEU A 1 115 ? 11.66289  6.43299   2.56631   1.000 43.85159  ? 96  LEU A CA  1 
ATOM   704  C C   . LEU A 1 115 ? 11.93950  7.05996   3.92515   1.000 36.24152  ? 96  LEU A C   1 
ATOM   705  O O   . LEU A 1 115 ? 12.35003  8.22360   3.99960   1.000 36.13648  ? 96  LEU A O   1 
ATOM   706  C CB  . LEU A 1 115 ? 10.24495  6.77618   2.11565   1.000 38.85153  ? 96  LEU A CB  1 
ATOM   707  C CG  . LEU A 1 115 ? 9.94794   6.75135   0.62025   1.000 54.07557  ? 96  LEU A CG  1 
ATOM   708  C CD1 . LEU A 1 115 ? 8.53573   7.24980   0.38288   1.000 36.61805  ? 96  LEU A CD1 1 
ATOM   709  C CD2 . LEU A 1 115 ? 10.95638  7.60019   -0.13511  1.000 42.36574  ? 96  LEU A CD2 1 
ATOM   710  N N   . LEU A 1 116 ? 11.69981  6.31831   5.00764   1.000 33.72207  ? 97  LEU A N   1 
ATOM   711  C CA  . LEU A 1 116 ? 12.07165  6.80866   6.32927   1.000 36.69711  ? 97  LEU A CA  1 
ATOM   712  C C   . LEU A 1 116 ? 13.58687  6.84405   6.48903   1.000 42.11134  ? 97  LEU A C   1 
ATOM   713  O O   . LEU A 1 116 ? 14.14241  7.84587   6.95766   1.000 35.54933  ? 97  LEU A O   1 
ATOM   714  C CB  . LEU A 1 116 ? 11.42491  5.93988   7.41186   1.000 38.95086  ? 97  LEU A CB  1 
ATOM   715  C CG  . LEU A 1 116 ? 11.70745  6.24963   8.88724   1.000 38.21261  ? 97  LEU A CG  1 
ATOM   716  C CD1 . LEU A 1 116 ? 11.43574  7.70888   9.21248   1.000 34.86200  ? 97  LEU A CD1 1 
ATOM   717  C CD2 . LEU A 1 116 ? 10.88121  5.34214   9.79107   1.000 49.40789  ? 97  LEU A CD2 1 
ATOM   718  N N   . GLU A 1 117 ? 14.27194  5.76550   6.08764   1.000 39.25774  ? 98  GLU A N   1 
ATOM   719  C CA  . GLU A 1 117 ? 15.72828  5.72074   6.20096   1.000 41.48001  ? 98  GLU A CA  1 
ATOM   720  C C   . GLU A 1 117 ? 16.37840  6.85552   5.41988   1.000 52.91803  ? 98  GLU A C   1 
ATOM   721  O O   . GLU A 1 117 ? 17.36778  7.44446   5.87262   1.000 57.92666  ? 98  GLU A O   1 
ATOM   722  C CB  . GLU A 1 117 ? 16.26451  4.37074   5.71613   1.000 34.32032  ? 98  GLU A CB  1 
ATOM   723  C CG  . GLU A 1 117 ? 15.99429  3.19652   6.64326   1.000 45.16484  ? 98  GLU A CG  1 
ATOM   724  C CD  . GLU A 1 117 ? 17.02494  2.09189   6.48469   1.000 63.60279  ? 98  GLU A CD  1 
ATOM   725  O OE1 . GLU A 1 117 ? 18.22817  2.41145   6.37212   1.000 72.18677  ? 98  GLU A OE1 1 
ATOM   726  O OE2 . GLU A 1 117 ? 16.63514  0.90624   6.46661   1.000 67.96258  ? 98  GLU A OE2 1 
ATOM   727  N N   . LEU A 1 118 ? 15.83627  7.17679   4.24388   1.000 39.60624  ? 99  LEU A N   1 
ATOM   728  C CA  . LEU A 1 118 ? 16.35319  8.27337   3.43571   1.000 39.89780  ? 99  LEU A CA  1 
ATOM   729  C C   . LEU A 1 118 ? 15.94559  9.64162   3.96342   1.000 39.77365  ? 99  LEU A C   1 
ATOM   730  O O   . LEU A 1 118 ? 16.45258  10.65390  3.46717   1.000 41.93834  ? 99  LEU A O   1 
ATOM   731  C CB  . LEU A 1 118 ? 15.88246  8.12901   1.98435   1.000 37.56815  ? 99  LEU A CB  1 
ATOM   732  C CG  . LEU A 1 118 ? 16.33306  6.88171   1.21992   1.000 40.33073  ? 99  LEU A CG  1 
ATOM   733  C CD1 . LEU A 1 118 ? 15.77137  6.88893   -0.19309  1.000 37.56921  ? 99  LEU A CD1 1 
ATOM   734  C CD2 . LEU A 1 118 ? 17.85106  6.78926   1.19578   1.000 43.96398  ? 99  LEU A CD2 1 
ATOM   735  N N   . GLY A 1 119 ? 15.05579  9.69851   4.95075   1.000 47.00390  ? 100 GLY A N   1 
ATOM   736  C CA  . GLY A 1 119 ? 14.55622  10.96833  5.43626   1.000 55.32854  ? 100 GLY A CA  1 
ATOM   737  C C   . GLY A 1 119 ? 13.82033  11.73598  4.35841   1.000 46.69019  ? 100 GLY A C   1 
ATOM   738  O O   . GLY A 1 119 ? 14.14716  12.89118  4.07061   1.000 49.22365  ? 100 GLY A O   1 
ATOM   739  N N   . ALA A 1 120 ? 12.82963  11.09273  3.74763   1.000 51.06045  ? 101 ALA A N   1 
ATOM   740  C CA  . ALA A 1 120 ? 12.06366  11.71530  2.68138   1.000 43.88288  ? 101 ALA A CA  1 
ATOM   741  C C   . ALA A 1 120 ? 11.13369  12.78829  3.24023   1.000 45.34292  ? 101 ALA A C   1 
ATOM   742  O O   . ALA A 1 120 ? 10.79807  12.80363  4.42826   1.000 55.90651  ? 101 ALA A O   1 
ATOM   743  C CB  . ALA A 1 120 ? 11.25198  10.66538  1.92424   1.000 42.46854  ? 101 ALA A CB  1 
ATOM   744  N N   . SER A 1 121 ? 10.72119  13.69794  2.36349   1.000 34.02427  ? 102 SER A N   1 
ATOM   745  C CA  . SER A 1 121 ? 9.76125   14.71281  2.76360   1.000 36.76640  ? 102 SER A CA  1 
ATOM   746  C C   . SER A 1 121 ? 8.45552   14.03846  3.17487   1.000 55.54935  ? 102 SER A C   1 
ATOM   747  O O   . SER A 1 121 ? 8.05874   13.03589  2.56820   1.000 47.62851  ? 102 SER A O   1 
ATOM   748  C CB  . SER A 1 121 ? 9.50517   15.70227  1.62553   1.000 56.22899  ? 102 SER A CB  1 
ATOM   749  O OG  . SER A 1 121 ? 8.71250   15.11788  0.60591   1.000 60.75241  ? 102 SER A OG  1 
ATOM   750  N N   . PRO A 1 122 ? 7.77375   14.54384  4.20530   1.000 55.97086  ? 103 PRO A N   1 
ATOM   751  C CA  . PRO A 1 122 ? 6.52714   13.89649  4.64442   1.000 51.18788  ? 103 PRO A CA  1 
ATOM   752  C C   . PRO A 1 122 ? 5.47003   13.81751  3.55674   1.000 38.67362  ? 103 PRO A C   1 
ATOM   753  O O   . PRO A 1 122 ? 4.64657   12.89403  3.58130   1.000 32.82916  ? 103 PRO A O   1 
ATOM   754  C CB  . PRO A 1 122 ? 6.07051   14.77681  5.81714   1.000 40.53168  ? 103 PRO A CB  1 
ATOM   755  C CG  . PRO A 1 122 ? 7.32514   15.42898  6.30441   1.000 46.35924  ? 103 PRO A CG  1 
ATOM   756  C CD  . PRO A 1 122 ? 8.14874   15.67028  5.07574   1.000 30.06000  ? 103 PRO A CD  1 
ATOM   757  N N   . GLU A 1 123 ? 5.47909   14.74087  2.59171   1.000 39.64915  ? 104 GLU A N   1 
ATOM   758  C CA  . GLU A 1 123 ? 4.48509   14.70396  1.52511   1.000 38.78773  ? 104 GLU A CA  1 
ATOM   759  C C   . GLU A 1 123 ? 4.65754   13.47683  0.64087   1.000 36.50669  ? 104 GLU A C   1 
ATOM   760  O O   . GLU A 1 123 ? 3.66628   12.93334  0.13883   1.000 29.84482  ? 104 GLU A O   1 
ATOM   761  C CB  . GLU A 1 123 ? 4.55916   15.97975  0.68434   1.000 39.42819  ? 104 GLU A CB  1 
ATOM   762  C CG  . GLU A 1 123 ? 4.37104   17.26999  1.47789   1.000 55.13518  ? 104 GLU A CG  1 
ATOM   763  C CD  . GLU A 1 123 ? 5.65694   17.75563  2.12729   1.000 73.86527  ? 104 GLU A CD  1 
ATOM   764  O OE1 . GLU A 1 123 ? 6.68762   17.83294  1.42355   1.000 72.56232  ? 104 GLU A OE1 1 
ATOM   765  O OE2 . GLU A 1 123 ? 5.63866   18.05330  3.34145   1.000 76.93890  ? 104 GLU A OE2 1 
ATOM   766  N N   . LEU A 1 124 ? 5.89857   13.02609  0.43728   1.000 36.85343  ? 105 LEU A N   1 
ATOM   767  C CA  . LEU A 1 124 ? 6.11283   11.80471  -0.33102  1.000 31.88391  ? 105 LEU A CA  1 
ATOM   768  C C   . LEU A 1 124 ? 5.63361   10.57932  0.43109   1.000 27.30017  ? 105 LEU A C   1 
ATOM   769  O O   . LEU A 1 124 ? 5.16431   9.61491   -0.18365  1.000 23.80964  ? 105 LEU A O   1 
ATOM   770  C CB  . LEU A 1 124 ? 7.58789   11.66080  -0.70610  1.000 36.85323  ? 105 LEU A CB  1 
ATOM   771  C CG  . LEU A 1 124 ? 8.05146   12.61381  -1.80862  1.000 37.66826  ? 105 LEU A CG  1 
ATOM   772  C CD1 . LEU A 1 124 ? 9.53582   12.46464  -2.06496  1.000 39.93738  ? 105 LEU A CD1 1 
ATOM   773  C CD2 . LEU A 1 124 ? 7.26073   12.36680  -3.08216  1.000 28.91881  ? 105 LEU A CD2 1 
ATOM   774  N N   . ILE A 1 125 ? 5.73452   10.60214  1.76150   1.000 29.53654  ? 106 ILE A N   1 
ATOM   775  C CA  . ILE A 1 125 ? 5.17985   9.52300   2.57573   1.000 24.48784  ? 106 ILE A CA  1 
ATOM   776  C C   . ILE A 1 125 ? 3.67042   9.42953   2.37318   1.000 31.25819  ? 106 ILE A C   1 
ATOM   777  O O   . ILE A 1 125 ? 3.12692   8.35396   2.09545   1.000 27.13332  ? 106 ILE A O   1 
ATOM   778  C CB  . ILE A 1 125 ? 5.53909   9.73790   4.05768   1.000 35.46223  ? 106 ILE A CB  1 
ATOM   779  C CG1 . ILE A 1 125 ? 7.05424   9.68440   4.25521   1.000 38.41348  ? 106 ILE A CG1 1 
ATOM   780  C CG2 . ILE A 1 125 ? 4.85059   8.71232   4.93811   1.000 19.22670  ? 106 ILE A CG2 1 
ATOM   781  C CD1 . ILE A 1 125 ? 7.64021   8.31114   4.05914   1.000 36.93732  ? 106 ILE A CD1 1 
ATOM   782  N N   . VAL A 1 126 ? 2.97080   10.55939  2.50825   1.000 33.08617  ? 107 VAL A N   1 
ATOM   783  C CA  . VAL A 1 126 ? 1.52237   10.56765  2.31660   1.000 34.13590  ? 107 VAL A CA  1 
ATOM   784  C C   . VAL A 1 126 ? 1.17206   10.15379  0.89457   1.000 31.91722  ? 107 VAL A C   1 
ATOM   785  O O   . VAL A 1 126 ? 0.23478   9.37773   0.67179   1.000 45.09488  ? 107 VAL A O   1 
ATOM   786  C CB  . VAL A 1 126 ? 0.94521   11.95326  2.66284   1.000 38.67525  ? 107 VAL A CB  1 
ATOM   787  C CG1 . VAL A 1 126 ? -0.54498  12.00273  2.36072   1.000 30.07464  ? 107 VAL A CG1 1 
ATOM   788  C CG2 . VAL A 1 126 ? 1.20665   12.28552  4.12346   1.000 24.11694  ? 107 VAL A CG2 1 
ATOM   789  N N   . ARG A 1 127 ? 1.92368   10.65876  -0.08718  1.000 26.93595  ? 108 ARG A N   1 
ATOM   790  C CA  . ARG A 1 127 ? 1.70093   10.27417  -1.47855  1.000 30.77961  ? 108 ARG A CA  1 
ATOM   791  C C   . ARG A 1 127 ? 1.74782   8.75872   -1.64757  1.000 33.70998  ? 108 ARG A C   1 
ATOM   792  O O   . ARG A 1 127 ? 0.80246   8.14857   -2.16284  1.000 30.52316  ? 108 ARG A O   1 
ATOM   793  C CB  . ARG A 1 127 ? 2.73859   10.95532  -2.37462  1.000 33.09625  ? 108 ARG A CB  1 
ATOM   794  C CG  . ARG A 1 127 ? 2.91481   10.32919  -3.74960  1.000 23.18409  ? 108 ARG A CG  1 
ATOM   795  C CD  . ARG A 1 127 ? 1.66782   10.45508  -4.60462  1.000 42.91847  ? 108 ARG A CD  1 
ATOM   796  N NE  . ARG A 1 127 ? 1.93502   10.05569  -5.97996  1.000 44.21406  ? 108 ARG A NE  1 
ATOM   797  C CZ  . ARG A 1 127 ? 2.39787   10.87204  -6.91590  1.000 45.39420  ? 108 ARG A CZ  1 
ATOM   798  N NH1 . ARG A 1 127 ? 2.62143   12.15242  -6.66614  1.000 44.89820  ? 108 ARG A NH1 1 
ATOM   799  N NH2 . ARG A 1 127 ? 2.64677   10.39120  -8.13131  1.000 37.68169  ? 108 ARG A NH2 1 
ATOM   800  N N   . LEU A 1 128 ? 2.84457   8.13256   -1.21594  1.000 26.45779  ? 109 LEU A N   1 
ATOM   801  C CA  . LEU A 1 128 ? 2.96012   6.68369   -1.33727  1.000 31.69435  ? 109 LEU A CA  1 
ATOM   802  C C   . LEU A 1 128 ? 1.86910   5.97152   -0.54747  1.000 36.19873  ? 109 LEU A C   1 
ATOM   803  O O   . LEU A 1 128 ? 1.29247   4.98721   -1.02589  1.000 33.83629  ? 109 LEU A O   1 
ATOM   804  C CB  . LEU A 1 128 ? 4.34200   6.22754   -0.87255  1.000 27.63817  ? 109 LEU A CB  1 
ATOM   805  C CG  . LEU A 1 128 ? 4.55662   4.71431   -0.88115  1.000 25.91992  ? 109 LEU A CG  1 
ATOM   806  C CD1 . LEU A 1 128 ? 4.32364   4.14850   -2.27425  1.000 28.29754  ? 109 LEU A CD1 1 
ATOM   807  C CD2 . LEU A 1 128 ? 5.94751   4.37554   -0.38450  1.000 42.31448  ? 109 LEU A CD2 1 
ATOM   808  N N   . ALA A 1 129 ? 1.57118   6.45547   0.66203   1.000 37.20326  ? 110 ALA A N   1 
ATOM   809  C CA  . ALA A 1 129 ? 0.56019   5.80573   1.48786   1.000 18.91524  ? 110 ALA A CA  1 
ATOM   810  C C   . ALA A 1 129 ? -0.82107  5.92081   0.86176   1.000 31.28596  ? 110 ALA A C   1 
ATOM   811  O O   . ALA A 1 129 ? -1.55739  4.93112   0.79812   1.000 29.71056  ? 110 ALA A O   1 
ATOM   812  C CB  . ALA A 1 129 ? 0.56422   6.39863   2.89502   1.000 33.09506  ? 110 ALA A CB  1 
ATOM   813  N N   . GLU A 1 130 ? -1.19040  7.11834   0.39523   1.000 33.21642  ? 111 GLU A N   1 
ATOM   814  C CA  . GLU A 1 130 ? -2.46551  7.28395   -0.29599  1.000 28.68996  ? 111 GLU A CA  1 
ATOM   815  C C   . GLU A 1 130 ? -2.57092  6.34752   -1.48891  1.000 41.46129  ? 111 GLU A C   1 
ATOM   816  O O   . GLU A 1 130 ? -3.62017  5.73484   -1.71193  1.000 41.69053  ? 111 GLU A O   1 
ATOM   817  C CB  . GLU A 1 130 ? -2.63942  8.72858   -0.75709  1.000 44.02895  ? 111 GLU A CB  1 
ATOM   818  C CG  . GLU A 1 130 ? -3.01118  9.71122   0.33270   1.000 56.53706  ? 111 GLU A CG  1 
ATOM   819  C CD  . GLU A 1 130 ? -3.11396  11.12633  -0.19233  1.000 76.45973  ? 111 GLU A CD  1 
ATOM   820  O OE1 . GLU A 1 130 ? -2.60449  11.38237  -1.30408  1.000 64.40097  ? 111 GLU A OE1 1 
ATOM   821  O OE2 . GLU A 1 130 ? -3.70545  11.97779  0.50084   1.000 80.76715  ? 111 GLU A OE2 1 
ATOM   822  N N   . THR A 1 131 ? -1.49606  6.23035   -2.27217  1.000 37.05041  ? 112 THR A N   1 
ATOM   823  C CA  . THR A 1 131 ? -1.50942  5.32932   -3.41929  1.000 30.59310  ? 112 THR A CA  1 
ATOM   824  C C   . THR A 1 131 ? -1.79738  3.89604   -2.98634  1.000 30.78797  ? 112 THR A C   1 
ATOM   825  O O   . THR A 1 131 ? -2.68005  3.23209   -3.54271  1.000 25.07864  ? 112 THR A O   1 
ATOM   826  C CB  . THR A 1 131 ? -0.17761  5.41678   -4.16529  1.000 27.65573  ? 112 THR A CB  1 
ATOM   827  O OG1 . THR A 1 131 ? -0.02249  6.73265   -4.71241  1.000 34.74188  ? 112 THR A OG1 1 
ATOM   828  C CG2 . THR A 1 131 ? -0.13061  4.40076   -5.28686  1.000 27.17257  ? 112 THR A CG2 1 
ATOM   829  N N   . ALA A 1 132 ? -1.07569  3.40763   -1.97504  1.000 31.07056  ? 113 ALA A N   1 
ATOM   830  C CA  . ALA A 1 132 ? -1.28715  2.03610   -1.52243  1.000 26.71006  ? 113 ALA A CA  1 
ATOM   831  C C   . ALA A 1 132 ? -2.66923  1.85949   -0.90496  1.000 23.77455  ? 113 ALA A C   1 
ATOM   832  O O   . ALA A 1 132 ? -3.30715  0.81718   -1.09253  1.000 31.75506  ? 113 ALA A O   1 
ATOM   833  C CB  . ALA A 1 132 ? -0.19694  1.63567   -0.53057  1.000 35.53466  ? 113 ALA A CB  1 
ATOM   834  N N   . LEU A 1 133 ? -3.15472  2.86798   -0.17425  1.000 26.84877  ? 114 LEU A N   1 
ATOM   835  C CA  . LEU A 1 133 ? -4.47374  2.76007   0.44379   1.000 30.59476  ? 114 LEU A CA  1 
ATOM   836  C C   . LEU A 1 133 ? -5.58611  2.80851   -0.59951  1.000 32.78969  ? 114 LEU A C   1 
ATOM   837  O O   . LEU A 1 133 ? -6.60825  2.12839   -0.45326  1.000 31.84976  ? 114 LEU A O   1 
ATOM   838  C CB  . LEU A 1 133 ? -4.66617  3.86539   1.48328   1.000 32.92575  ? 114 LEU A CB  1 
ATOM   839  C CG  . LEU A 1 133 ? -3.79376  3.84387   2.74537   1.000 32.70294  ? 114 LEU A CG  1 
ATOM   840  C CD1 . LEU A 1 133 ? -4.19049  4.96989   3.69484   1.000 48.42425  ? 114 LEU A CD1 1 
ATOM   841  C CD2 . LEU A 1 133 ? -3.85762  2.49671   3.45071   1.000 27.88382  ? 114 LEU A CD2 1 
ATOM   842  N N   . GLU A 1 134 ? -5.41604  3.60740   -1.65706  1.000 28.59261  ? 115 GLU A N   1 
ATOM   843  C CA  . GLU A 1 134 ? -6.43269  3.63578   -2.70338  1.000 20.52574  ? 115 GLU A CA  1 
ATOM   844  C C   . GLU A 1 134 ? -6.51041  2.30517   -3.43840  1.000 27.98995  ? 115 GLU A C   1 
ATOM   845  O O   . GLU A 1 134 ? -7.60810  1.86134   -3.79703  1.000 32.98875  ? 115 GLU A O   1 
ATOM   846  C CB  . GLU A 1 134 ? -6.15706  4.77747   -3.68309  1.000 23.48598  ? 115 GLU A CB  1 
ATOM   847  C CG  . GLU A 1 134 ? -6.38778  6.16852   -3.09616  1.000 60.67563  ? 115 GLU A CG  1 
ATOM   848  C CD  . GLU A 1 134 ? -6.16307  7.28607   -4.10230  1.000 79.41075  ? 115 GLU A CD  1 
ATOM   849  O OE1 . GLU A 1 134 ? -6.63582  7.15922   -5.25159  1.000 73.22838  ? 115 GLU A OE1 1 
ATOM   850  O OE2 . GLU A 1 134 ? -5.51092  8.29120   -3.74402  1.000 62.88828  ? 115 GLU A OE2 1 
ATOM   851  N N   . ALA A 1 135 ? -5.36382  1.65244   -3.65660  1.000 30.02152  ? 116 ALA A N   1 
ATOM   852  C CA  . ALA A 1 135 ? -5.35633  0.36189   -4.33861  1.000 23.41917  ? 116 ALA A CA  1 
ATOM   853  C C   . ALA A 1 135 ? -6.04601  -0.70842  -3.50406  1.000 35.07424  ? 116 ALA A C   1 
ATOM   854  O O   . ALA A 1 135 ? -6.78394  -1.54016  -4.04357  1.000 44.14866  ? 116 ALA A O   1 
ATOM   855  C CB  . ALA A 1 135 ? -3.92238  -0.05564  -4.66670  1.000 31.47014  ? 116 ALA A CB  1 
ATOM   856  N N   . LEU A 1 136 ? -5.80921  -0.71318  -2.18932  1.000 30.85027  ? 117 LEU A N   1 
ATOM   857  C CA  . LEU A 1 136 ? -6.52548  -1.63710  -1.31548  1.000 32.87288  ? 117 LEU A CA  1 
ATOM   858  C C   . LEU A 1 136 ? -8.02520  -1.36323  -1.34248  1.000 33.22486  ? 117 LEU A C   1 
ATOM   859  O O   . LEU A 1 136 ? -8.83510  -2.29852  -1.37576  1.000 24.91309  ? 117 LEU A O   1 
ATOM   860  C CB  . LEU A 1 136 ? -5.97954  -1.53692  0.10964   1.000 33.35837  ? 117 LEU A CB  1 
ATOM   861  C CG  . LEU A 1 136 ? -4.50976  -1.92886  0.28501   1.000 33.38764  ? 117 LEU A CG  1 
ATOM   862  C CD1 . LEU A 1 136 ? -4.00839  -1.57138  1.67685   1.000 31.94344  ? 117 LEU A CD1 1 
ATOM   863  C CD2 . LEU A 1 136 ? -4.31615  -3.41337  0.00909   1.000 28.54862  ? 117 LEU A CD2 1 
ATOM   864  N N   . LEU A 1 137 ? -8.41126  -0.08283  -1.34320  1.000 28.09999  ? 118 LEU A N   1 
ATOM   865  C CA  . LEU A 1 137 ? -9.82351  0.27634   -1.43384  1.000 21.26697  ? 118 LEU A CA  1 
ATOM   866  C C   . LEU A 1 137 ? -10.43881 -0.22450  -2.73342  1.000 20.34078  ? 118 LEU A C   1 
ATOM   867  O O   . LEU A 1 137 ? -11.58903 -0.67790  -2.75191  1.000 29.82795  ? 118 LEU A O   1 
ATOM   868  C CB  . LEU A 1 137 ? -9.98348  1.79183   -1.31184  1.000 34.92889  ? 118 LEU A CB  1 
ATOM   869  C CG  . LEU A 1 137 ? -11.35480 2.38125   -1.64929  1.000 41.63677  ? 118 LEU A CG  1 
ATOM   870  C CD1 . LEU A 1 137 ? -12.43217 1.84680   -0.71720  1.000 43.91285  ? 118 LEU A CD1 1 
ATOM   871  C CD2 . LEU A 1 137 ? -11.30165 3.89723   -1.59649  1.000 26.70869  ? 118 LEU A CD2 1 
ATOM   872  N N   . ALA A 1 138 ? -9.68598  -0.15818  -3.83179  1.000 38.57418  ? 119 ALA A N   1 
ATOM   873  C CA  . ALA A 1 138 ? -10.19697 -0.66414  -5.10056  1.000 30.44831  ? 119 ALA A CA  1 
ATOM   874  C C   . ALA A 1 138 ? -10.37079 -2.17741  -5.06062  1.000 30.76413  ? 119 ALA A C   1 
ATOM   875  O O   . ALA A 1 138 ? -11.36504 -2.70820  -5.57078  1.000 22.64703  ? 119 ALA A O   1 
ATOM   876  C CB  . ALA A 1 138 ? -9.26153  -0.25591  -6.23608  1.000 30.91017  ? 119 ALA A CB  1 
ATOM   877  N N   . ILE A 1 139 ? -9.41687  -2.88401  -4.44877  1.000 34.14109  ? 120 ILE A N   1 
ATOM   878  C CA  . ILE A 1 139 ? -9.47965  -4.34037  -4.37742  1.000 26.34445  ? 120 ILE A CA  1 
ATOM   879  C C   . ILE A 1 139 ? -10.67677 -4.78921  -3.54852  1.000 41.74597  ? 120 ILE A C   1 
ATOM   880  O O   . ILE A 1 139 ? -11.37651 -5.74319  -3.91146  1.000 40.18811  ? 120 ILE A O   1 
ATOM   881  C CB  . ILE A 1 139 ? -8.15650  -4.89313  -3.81657  1.000 33.78653  ? 120 ILE A CB  1 
ATOM   882  C CG1 . ILE A 1 139 ? -7.06351  -4.83479  -4.88796  1.000 27.38642  ? 120 ILE A CG1 1 
ATOM   883  C CG2 . ILE A 1 139 ? -8.33557  -6.31017  -3.27294  1.000 13.75662  ? 120 ILE A CG2 1 
ATOM   884  C CD1 . ILE A 1 139 ? -5.69584  -5.26793  -4.39593  1.000 14.36885  ? 120 ILE A CD1 1 
ATOM   885  N N   . ALA A 1 140 ? -10.93221 -4.11512  -2.42302  1.000 38.63182  ? 121 ALA A N   1 
ATOM   886  C CA  . ALA A 1 140 ? -12.07558 -4.47994  -1.59181  1.000 28.86767  ? 121 ALA A CA  1 
ATOM   887  C C   . ALA A 1 140 ? -13.38748 -4.20882  -2.31376  1.000 37.26911  ? 121 ALA A C   1 
ATOM   888  O O   . ALA A 1 140 ? -14.30678 -5.03466  -2.26978  1.000 49.19547  ? 121 ALA A O   1 
ATOM   889  C CB  . ALA A 1 140 ? -12.03077 -3.72540  -0.26487  1.000 20.53162  ? 121 ALA A CB  1 
ATOM   890  N N   . ARG A 1 141 ? -13.48832 -3.05855  -2.98736  1.000 28.37976  ? 122 ARG A N   1 
ATOM   891  C CA  . ARG A 1 141 ? -14.68377 -2.74985  -3.76793  1.000 45.51331  ? 122 ARG A CA  1 
ATOM   892  C C   . ARG A 1 141 ? -14.98331 -3.84199  -4.78711  1.000 40.14561  ? 122 ARG A C   1 
ATOM   893  O O   . ARG A 1 141 ? -16.14492 -4.21545  -4.98534  1.000 38.65075  ? 122 ARG A O   1 
ATOM   894  C CB  . ARG A 1 141 ? -14.51841 -1.40123  -4.46710  1.000 40.62316  ? 122 ARG A CB  1 
ATOM   895  C CG  . ARG A 1 141 ? -14.67737 -0.20997  -3.54717  1.000 35.22558  ? 122 ARG A CG  1 
ATOM   896  C CD  . ARG A 1 141 ? -14.37591 1.08451   -4.27423  1.000 39.89465  ? 122 ARG A CD  1 
ATOM   897  N NE  . ARG A 1 141 ? -14.97414 2.23038   -3.60123  1.000 41.42465  ? 122 ARG A NE  1 
ATOM   898  C CZ  . ARG A 1 141 ? -14.74778 3.49479   -3.92858  1.000 51.39983  ? 122 ARG A CZ  1 
ATOM   899  N NH1 . ARG A 1 141 ? -13.90660 3.81819   -4.89841  1.000 44.47771  ? 122 ARG A NH1 1 
ATOM   900  N NH2 . ARG A 1 141 ? -15.38057 4.45878   -3.26559  1.000 62.46292  ? 122 ARG A NH2 1 
ATOM   901  N N   . LEU A 1 142 ? -13.95154 -4.36970  -5.44129  1.000 32.89758  ? 123 LEU A N   1 
ATOM   902  C CA  . LEU A 1 142 ? -14.15703 -5.42737  -6.42020  1.000 38.64688  ? 123 LEU A CA  1 
ATOM   903  C C   . LEU A 1 142 ? -14.38766 -6.79166  -5.78263  1.000 39.02495  ? 123 LEU A C   1 
ATOM   904  O O   . LEU A 1 142 ? -14.74667 -7.73593  -6.49442  1.000 48.94687  ? 123 LEU A O   1 
ATOM   905  C CB  . LEU A 1 142 ? -12.96003 -5.49363  -7.37395  1.000 29.89297  ? 123 LEU A CB  1 
ATOM   906  C CG  . LEU A 1 142 ? -12.68413 -4.20811  -8.16012  1.000 44.36998  ? 123 LEU A CG  1 
ATOM   907  C CD1 . LEU A 1 142 ? -11.43569 -4.34805  -9.01145  1.000 30.72449  ? 123 LEU A CD1 1 
ATOM   908  C CD2 . LEU A 1 142 ? -13.88268 -3.83234  -9.02050  1.000 43.68868  ? 123 LEU A CD2 1 
ATOM   909  N N   . GLY A 1 143 ? -14.20439 -6.91899  -4.46808  1.000 36.84515  ? 124 GLY A N   1 
ATOM   910  C CA  . GLY A 1 143 ? -14.33455 -8.19123  -3.79489  1.000 55.34864  ? 124 GLY A CA  1 
ATOM   911  C C   . GLY A 1 143 ? -15.62466 -8.31606  -2.99395  1.000 43.33819  ? 124 GLY A C   1 
ATOM   912  O O   . GLY A 1 143 ? -16.36289 -7.35747  -2.78518  1.000 40.51667  ? 124 GLY A O   1 
ATOM   913  N N   . GLY A 1 144 ? -15.87650 -9.53968  -2.53288  1.000 65.51492  ? 125 GLY A N   1 
ATOM   914  C CA  . GLY A 1 144 ? -17.07998 -9.84386  -1.78142  1.000 74.57706  ? 125 GLY A CA  1 
ATOM   915  C C   . GLY A 1 144 ? -17.11590 -9.24098  -0.39134  1.000 73.56115  ? 125 GLY A C   1 
ATOM   916  O O   . GLY A 1 144 ? -16.37618 -8.29725  -0.09595  1.000 73.05309  ? 125 GLY A O   1 
ATOM   917  N N   . GLU A 1 145 ? -17.97468 -9.78277  0.47640   1.000 73.49963  ? 126 GLU A N   1 
ATOM   918  C CA  . GLU A 1 145 ? -18.14019 -9.21980  1.81336   1.000 71.29923  ? 126 GLU A CA  1 
ATOM   919  C C   . GLU A 1 145 ? -17.03473 -9.68397  2.75552   1.000 69.12769  ? 126 GLU A C   1 
ATOM   920  O O   . GLU A 1 145 ? -16.40111 -8.86465  3.43050   1.000 66.40933  ? 126 GLU A O   1 
ATOM   921  C CB  . GLU A 1 145 ? -19.51645 -9.58672  2.37306   1.000 82.56244  ? 126 GLU A CB  1 
ATOM   922  C CG  . GLU A 1 145 ? -19.82710 -8.94893  3.71792   1.000 83.75503  ? 126 GLU A CG  1 
ATOM   923  C CD  . GLU A 1 145 ? -21.23110 -9.25457  4.19734   1.000 88.98182  ? 126 GLU A CD  1 
ATOM   924  O OE1 . GLU A 1 145 ? -21.95101 -10.00075 3.49977   1.000 100.12972 ? 126 GLU A OE1 1 
ATOM   925  O OE2 . GLU A 1 145 ? -21.61408 -8.74603  5.27151   1.000 84.50723  ? 126 GLU A OE2 1 
ATOM   926  N N   . GLU A 1 146 ? -16.79340 -10.99651 2.82122   1.000 64.63436  ? 127 GLU A N   1 
ATOM   927  C CA  . GLU A 1 146 ? -15.67306 -11.50288 3.60703   1.000 58.48095  ? 127 GLU A CA  1 
ATOM   928  C C   . GLU A 1 146 ? -14.33667 -11.04465 3.04021   1.000 61.65377  ? 127 GLU A C   1 
ATOM   929  O O   . GLU A 1 146 ? -13.33032 -11.05088 3.75807   1.000 59.77054  ? 127 GLU A O   1 
ATOM   930  C CB  . GLU A 1 146 ? -15.72123 -13.03184 3.68383   1.000 60.82647  ? 127 GLU A CB  1 
ATOM   931  C CG  . GLU A 1 146 ? -15.70475 -13.73917 2.33444   1.000 75.70944  ? 127 GLU A CG  1 
ATOM   932  C CD  . GLU A 1 146 ? -17.06253 -13.75387 1.65663   1.000 93.87341  ? 127 GLU A CD  1 
ATOM   933  O OE1 . GLU A 1 146 ? -18.08616 -13.77789 2.37289   1.000 85.45314  ? 127 GLU A OE1 1 
ATOM   934  O OE2 . GLU A 1 146 ? -17.10363 -13.73386 0.40770   1.000 113.14427 ? 127 GLU A OE2 1 
ATOM   935  N N   . LEU A 1 147 ? -14.31101 -10.64995 1.76695   1.000 66.82405  ? 128 LEU A N   1 
ATOM   936  C CA  . LEU A 1 147 ? -13.13173 -10.01185 1.19483   1.000 52.69739  ? 128 LEU A CA  1 
ATOM   937  C C   . LEU A 1 147 ? -12.86384 -8.66947  1.86731   1.000 49.90146  ? 128 LEU A C   1 
ATOM   938  O O   . LEU A 1 147 ? -11.73940 -8.39018  2.30008   1.000 37.90924  ? 128 LEU A O   1 
ATOM   939  C CB  . LEU A 1 147 ? -13.33719 -9.83573  -0.31365  1.000 67.68535  ? 128 LEU A CB  1 
ATOM   940  C CG  . LEU A 1 147 ? -12.18247 -9.76603  -1.32093  1.000 55.07332  ? 128 LEU A CG  1 
ATOM   941  C CD1 . LEU A 1 147 ? -11.36558 -8.49299  -1.17244  1.000 45.69013  ? 128 LEU A CD1 1 
ATOM   942  C CD2 . LEU A 1 147 ? -11.29774 -10.99682 -1.22430  1.000 64.13052  ? 128 LEU A CD2 1 
ATOM   943  N N   . ALA A 1 148 ? -13.90151 -7.83606  1.98597   1.000 39.71581  ? 129 ALA A N   1 
ATOM   944  C CA  . ALA A 1 148 ? -13.73931 -6.45880  2.43648   1.000 45.99502  ? 129 ALA A CA  1 
ATOM   945  C C   . ALA A 1 148 ? -13.32535 -6.35505  3.89789   1.000 49.35749  ? 129 ALA A C   1 
ATOM   946  O O   . ALA A 1 148 ? -12.73224 -5.34327  4.29101   1.000 36.62028  ? 129 ALA A O   1 
ATOM   947  C CB  . ALA A 1 148 ? -15.03802 -5.68320  2.21265   1.000 55.90592  ? 129 ALA A CB  1 
ATOM   948  N N   . LEU A 1 149 ? -13.62643 -7.36455  4.71391   1.000 40.92975  ? 130 LEU A N   1 
ATOM   949  C CA  . LEU A 1 149 ? -13.23494 -7.29661  6.11744   1.000 42.21771  ? 130 LEU A CA  1 
ATOM   950  C C   . LEU A 1 149 ? -11.72633 -7.44111  6.27570   1.000 37.25922  ? 130 LEU A C   1 
ATOM   951  O O   . LEU A 1 149 ? -11.10333 -6.69094  7.03616   1.000 43.71291  ? 130 LEU A O   1 
ATOM   952  C CB  . LEU A 1 149 ? -13.97204 -8.36518  6.92518   1.000 36.00410  ? 130 LEU A CB  1 
ATOM   953  C CG  . LEU A 1 149 ? -13.71755 -8.39630  8.43388   1.000 27.65254  ? 130 LEU A CG  1 
ATOM   954  C CD1 . LEU A 1 149 ? -13.76989 -6.99534  9.02189   1.000 48.94419  ? 130 LEU A CD1 1 
ATOM   955  C CD2 . LEU A 1 149 ? -14.73451 -9.29863  9.11637   1.000 59.32369  ? 130 LEU A CD2 1 
ATOM   956  N N   . GLU A 1 150 ? -11.11793 -8.39058  5.55951   1.000 34.76900  ? 131 GLU A N   1 
ATOM   957  C CA  . GLU A 1 150 ? -9.67285  -8.56669  5.66292   1.000 44.28819  ? 131 GLU A CA  1 
ATOM   958  C C   . GLU A 1 150 ? -8.91267  -7.41537  5.01866   1.000 33.79422  ? 131 GLU A C   1 
ATOM   959  O O   . GLU A 1 150 ? -7.82865  -7.05419  5.49079   1.000 38.47943  ? 131 GLU A O   1 
ATOM   960  C CB  . GLU A 1 150 ? -9.24692  -9.89409  5.03492   1.000 53.52815  ? 131 GLU A CB  1 
ATOM   961  C CG  . GLU A 1 150 ? -9.78493  -11.12957 5.74173   1.000 51.21050  ? 131 GLU A CG  1 
ATOM   962  C CD  . GLU A 1 150 ? -9.32615  -11.23994 7.18769   1.000 77.86012  ? 131 GLU A CD  1 
ATOM   963  O OE1 . GLU A 1 150 ? -8.30748  -10.61523 7.55451   1.000 83.66886  ? 131 GLU A OE1 1 
ATOM   964  O OE2 . GLU A 1 150 ? -9.99147  -11.95602 7.96400   1.000 76.60396  ? 131 GLU A OE2 1 
ATOM   965  N N   . ILE A 1 151 ? -9.44755  -6.83876  3.93986   1.000 33.61168  ? 132 ILE A N   1 
ATOM   966  C CA  . ILE A 1 151 ? -8.82236  -5.65512  3.35643   1.000 39.12872  ? 132 ILE A CA  1 
ATOM   967  C C   . ILE A 1 151 ? -8.80875  -4.51652  4.36577   1.000 36.50337  ? 132 ILE A C   1 
ATOM   968  O O   . ILE A 1 151 ? -7.80343  -3.81120  4.51517   1.000 40.73597  ? 132 ILE A O   1 
ATOM   969  C CB  . ILE A 1 151 ? -9.54278  -5.24139  2.06043   1.000 38.24732  ? 132 ILE A CB  1 
ATOM   970  C CG1 . ILE A 1 151 ? -9.59862  -6.40630  1.07399   1.000 28.52815  ? 132 ILE A CG1 1 
ATOM   971  C CG2 . ILE A 1 151 ? -8.84037  -4.05079  1.43075   1.000 37.49600  ? 132 ILE A CG2 1 
ATOM   972  C CD1 . ILE A 1 151 ? -8.26185  -6.80296  0.52534   1.000 30.58966  ? 132 ILE A CD1 1 
ATOM   973  N N   . ALA A 1 152 ? -9.92309  -4.32531  5.07904   1.000 30.83612  ? 133 ALA A N   1 
ATOM   974  C CA  . ALA A 1 152 ? -10.00687 -3.25141  6.06299   1.000 27.91238  ? 133 ALA A CA  1 
ATOM   975  C C   . ALA A 1 152 ? -8.93297  -3.39426  7.13416   1.000 27.69106  ? 133 ALA A C   1 
ATOM   976  O O   . ALA A 1 152 ? -8.31854  -2.40135  7.54098   1.000 33.34032  ? 133 ALA A O   1 
ATOM   977  C CB  . ALA A 1 152 ? -11.39896 -3.22950  6.69132   1.000 32.79128  ? 133 ALA A CB  1 
ATOM   978  N N   . ARG A 1 153 ? -8.68833  -4.62196  7.60172   1.000 32.22666  ? 134 ARG A N   1 
ATOM   979  C CA  . ARG A 1 153 ? -7.61332  -4.83638  8.56539   1.000 24.98575  ? 134 ARG A CA  1 
ATOM   980  C C   . ARG A 1 153 ? -6.25747  -4.54917  7.93625   1.000 35.00508  ? 134 ARG A C   1 
ATOM   981  O O   . ARG A 1 153 ? -5.39254  -3.92272  8.56246   1.000 40.95867  ? 134 ARG A O   1 
ATOM   982  C CB  . ARG A 1 153 ? -7.66765  -6.26490  9.11032   1.000 34.98135  ? 134 ARG A CB  1 
ATOM   983  C CG  . ARG A 1 153 ? -6.44752  -6.66782  9.92819   1.000 52.39703  ? 134 ARG A CG  1 
ATOM   984  C CD  . ARG A 1 153 ? -5.54273  -7.60407  9.13910   1.000 76.93730  ? 134 ARG A CD  1 
ATOM   985  N NE  . ARG A 1 153 ? -4.18805  -7.64818  9.67543   1.000 76.49271  ? 134 ARG A NE  1 
ATOM   986  C CZ  . ARG A 1 153 ? -3.77301  -8.50454  10.59804  1.000 81.28581  ? 134 ARG A CZ  1 
ATOM   987  N NH1 . ARG A 1 153 ? -4.58939  -9.40313  11.12559  1.000 64.33166  ? 134 ARG A NH1 1 
ATOM   988  N NH2 . ARG A 1 153 ? -2.50680  -8.45859  11.00023  1.000 74.17793  ? 134 ARG A NH2 1 
ATOM   989  N N   . ILE A 1 154 ? -6.06036  -4.99598  6.69383   1.000 48.50177  ? 135 ILE A N   1 
ATOM   990  C CA  . ILE A 1 154 ? -4.83043  -4.69102  5.96960   1.000 28.13460  ? 135 ILE A CA  1 
ATOM   991  C C   . ILE A 1 154 ? -4.69154  -3.18658  5.77576   1.000 32.72471  ? 135 ILE A C   1 
ATOM   992  O O   . ILE A 1 154 ? -3.63608  -2.60206  6.05263   1.000 29.00399  ? 135 ILE A O   1 
ATOM   993  C CB  . ILE A 1 154 ? -4.81490  -5.45028  4.62914   1.000 40.76147  ? 135 ILE A CB  1 
ATOM   994  C CG1 . ILE A 1 154 ? -4.67185  -6.95639  4.87836   1.000 34.29966  ? 135 ILE A CG1 1 
ATOM   995  C CG2 . ILE A 1 154 ? -3.71593  -4.93037  3.72353   1.000 35.49499  ? 135 ILE A CG2 1 
ATOM   996  C CD1 . ILE A 1 154 ? -4.98864  -7.81823  3.67188   1.000 27.75001  ? 135 ILE A CD1 1 
ATOM   997  N N   . LEU A 1 155 ? -5.76533  -2.53429  5.32036   1.000 36.74669  ? 136 LEU A N   1 
ATOM   998  C CA  . LEU A 1 155 ? -5.73658  -1.09051  5.10623   1.000 28.95272  ? 136 LEU A CA  1 
ATOM   999  C C   . LEU A 1 155 ? -5.44712  -0.34152  6.40214   1.000 37.54337  ? 136 LEU A C   1 
ATOM   1000 O O   . LEU A 1 155 ? -4.69208  0.63803   6.40643   1.000 40.24949  ? 136 LEU A O   1 
ATOM   1001 C CB  . LEU A 1 155 ? -7.06547  -0.63241  4.50004   1.000 29.07516  ? 136 LEU A CB  1 
ATOM   1002 C CG  . LEU A 1 155 ? -7.20272  0.81548   4.01607   1.000 41.78467  ? 136 LEU A CG  1 
ATOM   1003 C CD1 . LEU A 1 155 ? -8.14930  0.87656   2.82925   1.000 36.00690  ? 136 LEU A CD1 1 
ATOM   1004 C CD2 . LEU A 1 155 ? -7.69647  1.73742   5.12415   1.000 35.35769  ? 136 LEU A CD2 1 
ATOM   1005 N N   . ALA A 1 156 ? -6.03742  -0.78553  7.51299   1.000 34.36949  ? 137 ALA A N   1 
ATOM   1006 C CA  . ALA A 1 156 ? -5.81530  -0.10684  8.78572   1.000 33.25162  ? 137 ALA A CA  1 
ATOM   1007 C C   . ALA A 1 156 ? -4.37035  -0.25844  9.24595   1.000 39.56208  ? 137 ALA A C   1 
ATOM   1008 O O   . ALA A 1 156 ? -3.73998  0.71451   9.67659   1.000 39.80138  ? 137 ALA A O   1 
ATOM   1009 C CB  . ALA A 1 156 ? -6.77440  -0.64868  9.84412   1.000 32.30171  ? 137 ALA A CB  1 
ATOM   1010 N N   . GLU A 1 157 ? -3.82803  -1.47778  9.16651   1.000 34.64913  ? 138 GLU A N   1 
ATOM   1011 C CA  . GLU A 1 157 ? -2.45882  -1.70352  9.62097   1.000 32.78163  ? 138 GLU A CA  1 
ATOM   1012 C C   . GLU A 1 157 ? -1.45497  -0.93458  8.77129   1.000 48.33003  ? 138 GLU A C   1 
ATOM   1013 O O   . GLU A 1 157 ? -0.43529  -0.46076  9.28628   1.000 38.98494  ? 138 GLU A O   1 
ATOM   1014 C CB  . GLU A 1 157 ? -2.13607  -3.19960  9.60696   1.000 52.37880  ? 138 GLU A CB  1 
ATOM   1015 C CG  . GLU A 1 157 ? -0.91030  -3.58210  10.42396  1.000 53.45948  ? 138 GLU A CG  1 
ATOM   1016 C CD  . GLU A 1 157 ? -0.64956  -5.07949  10.43380  1.000 77.80702  ? 138 GLU A CD  1 
ATOM   1017 O OE1 . GLU A 1 157 ? -0.82852  -5.72346  9.37807   1.000 86.81110  ? 138 GLU A OE1 1 
ATOM   1018 O OE2 . GLU A 1 157 ? -0.26914  -5.61293  11.49901  1.000 75.25261  ? 138 GLU A OE2 1 
ATOM   1019 N N   . LEU A 1 158 ? -1.72907  -0.78680  7.47550   1.000 36.27270  ? 139 LEU A N   1 
ATOM   1020 C CA  . LEU A 1 158 ? -0.84168  -0.00009  6.62799   1.000 30.10731  ? 139 LEU A CA  1 
ATOM   1021 C C   . LEU A 1 158 ? -0.89582  1.47742   6.99605   1.000 31.08127  ? 139 LEU A C   1 
ATOM   1022 O O   . LEU A 1 158 ? 0.13711   2.15741   7.01122   1.000 37.73246  ? 139 LEU A O   1 
ATOM   1023 C CB  . LEU A 1 158 ? -1.20528  -0.20472  5.15694   1.000 20.58101  ? 139 LEU A CB  1 
ATOM   1024 C CG  . LEU A 1 158 ? -0.41676  0.61116   4.12933   1.000 28.19224  ? 139 LEU A CG  1 
ATOM   1025 C CD1 . LEU A 1 158 ? 1.07690   0.36002   4.25306   1.000 29.43141  ? 139 LEU A CD1 1 
ATOM   1026 C CD2 . LEU A 1 158 ? -0.89647  0.29026   2.72692   1.000 37.77157  ? 139 LEU A CD2 1 
ATOM   1027 N N   . ALA A 1 159 ? -2.09139  1.99340   7.29170   1.000 36.51298  ? 140 ALA A N   1 
ATOM   1028 C CA  . ALA A 1 159 ? -2.21996  3.40493   7.63929   1.000 30.39026  ? 140 ALA A CA  1 
ATOM   1029 C C   . ALA A 1 159 ? -1.57320  3.70371   8.98440   1.000 35.23607  ? 140 ALA A C   1 
ATOM   1030 O O   . ALA A 1 159 ? -0.99766  4.78116   9.17690   1.000 37.93836  ? 140 ALA A O   1 
ATOM   1031 C CB  . ALA A 1 159 ? -3.69131  3.81251   7.64982   1.000 35.61788  ? 140 ALA A CB  1 
ATOM   1032 N N   . GLU A 1 160 ? -1.66301  2.76574   9.92929   1.000 34.51431  ? 141 GLU A N   1 
ATOM   1033 C CA  . GLU A 1 160 ? -0.99653  2.94772   11.21437  1.000 38.02288  ? 141 GLU A CA  1 
ATOM   1034 C C   . GLU A 1 160 ? 0.51960   2.96468   11.04972  1.000 36.50266  ? 141 GLU A C   1 
ATOM   1035 O O   . GLU A 1 160 ? 1.21057   3.74774   11.71007  1.000 44.51597  ? 141 GLU A O   1 
ATOM   1036 C CB  . GLU A 1 160 ? -1.43593  1.85105   12.18568  1.000 49.08230  ? 141 GLU A CB  1 
ATOM   1037 C CG  . GLU A 1 160 ? -2.93935  1.86039   12.47209  1.000 58.00356  ? 141 GLU A CG  1 
ATOM   1038 C CD  . GLU A 1 160 ? -3.43312  0.58584   13.13806  1.000 57.86631  ? 141 GLU A CD  1 
ATOM   1039 O OE1 . GLU A 1 160 ? -2.59589  -0.27230  13.48776  1.000 68.23217  ? 141 GLU A OE1 1 
ATOM   1040 O OE2 . GLU A 1 160 ? -4.66304  0.44143   13.30972  1.000 59.45261  ? 141 GLU A OE2 1 
ATOM   1041 N N   . VAL A 1 161 ? 1.05206   2.11854   10.16369  1.000 45.67429  ? 142 VAL A N   1 
ATOM   1042 C CA  . VAL A 1 161 ? 2.48446   2.13969   9.86694   1.000 33.31330  ? 142 VAL A CA  1 
ATOM   1043 C C   . VAL A 1 161 ? 2.88530   3.49216   9.29236   1.000 40.34613  ? 142 VAL A C   1 
ATOM   1044 O O   . VAL A 1 161 ? 3.88003   4.09811   9.71046   1.000 41.91267  ? 142 VAL A O   1 
ATOM   1045 C CB  . VAL A 1 161 ? 2.84982   0.99306   8.90516   1.000 36.59470  ? 142 VAL A CB  1 
ATOM   1046 C CG1 . VAL A 1 161 ? 4.25971   1.17200   8.37141   1.000 29.12202  ? 142 VAL A CG1 1 
ATOM   1047 C CG2 . VAL A 1 161 ? 2.70766   -0.35349  9.59619   1.000 28.61191  ? 142 VAL A CG2 1 
ATOM   1048 N N   . ALA A 1 162 ? 2.10848   3.98682   8.32444   1.000 43.24234  ? 143 ALA A N   1 
ATOM   1049 C CA  . ALA A 1 162 ? 2.42387   5.26157   7.68909   1.000 31.03063  ? 143 ALA A CA  1 
ATOM   1050 C C   . ALA A 1 162 ? 2.31282   6.42659   8.66504   1.000 34.36331  ? 143 ALA A C   1 
ATOM   1051 O O   . ALA A 1 162 ? 3.01053   7.43440   8.50234   1.000 46.89421  ? 143 ALA A O   1 
ATOM   1052 C CB  . ALA A 1 162 ? 1.51290   5.48632   6.48216   1.000 18.57052  ? 143 ALA A CB  1 
ATOM   1053 N N   . LEU A 1 163 ? 1.44978   6.31529   9.67840   1.000 37.48544  ? 144 LEU A N   1 
ATOM   1054 C CA  . LEU A 1 163 ? 1.38087   7.35798   10.69893  1.000 38.70949  ? 144 LEU A CA  1 
ATOM   1055 C C   . LEU A 1 163 ? 2.61889   7.33922   11.58672  1.000 32.64135  ? 144 LEU A C   1 
ATOM   1056 O O   . LEU A 1 163 ? 3.11826   8.39740   11.98838  1.000 38.70396  ? 144 LEU A O   1 
ATOM   1057 C CB  . LEU A 1 163 ? 0.11316   7.19707   11.53954  1.000 36.58435  ? 144 LEU A CB  1 
ATOM   1058 C CG  . LEU A 1 163 ? -1.20520  7.59906   10.87382  1.000 34.33274  ? 144 LEU A CG  1 
ATOM   1059 C CD1 . LEU A 1 163 ? -2.37735  7.35040   11.80901  1.000 38.29143  ? 144 LEU A CD1 1 
ATOM   1060 C CD2 . LEU A 1 163 ? -1.16404  9.05693   10.43986  1.000 37.55339  ? 144 LEU A CD2 1 
ATOM   1061 N N   . GLU A 1 164 ? 3.13101   6.14569   11.90129  1.000 28.81427  ? 145 GLU A N   1 
ATOM   1062 C CA  . GLU A 1 164 ? 4.35938   6.05732   12.68317  1.000 40.70879  ? 145 GLU A CA  1 
ATOM   1063 C C   . GLU A 1 164 ? 5.55295   6.59110   11.90114  1.000 49.68581  ? 145 GLU A C   1 
ATOM   1064 O O   . GLU A 1 164 ? 6.44434   7.21862   12.48584  1.000 50.55548  ? 145 GLU A O   1 
ATOM   1065 C CB  . GLU A 1 164 ? 4.61055   4.61080   13.11977  1.000 54.42248  ? 145 GLU A CB  1 
ATOM   1066 C CG  . GLU A 1 164 ? 3.47674   3.97607   13.92831  1.000 61.50482  ? 145 GLU A CG  1 
ATOM   1067 C CD  . GLU A 1 164 ? 3.64749   4.12702   15.43122  1.000 91.96293  ? 145 GLU A CD  1 
ATOM   1068 O OE1 . GLU A 1 164 ? 4.57553   4.84462   15.86062  1.000 107.02537 ? 145 GLU A OE1 1 
ATOM   1069 O OE2 . GLU A 1 164 ? 2.85297   3.52021   16.18316  1.000 94.93832  ? 145 GLU A OE2 1 
ATOM   1070 N N   . VAL A 1 165 ? 5.58445   6.35843   10.58543  1.000 44.74830  ? 146 VAL A N   1 
ATOM   1071 C CA  . VAL A 1 165 ? 6.66074   6.89379   9.75608   1.000 31.46021  ? 146 VAL A CA  1 
ATOM   1072 C C   . VAL A 1 165 ? 6.61984   8.41692   9.74731   1.000 29.63277  ? 146 VAL A C   1 
ATOM   1073 O O   . VAL A 1 165 ? 7.65853   9.08019   9.85570   1.000 35.57010  ? 146 VAL A O   1 
ATOM   1074 C CB  . VAL A 1 165 ? 6.57388   6.31131   8.33287   1.000 32.23846  ? 146 VAL A CB  1 
ATOM   1075 C CG1 . VAL A 1 165 ? 7.57771   6.98103   7.41863   1.000 33.68328  ? 146 VAL A CG1 1 
ATOM   1076 C CG2 . VAL A 1 165 ? 6.79134   4.80579   8.35830   1.000 20.69585  ? 146 VAL A CG2 1 
ATOM   1077 N N   . LEU A 1 166 ? 5.42211   8.99604   9.62506   1.000 31.36266  ? 147 LEU A N   1 
ATOM   1078 C CA  . LEU A 1 166 ? 5.29285   10.44678  9.69871   1.000 36.11716  ? 147 LEU A CA  1 
ATOM   1079 C C   . LEU A 1 166 ? 5.67980   10.97515  11.07224  1.000 48.67690  ? 147 LEU A C   1 
ATOM   1080 O O   . LEU A 1 166 ? 6.20706   12.08693  11.17946  1.000 49.22468  ? 147 LEU A O   1 
ATOM   1081 C CB  . LEU A 1 166 ? 3.86244   10.87067  9.35903   1.000 48.83205  ? 147 LEU A CB  1 
ATOM   1082 C CG  . LEU A 1 166 ? 3.38090   10.79108  7.90774   1.000 44.79209  ? 147 LEU A CG  1 
ATOM   1083 C CD1 . LEU A 1 166 ? 1.91665   11.18192  7.82641   1.000 43.33075  ? 147 LEU A CD1 1 
ATOM   1084 C CD2 . LEU A 1 166 ? 4.22105   11.68294  7.01172   1.000 51.15375  ? 147 LEU A CD2 1 
ATOM   1085 N N   . LEU A 1 167 ? 5.41660   10.20595  12.13141  1.000 41.09145  ? 148 LEU A N   1 
ATOM   1086 C CA  . LEU A 1 167 ? 5.78714   10.65249  13.46829  1.000 40.65046  ? 148 LEU A CA  1 
ATOM   1087 C C   . LEU A 1 167 ? 7.30236   10.72880  13.62026  1.000 43.79567  ? 148 LEU A C   1 
ATOM   1088 O O   . LEU A 1 167 ? 7.81781   11.64012  14.27660  1.000 63.06918  ? 148 LEU A O   1 
ATOM   1089 C CB  . LEU A 1 167 ? 5.16691   9.72636   14.51769  1.000 54.60518  ? 148 LEU A CB  1 
ATOM   1090 C CG  . LEU A 1 167 ? 5.39616   10.06921  15.99230  1.000 52.17420  ? 148 LEU A CG  1 
ATOM   1091 C CD1 . LEU A 1 167 ? 5.03633   11.51818  16.29606  1.000 44.12054  ? 148 LEU A CD1 1 
ATOM   1092 C CD2 . LEU A 1 167 ? 4.60692   9.12575   16.89106  1.000 51.29658  ? 148 LEU A CD2 1 
ATOM   1093 N N   . GLU A 1 168 ? 8.03499   9.79257   13.01385  1.000 39.11744  ? 149 GLU A N   1 
ATOM   1094 C CA  . GLU A 1 168 ? 9.49006   9.80826   13.10102  1.000 45.97677  ? 149 GLU A CA  1 
ATOM   1095 C C   . GLU A 1 168 ? 10.13833  10.82422  12.16912  1.000 36.50392  ? 149 GLU A C   1 
ATOM   1096 O O   . GLU A 1 168 ? 11.35517  11.01634  12.24770  1.000 38.63938  ? 149 GLU A O   1 
ATOM   1097 C CB  . GLU A 1 168 ? 10.05392  8.41710   12.79921  1.000 46.41678  ? 149 GLU A CB  1 
ATOM   1098 C CG  . GLU A 1 168 ? 9.68202   7.35223   13.82174  1.000 76.10340  ? 149 GLU A CG  1 
ATOM   1099 C CD  . GLU A 1 168 ? 10.89875  6.66970   14.42454  1.000 77.60523  ? 149 GLU A CD  1 
ATOM   1100 O OE1 . GLU A 1 168 ? 11.69187  7.35248   15.10791  1.000 63.18178  ? 149 GLU A OE1 1 
ATOM   1101 O OE2 . GLU A 1 168 ? 11.06521  5.45053   14.20856  1.000 82.05489  ? 149 GLU A OE2 1 
ATOM   1102 N N   . LEU A 1 169 ? 9.36899   11.47837  11.29999  1.000 44.31192  ? 150 LEU A N   1 
ATOM   1103 C CA  . LEU A 1 169 ? 9.90710   12.43616  10.34125  1.000 37.29851  ? 150 LEU A CA  1 
ATOM   1104 C C   . LEU A 1 169 ? 9.50800   13.87375  10.65258  1.000 38.85394  ? 150 LEU A C   1 
ATOM   1105 O O   . LEU A 1 169 ? 9.73932   14.76241  9.82469   1.000 55.02481  ? 150 LEU A O   1 
ATOM   1106 C CB  . LEU A 1 169 ? 9.46085   12.07091  8.92174   1.000 49.58529  ? 150 LEU A CB  1 
ATOM   1107 C CG  . LEU A 1 169 ? 10.21525  10.97071  8.17154   1.000 32.83904  ? 150 LEU A CG  1 
ATOM   1108 C CD1 . LEU A 1 169 ? 9.37742   10.44629  7.01762   1.000 46.25240  ? 150 LEU A CD1 1 
ATOM   1109 C CD2 . LEU A 1 169 ? 11.54914  11.49031  7.65997   1.000 38.75708  ? 150 LEU A CD2 1 
ATOM   1110 N N   . GLY A 1 170 ? 8.91613   14.12565  11.81904  1.000 48.75253  ? 151 GLY A N   1 
ATOM   1111 C CA  . GLY A 1 170 ? 8.45027   15.45630  12.16148  1.000 56.78968  ? 151 GLY A CA  1 
ATOM   1112 C C   . GLY A 1 170 ? 7.08308   15.75195  11.58003  1.000 50.56295  ? 151 GLY A C   1 
ATOM   1113 O O   . GLY A 1 170 ? 6.13873   16.06725  12.31177  1.000 72.29217  ? 151 GLY A O   1 
ATOM   1114 N N   . ALA A 1 171 ? 6.97880   15.65586  10.25924  1.000 56.87004  ? 152 ALA A N   1 
ATOM   1115 C CA  . ALA A 1 171 ? 5.72040   15.78650  9.51482   1.000 69.06956  ? 152 ALA A CA  1 
ATOM   1116 C C   . ALA A 1 171 ? 5.06719   17.12683  9.85980   1.000 58.57032  ? 152 ALA A C   1 
ATOM   1117 O O   . ALA A 1 171 ? 5.74819   18.10190  10.20365  1.000 66.28135  ? 152 ALA A O   1 
ATOM   1118 C CB  . ALA A 1 171 ? 4.84451   14.57520  9.77506   1.000 48.87326  ? 152 ALA A CB  1 
ATOM   1119 N N   . SER A 1 172 ? 3.74379   17.17433  9.77081   1.000 42.89020  ? 153 SER A N   1 
ATOM   1120 C CA  . SER A 1 172 ? 2.96152   18.37441  10.00260  1.000 44.06775  ? 153 SER A CA  1 
ATOM   1121 C C   . SER A 1 172 ? 1.58640   17.93326  10.47453  1.000 54.95975  ? 153 SER A C   1 
ATOM   1122 O O   . SER A 1 172 ? 1.08808   16.89491  10.02483  1.000 45.94123  ? 153 SER A O   1 
ATOM   1123 C CB  . SER A 1 172 ? 2.84966   19.22742  8.72914   1.000 37.50538  ? 153 SER A CB  1 
ATOM   1124 O OG  . SER A 1 172 ? 1.97294   20.32355  8.91362   1.000 47.85414  ? 153 SER A OG  1 
ATOM   1125 N N   . PRO A 1 173 ? 0.96391   18.67970  11.39025  1.000 45.78120  ? 154 PRO A N   1 
ATOM   1126 C CA  . PRO A 1 173 ? -0.37340  18.28390  11.86137  1.000 50.69326  ? 154 PRO A CA  1 
ATOM   1127 C C   . PRO A 1 173 ? -1.37211  18.08749  10.73729  1.000 35.68784  ? 154 PRO A C   1 
ATOM   1128 O O   . PRO A 1 173 ? -2.26312  17.23712  10.85502  1.000 47.57521  ? 154 PRO A O   1 
ATOM   1129 C CB  . PRO A 1 173 ? -0.77452  19.44651  12.78083  1.000 35.84511  ? 154 PRO A CB  1 
ATOM   1130 C CG  . PRO A 1 173 ? 0.52103   20.02312  13.23908  1.000 45.29419  ? 154 PRO A CG  1 
ATOM   1131 C CD  . PRO A 1 173 ? 1.46481   19.87935  12.08071  1.000 35.26079  ? 154 PRO A CD  1 
ATOM   1132 N N   . GLU A 1 174 ? -1.24452  18.83904  9.64235   1.000 38.18255  ? 155 GLU A N   1 
ATOM   1133 C CA  . GLU A 1 174 ? -2.18754  18.70189  8.54082   1.000 58.61328  ? 155 GLU A CA  1 
ATOM   1134 C C   . GLU A 1 174 ? -1.90975  17.46155  7.70120   1.000 44.03356  ? 155 GLU A C   1 
ATOM   1135 O O   . GLU A 1 174 ? -2.84655  16.87430  7.14878   1.000 44.57359  ? 155 GLU A O   1 
ATOM   1136 C CB  . GLU A 1 174 ? -2.15773  19.95374  7.66349   1.000 63.49511  ? 155 GLU A CB  1 
ATOM   1137 C CG  . GLU A 1 174 ? -3.53883  20.44873  7.25336   1.000 74.45799  ? 155 GLU A CG  1 
ATOM   1138 C CD  . GLU A 1 174 ? -4.30874  21.06516  8.40735   0.100 67.51984  ? 155 GLU A CD  1 
ATOM   1139 O OE1 . GLU A 1 174 ? -3.66818  21.50154  9.38839   1.000 67.74228  ? 155 GLU A OE1 1 
ATOM   1140 O OE2 . GLU A 1 174 ? -5.55541  21.11342  8.32996   1.000 81.56060  ? 155 GLU A OE2 1 
ATOM   1141 N N   . LEU A 1 175 ? -0.64482  17.04400  7.59824   1.000 42.39199  ? 156 LEU A N   1 
ATOM   1142 C CA  . LEU A 1 175 ? -0.32925  15.83844  6.83710   1.000 43.95077  ? 156 LEU A CA  1 
ATOM   1143 C C   . LEU A 1 175 ? -0.79277  14.58432  7.56868   1.000 52.47158  ? 156 LEU A C   1 
ATOM   1144 O O   . LEU A 1 175 ? -1.35558  13.67249  6.94993   1.000 48.80853  ? 156 LEU A O   1 
ATOM   1145 C CB  . LEU A 1 175 ? 1.16975   15.77751  6.54375   1.000 41.16091  ? 156 LEU A CB  1 
ATOM   1146 C CG  . LEU A 1 175 ? 1.61154   16.74954  5.44898   1.000 42.22522  ? 156 LEU A CG  1 
ATOM   1147 C CD1 . LEU A 1 175 ? 3.12423   16.79979  5.32131   1.000 33.97711  ? 156 LEU A CD1 1 
ATOM   1148 C CD2 . LEU A 1 175 ? 0.97193   16.35716  4.12748   1.000 43.89706  ? 156 LEU A CD2 1 
ATOM   1149 N N   . ILE A 1 176 ? -0.56835  14.51995  8.88433   1.000 48.70429  ? 157 ILE A N   1 
ATOM   1150 C CA  . ILE A 1 176 ? -1.08738  13.40476  9.67258   1.000 35.83777  ? 157 ILE A CA  1 
ATOM   1151 C C   . ILE A 1 176 ? -2.60807  13.37562  9.60903   1.000 32.12870  ? 157 ILE A C   1 
ATOM   1152 O O   . ILE A 1 176 ? -3.21936  12.30985  9.46511   1.000 42.13456  ? 157 ILE A O   1 
ATOM   1153 C CB  . ILE A 1 176 ? -0.57915  13.49279  11.12407  1.000 40.67552  ? 157 ILE A CB  1 
ATOM   1154 C CG1 . ILE A 1 176 ? 0.91019   13.15025  11.18655  1.000 35.94748  ? 157 ILE A CG1 1 
ATOM   1155 C CG2 . ILE A 1 176 ? -1.37770  12.57475  12.03123  1.000 30.20796  ? 157 ILE A CG2 1 
ATOM   1156 C CD1 . ILE A 1 176 ? 1.74883   14.22099  11.83016  1.000 60.99788  ? 157 ILE A CD1 1 
ATOM   1157 N N   . LYS A 1 177 ? -3.24351  14.54509  9.70495   1.000 38.41544  ? 158 LYS A N   1 
ATOM   1158 C CA  . LYS A 1 177 ? -4.69570  14.59999  9.58321   1.000 46.08308  ? 158 LYS A CA  1 
ATOM   1159 C C   . LYS A 1 177 ? -5.14735  14.19137  8.18664   1.000 35.19603  ? 158 LYS A C   1 
ATOM   1160 O O   . LYS A 1 177 ? -6.16406  13.50471  8.03581   1.000 55.52062  ? 158 LYS A O   1 
ATOM   1161 C CB  . LYS A 1 177 ? -5.20150  16.00152  9.92520   1.000 41.51156  ? 158 LYS A CB  1 
ATOM   1162 C CG  . LYS A 1 177 ? -6.71348  16.15647  9.82426   1.000 48.15074  ? 158 LYS A CG  1 
ATOM   1163 C CD  . LYS A 1 177 ? -7.15860  17.56153  10.20126  1.000 62.04446  ? 158 LYS A CD  1 
ATOM   1164 C CE  . LYS A 1 177 ? -8.66581  17.71034  10.07448  1.000 48.99720  ? 158 LYS A CE  1 
ATOM   1165 N NZ  . LYS A 1 177 ? -9.38424  16.64698  10.82986  1.000 56.06792  ? 158 LYS A NZ  1 
ATOM   1166 N N   . LYS A 1 178 ? -4.40612  14.60227  7.15356   1.000 38.68005  ? 159 LYS A N   1 
ATOM   1167 C CA  . LYS A 1 178 ? -4.77139  14.23807  5.78730   1.000 36.44869  ? 159 LYS A CA  1 
ATOM   1168 C C   . LYS A 1 178 ? -4.68406  12.73161  5.57867   1.000 45.51242  ? 159 LYS A C   1 
ATOM   1169 O O   . LYS A 1 178 ? -5.61949  12.11036  5.06035   1.000 26.94782  ? 159 LYS A O   1 
ATOM   1170 C CB  . LYS A 1 178 ? -3.87328  14.96429  4.78619   1.000 42.83918  ? 159 LYS A CB  1 
ATOM   1171 C CG  . LYS A 1 178 ? -4.23762  14.69673  3.33113   1.000 48.79391  ? 159 LYS A CG  1 
ATOM   1172 C CD  . LYS A 1 178 ? -3.13453  15.13970  2.38215   1.000 63.75228  ? 159 LYS A CD  1 
ATOM   1173 C CE  . LYS A 1 178 ? -3.66118  15.31898  0.96338   1.000 58.06376  ? 159 LYS A CE  1 
ATOM   1174 N NZ  . LYS A 1 178 ? -4.46143  14.15121  0.49912   1.000 56.84712  ? 159 LYS A NZ  1 
ATOM   1175 N N   . LEU A 1 179 ? -3.56244  12.12746  5.97745   1.000 30.88896  ? 160 LEU A N   1 
ATOM   1176 C CA  . LEU A 1 179 ? -3.40175  10.68777  5.82006   1.000 26.86758  ? 160 LEU A CA  1 
ATOM   1177 C C   . LEU A 1 179 ? -4.40447  9.92168   6.67340   1.000 33.07567  ? 160 LEU A C   1 
ATOM   1178 O O   . LEU A 1 179 ? -4.97203  8.92055   6.22162   1.000 43.75773  ? 160 LEU A O   1 
ATOM   1179 C CB  . LEU A 1 179 ? -1.97102  10.28434  6.17236   1.000 37.35473  ? 160 LEU A CB  1 
ATOM   1180 C CG  . LEU A 1 179 ? -1.64726  8.79145   6.13834   1.000 25.40234  ? 160 LEU A CG  1 
ATOM   1181 C CD1 . LEU A 1 179 ? -1.98476  8.19555   4.78270   1.000 31.31488  ? 160 LEU A CD1 1 
ATOM   1182 C CD2 . LEU A 1 179 ? -0.18496  8.58546   6.46323   1.000 28.28048  ? 160 LEU A CD2 1 
ATOM   1183 N N   . ALA A 1 180 ? -4.63744  10.37591  7.90819   1.000 34.95106  ? 161 ALA A N   1 
ATOM   1184 C CA  . ALA A 1 180 ? -5.56853  9.67504   8.78696   1.000 36.19187  ? 161 ALA A CA  1 
ATOM   1185 C C   . ALA A 1 180 ? -6.99516  9.74891   8.25692   1.000 36.34889  ? 161 ALA A C   1 
ATOM   1186 O O   . ALA A 1 180 ? -7.75047  8.77531   8.35946   1.000 44.78060  ? 161 ALA A O   1 
ATOM   1187 C CB  . ALA A 1 180 ? -5.48965  10.24322  10.20331  1.000 41.16644  ? 161 ALA A CB  1 
ATOM   1188 N N   . GLU A 1 181 ? -7.38258  10.88840  7.67832   1.000 34.42452  ? 162 GLU A N   1 
ATOM   1189 C CA  . GLU A 1 181 ? -8.72818  11.00603  7.12761   1.000 47.66418  ? 162 GLU A CA  1 
ATOM   1190 C C   . GLU A 1 181 ? -8.85735  10.29574  5.78582   1.000 52.57995  ? 162 GLU A C   1 
ATOM   1191 O O   . GLU A 1 181 ? -9.95393  9.84579   5.43315   1.000 50.96073  ? 162 GLU A O   1 
ATOM   1192 C CB  . GLU A 1 181 ? -9.12499  12.47882  6.99792   1.000 49.70769  ? 162 GLU A CB  1 
ATOM   1193 C CG  . GLU A 1 181 ? -10.38234 12.83717  7.78743   1.000 73.28992  ? 162 GLU A CG  1 
ATOM   1194 C CD  . GLU A 1 181 ? -10.54588 14.33024  8.00618   1.000 88.43240  ? 162 GLU A CD  1 
ATOM   1195 O OE1 . GLU A 1 181 ? -10.60548 15.08069  7.00887   1.000 90.08131  ? 162 GLU A OE1 1 
ATOM   1196 O OE2 . GLU A 1 181 ? -10.60856 14.75181  9.18169   1.000 88.78125  ? 162 GLU A OE2 1 
ATOM   1197 N N   . THR A 1 182 ? -7.76209  10.18577  5.02831   1.000 43.14132  ? 163 THR A N   1 
ATOM   1198 C CA  . THR A 1 182 ? -7.77952  9.35198   3.83040   1.000 35.87981  ? 163 THR A CA  1 
ATOM   1199 C C   . THR A 1 182 ? -8.08948  7.90449   4.18737   1.000 42.20091  ? 163 THR A C   1 
ATOM   1200 O O   . THR A 1 182 ? -8.90140  7.24955   3.52193   1.000 43.19845  ? 163 THR A O   1 
ATOM   1201 C CB  . THR A 1 182 ? -6.44018  9.45489   3.09525   1.000 45.98018  ? 163 THR A CB  1 
ATOM   1202 O OG1 . THR A 1 182 ? -6.31854  10.75330  2.50034   1.000 39.16366  ? 163 THR A OG1 1 
ATOM   1203 C CG2 . THR A 1 182 ? -6.33166  8.39353   2.00911   1.000 28.98632  ? 163 THR A CG2 1 
ATOM   1204 N N   . ALA A 1 183 ? -7.46077  7.39315   5.24861   1.000 37.56619  ? 164 ALA A N   1 
ATOM   1205 C CA  . ALA A 1 183 ? -7.79147  6.05942   5.73572   1.000 34.93718  ? 164 ALA A CA  1 
ATOM   1206 C C   . ALA A 1 183 ? -9.17366  6.02248   6.37572   1.000 48.22969  ? 164 ALA A C   1 
ATOM   1207 O O   . ALA A 1 183 ? -9.85099  4.98941   6.32202   1.000 39.38535  ? 164 ALA A O   1 
ATOM   1208 C CB  . ALA A 1 183 ? -6.73177  5.58847   6.72968   1.000 44.02558  ? 164 ALA A CB  1 
ATOM   1209 N N   . GLU A 1 184 ? -9.60408  7.12997   6.98682   1.000 39.91545  ? 165 GLU A N   1 
ATOM   1210 C CA  . GLU A 1 184 ? -10.95080 7.19923   7.54609   1.000 42.03879  ? 165 GLU A CA  1 
ATOM   1211 C C   . GLU A 1 184 ? -12.00276 7.03604   6.45485   1.000 42.38883  ? 165 GLU A C   1 
ATOM   1212 O O   . GLU A 1 184 ? -12.89485 6.18583   6.55608   1.000 38.26928  ? 165 GLU A O   1 
ATOM   1213 C CB  . GLU A 1 184 ? -11.13882 8.52568   8.28710   1.000 53.28982  ? 165 GLU A CB  1 
ATOM   1214 C CG  . GLU A 1 184 ? -11.32200 8.39782   9.79384   1.000 65.61325  ? 165 GLU A CG  1 
ATOM   1215 C CD  . GLU A 1 184 ? -11.27983 9.74142   10.50779  1.000 77.52186  ? 165 GLU A CD  1 
ATOM   1216 O OE1 . GLU A 1 184 ? -10.19159 10.35287  10.57352  1.000 73.03547  ? 165 GLU A OE1 1 
ATOM   1217 O OE2 . GLU A 1 184 ? -12.33731 10.19066  10.99772  1.000 73.69992  ? 165 GLU A OE2 1 
ATOM   1218 N N   . GLU A 1 185 ? -11.90860 7.84319   5.39487   1.000 41.34885  ? 166 GLU A N   1 
ATOM   1219 C CA  . GLU A 1 185 ? -12.87150 7.74566   4.30409   1.000 33.68835  ? 166 GLU A CA  1 
ATOM   1220 C C   . GLU A 1 185 ? -12.77042 6.40611   3.58345   1.000 39.16987  ? 166 GLU A C   1 
ATOM   1221 O O   . GLU A 1 185 ? -13.78362 5.88630   3.10130   1.000 34.41940  ? 166 GLU A O   1 
ATOM   1222 C CB  . GLU A 1 185 ? -12.67043 8.90552   3.32601   1.000 39.76016  ? 166 GLU A CB  1 
ATOM   1223 C CG  . GLU A 1 185 ? -12.90937 10.28526  3.93690   1.000 52.27958  ? 166 GLU A CG  1 
ATOM   1224 C CD  . GLU A 1 185 ? -12.59950 11.42203  2.97367   1.000 86.74574  ? 166 GLU A CD  1 
ATOM   1225 O OE1 . GLU A 1 185 ? -11.97192 11.16452  1.92513   1.000 82.26023  ? 166 GLU A OE1 1 
ATOM   1226 O OE2 . GLU A 1 185 ? -12.98425 12.57543  3.26462   1.000 82.21062  ? 166 GLU A OE2 1 
ATOM   1227 N N   . ALA A 1 186 ? -11.56831 5.82767   3.50881   1.000 28.68552  ? 167 ALA A N   1 
ATOM   1228 C CA  . ALA A 1 186 ? -11.41848 4.52505   2.86812   1.000 23.21042  ? 167 ALA A CA  1 
ATOM   1229 C C   . ALA A 1 186 ? -12.13720 3.43592   3.65385   1.000 37.84311  ? 167 ALA A C   1 
ATOM   1230 O O   . ALA A 1 186 ? -12.84659 2.60814   3.06998   1.000 39.84151  ? 167 ALA A O   1 
ATOM   1231 C CB  . ALA A 1 186 ? -9.93833  4.18310   2.70732   1.000 46.38713  ? 167 ALA A CB  1 
ATOM   1232 N N   . LEU A 1 187 ? -11.96753 3.42040   4.97832   1.000 40.60072  ? 168 LEU A N   1 
ATOM   1233 C CA  . LEU A 1 187 ? -12.66013 2.43398   5.80192   1.000 32.14695  ? 168 LEU A CA  1 
ATOM   1234 C C   . LEU A 1 187 ? -14.16712 2.66018   5.78584   1.000 36.01780  ? 168 LEU A C   1 
ATOM   1235 O O   . LEU A 1 187 ? -14.94204 1.69814   5.72291   1.000 37.47965  ? 168 LEU A O   1 
ATOM   1236 C CB  . LEU A 1 187 ? -12.11938 2.47283   7.23279   1.000 40.47174  ? 168 LEU A CB  1 
ATOM   1237 C CG  . LEU A 1 187 ? -10.66353 2.02289   7.41009   1.000 32.83229  ? 168 LEU A CG  1 
ATOM   1238 C CD1 . LEU A 1 187 ? -10.12123 2.42019   8.77460   1.000 25.40238  ? 168 LEU A CD1 1 
ATOM   1239 C CD2 . LEU A 1 187 ? -10.53294 0.52201   7.20347   1.000 26.38263  ? 168 LEU A CD2 1 
ATOM   1240 N N   . GLU A 1 188 ? -14.60247 3.92381   5.83620   1.000 47.11103  ? 169 GLU A N   1 
ATOM   1241 C CA  . GLU A 1 188 ? -16.03088 4.21627   5.75204   1.000 37.66898  ? 169 GLU A CA  1 
ATOM   1242 C C   . GLU A 1 188 ? -16.63042 3.70965   4.44689   1.000 35.00276  ? 169 GLU A C   1 
ATOM   1243 O O   . GLU A 1 188 ? -17.77127 3.23348   4.43211   1.000 41.14314  ? 169 GLU A O   1 
ATOM   1244 C CB  . GLU A 1 188 ? -16.27287 5.72024   5.90547   1.000 42.55223  ? 169 GLU A CB  1 
ATOM   1245 C CG  . GLU A 1 188 ? -16.06060 6.23665   7.32333   1.000 56.31307  ? 169 GLU A CG  1 
ATOM   1246 C CD  . GLU A 1 188 ? -16.14790 7.74996   7.42856   1.000 55.47993  ? 169 GLU A CD  1 
ATOM   1247 O OE1 . GLU A 1 188 ? -16.16483 8.42445   6.37747   1.000 74.42330  ? 169 GLU A OE1 1 
ATOM   1248 O OE2 . GLU A 1 188 ? -16.19727 8.26423   8.56755   1.000 49.70865  ? 169 GLU A OE2 1 
ATOM   1249 N N   . ALA A 1 189 ? -15.87810 3.79422   3.34695   1.000 44.10102  ? 170 ALA A N   1 
ATOM   1250 C CA  . ALA A 1 189 ? -16.36086 3.26831   2.07565   1.000 31.55238  ? 170 ALA A CA  1 
ATOM   1251 C C   . ALA A 1 189 ? -16.49541 1.75126   2.10824   1.000 42.71673  ? 170 ALA A C   1 
ATOM   1252 O O   . ALA A 1 189 ? -17.33051 1.18988   1.38977   1.000 43.16659  ? 170 ALA A O   1 
ATOM   1253 C CB  . ALA A 1 189 ? -15.42658 3.69908   0.94692   1.000 41.38265  ? 170 ALA A CB  1 
ATOM   1254 N N   . ILE A 1 190 ? -15.68066 1.07490   2.91990   1.000 49.31772  ? 171 ILE A N   1 
ATOM   1255 C CA  . ILE A 1 190 ? -15.82053 -0.36734  3.08458   1.000 42.01744  ? 171 ILE A CA  1 
ATOM   1256 C C   . ILE A 1 190 ? -17.04768 -0.69959  3.92598   1.000 43.46979  ? 171 ILE A C   1 
ATOM   1257 O O   . ILE A 1 190 ? -17.66833 -1.75051  3.73262   1.000 53.10837  ? 171 ILE A O   1 
ATOM   1258 C CB  . ILE A 1 190 ? -14.53969 -0.95924  3.70014   1.000 61.13890  ? 171 ILE A CB  1 
ATOM   1259 C CG1 . ILE A 1 190 ? -13.30920 -0.54598  2.88724   1.000 38.87017  ? 171 ILE A CG1 1 
ATOM   1260 C CG2 . ILE A 1 190 ? -14.62118 -2.47585  3.77583   1.000 23.86526  ? 171 ILE A CG2 1 
ATOM   1261 C CD1 . ILE A 1 190 ? -13.39644 -0.90465  1.43139   1.000 46.69124  ? 171 ILE A CD1 1 
ATOM   1262 N N   . ALA A 1 191 ? -17.42352 0.17838   4.86083   1.000 44.18569  ? 172 ALA A N   1 
ATOM   1263 C CA  . ALA A 1 191 ? -18.61491 -0.07104  5.66609   1.000 46.16903  ? 172 ALA A CA  1 
ATOM   1264 C C   . ALA A 1 191 ? -19.86869 -0.07868  4.80090   1.000 42.38714  ? 172 ALA A C   1 
ATOM   1265 O O   . ALA A 1 191 ? -20.75277 -0.92522  4.98102   1.000 55.93246  ? 172 ALA A O   1 
ATOM   1266 C CB  . ALA A 1 191 ? -18.72583 0.97115   6.77962   1.000 51.22589  ? 172 ALA A CB  1 
ATOM   1267 N N   . LYS A 1 192 ? -19.95891 0.84850   3.84611   1.000 36.22629  ? 173 LYS A N   1 
ATOM   1268 C CA  . LYS A 1 192 ? -21.07692 0.84773   2.91218   1.000 61.92878  ? 173 LYS A CA  1 
ATOM   1269 C C   . LYS A 1 192 ? -21.01986 -0.32228  1.94072   1.000 57.12609  ? 173 LYS A C   1 
ATOM   1270 O O   . LYS A 1 192 ? -21.97941 -0.53786  1.19627   1.000 62.09723  ? 173 LYS A O   1 
ATOM   1271 C CB  . LYS A 1 192 ? -21.11002 2.16376   2.13065   1.000 57.29928  ? 173 LYS A CB  1 
ATOM   1272 C CG  . LYS A 1 192 ? -21.02020 3.41458   2.99585   1.000 47.64354  ? 173 LYS A CG  1 
ATOM   1273 C CD  . LYS A 1 192 ? -21.17511 4.67363   2.15003   1.000 51.59734  ? 173 LYS A CD  1 
ATOM   1274 C CE  . LYS A 1 192 ? -20.90905 5.93083   2.96525   1.000 49.57095  ? 173 LYS A CE  1 
ATOM   1275 N NZ  . LYS A 1 192 ? -19.48592 6.01645   3.39587   1.000 67.55401  ? 173 LYS A NZ  1 
ATOM   1276 N N   . LEU A 1 193 ? -19.92942 -1.08224  1.93857   1.000 44.05497  ? 174 LEU A N   1 
ATOM   1277 C CA  . LEU A 1 193 ? -19.73053 -2.16717  0.98797   1.000 46.46772  ? 174 LEU A CA  1 
ATOM   1278 C C   . LEU A 1 193 ? -20.38581 -3.46947  1.42873   1.000 53.27055  ? 174 LEU A C   1 
ATOM   1279 O O   . LEU A 1 193 ? -20.84848 -4.23913  0.57948   1.000 61.24561  ? 174 LEU A O   1 
ATOM   1280 C CB  . LEU A 1 193 ? -18.22978 -2.40136  0.78022   1.000 61.50215  ? 174 LEU A CB  1 
ATOM   1281 C CG  . LEU A 1 193 ? -17.76734 -2.94333  -0.56931  1.000 68.99518  ? 174 LEU A CG  1 
ATOM   1282 C CD1 . LEU A 1 193 ? -17.87614 -1.84760  -1.60512  1.000 51.77234  ? 174 LEU A CD1 1 
ATOM   1283 C CD2 . LEU A 1 193 ? -16.34393 -3.45917  -0.46669  1.000 58.84217  ? 174 LEU A CD2 1 
ATOM   1284 N N   . GLY A 1 194 ? -20.42256 -3.74246  2.73509   1.000 60.62112  ? 175 GLY A N   1 
ATOM   1285 C CA  . GLY A 1 194 ? -20.94548 -4.99248  3.24882   1.000 70.32071  ? 175 GLY A CA  1 
ATOM   1286 C C   . GLY A 1 194 ? -22.02744 -4.76845  4.29132   1.000 69.82088  ? 175 GLY A C   1 
ATOM   1287 O O   . GLY A 1 194 ? -22.40612 -3.63515  4.59215   1.000 65.36469  ? 175 GLY A O   1 
ATOM   1288 N N   . GLY A 1 195 ? -22.50456 -5.88374  4.84645   1.000 67.94196  ? 176 GLY A N   1 
ATOM   1289 C CA  . GLY A 1 195 ? -23.64395 -5.88079  5.74670   1.000 66.83744  ? 176 GLY A CA  1 
ATOM   1290 C C   . GLY A 1 195 ? -23.36814 -5.40621  7.16040   1.000 62.06432  ? 176 GLY A C   1 
ATOM   1291 O O   . GLY A 1 195 ? -22.59957 -4.46255  7.37170   1.000 72.63064  ? 176 GLY A O   1 
ATOM   1292 N N   . GLU A 1 196 ? -23.99951 -6.05940  8.14087   1.000 54.05983  ? 177 GLU A N   1 
ATOM   1293 C CA  . GLU A 1 196 ? -23.94289 -5.58551  9.51998   1.000 61.54449  ? 177 GLU A CA  1 
ATOM   1294 C C   . GLU A 1 196 ? -22.64242 -5.98765  10.20212  1.000 70.39549  ? 177 GLU A C   1 
ATOM   1295 O O   . GLU A 1 196 ? -21.97663 -5.14827  10.81762  1.000 73.11707  ? 177 GLU A O   1 
ATOM   1296 C CB  . GLU A 1 196 ? -25.13681 -6.11460  10.31966  1.000 71.56098  ? 177 GLU A CB  1 
ATOM   1297 C CG  . GLU A 1 196 ? -25.23138 -5.51709  11.72449  1.000 68.31036  ? 177 GLU A CG  1 
ATOM   1298 C CD  . GLU A 1 196 ? -26.02195 -6.38016  12.69406  1.000 71.04599  ? 177 GLU A CD  1 
ATOM   1299 O OE1 . GLU A 1 196 ? -26.05766 -6.04007  13.89455  0.100 57.54053  ? 177 GLU A OE1 1 
ATOM   1300 O OE2 . GLU A 1 196 ? -26.60166 -7.39943  12.26278  1.000 78.98752  ? 177 GLU A OE2 1 
ATOM   1301 N N   . GLU A 1 197 ? -22.27623 -7.27224  10.12402  1.000 67.49872  ? 178 GLU A N   1 
ATOM   1302 C CA  . GLU A 1 197 ? -21.08246 -7.74002  10.82303  1.000 59.49828  ? 178 GLU A CA  1 
ATOM   1303 C C   . GLU A 1 197 ? -19.82834 -7.03815  10.31839  1.000 63.33607  ? 178 GLU A C   1 
ATOM   1304 O O   . GLU A 1 197 ? -18.85810 -6.88563  11.06944  1.000 71.23067  ? 178 GLU A O   1 
ATOM   1305 C CB  . GLU A 1 197 ? -20.94552 -9.25879  10.68391  1.000 71.81249  ? 178 GLU A CB  1 
ATOM   1306 C CG  . GLU A 1 197 ? -20.24102 -9.73835  9.41803   1.000 79.84897  ? 178 GLU A CG  1 
ATOM   1307 C CD  . GLU A 1 197 ? -21.14876 -9.77175  8.20105   0.100 75.66502  ? 178 GLU A CD  1 
ATOM   1308 O OE1 . GLU A 1 197 ? -21.99676 -8.86677  8.05265   1.000 88.53736  ? 178 GLU A OE1 1 
ATOM   1309 O OE2 . GLU A 1 197 ? -21.01546 -10.71436 7.39165   1.000 70.42574  ? 178 GLU A OE2 1 
ATOM   1310 N N   . LEU A 1 198 ? -19.82981 -6.59207  9.06065   1.000 56.75833  ? 179 LEU A N   1 
ATOM   1311 C CA  . LEU A 1 198 ? -18.72053 -5.78080  8.57530   1.000 51.31078  ? 179 LEU A CA  1 
ATOM   1312 C C   . LEU A 1 198 ? -18.77278 -4.38169  9.17263   1.000 43.67917  ? 179 LEU A C   1 
ATOM   1313 O O   . LEU A 1 198 ? -17.77491 -3.89027  9.71013   1.000 49.90441  ? 179 LEU A O   1 
ATOM   1314 C CB  . LEU A 1 198 ? -18.73459 -5.71476  7.04916   1.000 47.52660  ? 179 LEU A CB  1 
ATOM   1315 C CG  . LEU A 1 198 ? -17.66620 -4.79580  6.44918   1.000 44.92794  ? 179 LEU A CG  1 
ATOM   1316 C CD1 . LEU A 1 198 ? -16.26710 -5.24259  6.85473   1.000 47.40495  ? 179 LEU A CD1 1 
ATOM   1317 C CD2 . LEU A 1 198 ? -17.79327 -4.73659  4.93863   1.000 60.96090  ? 179 LEU A CD2 1 
ATOM   1318 N N   . ALA A 1 199 ? -19.93644 -3.72825  9.09577   1.000 47.89452  ? 180 ALA A N   1 
ATOM   1319 C CA  . ALA A 1 199 ? -20.06773 -2.37910  9.63560   1.000 47.48912  ? 180 ALA A CA  1 
ATOM   1320 C C   . ALA A 1 199 ? -19.75600 -2.33707  11.12505  1.000 51.31252  ? 180 ALA A C   1 
ATOM   1321 O O   . ALA A 1 199 ? -19.28826 -1.31133  11.63246  1.000 54.52087  ? 180 ALA A O   1 
ATOM   1322 C CB  . ALA A 1 199 ? -21.47267 -1.83901  9.36894   1.000 41.73626  ? 180 ALA A CB  1 
ATOM   1323 N N   . GLU A 1 200 ? -19.99850 -3.43663  11.83980  1.000 47.21466  ? 181 GLU A N   1 
ATOM   1324 C CA  . GLU A 1 200 ? -19.62549 -3.48652  13.24820  1.000 56.67759  ? 181 GLU A CA  1 
ATOM   1325 C C   . GLU A 1 200 ? -18.11305 -3.56624  13.41389  1.000 58.13020  ? 181 GLU A C   1 
ATOM   1326 O O   . GLU A 1 200 ? -17.53931 -2.87626  14.26471  1.000 54.84333  ? 181 GLU A O   1 
ATOM   1327 C CB  . GLU A 1 200 ? -20.30877 -4.67049  13.93016  1.000 43.15292  ? 181 GLU A CB  1 
ATOM   1328 C CG  . GLU A 1 200 ? -21.81796 -4.53989  14.00316  1.000 63.95025  ? 181 GLU A CG  1 
ATOM   1329 C CD  . GLU A 1 200 ? -22.46445 -5.67096  14.77224  1.000 73.50925  ? 181 GLU A CD  1 
ATOM   1330 O OE1 . GLU A 1 200 ? -21.80379 -6.71396  14.96260  1.000 75.09634  ? 181 GLU A OE1 1 
ATOM   1331 O OE2 . GLU A 1 200 ? -23.63155 -5.51411  15.18986  1.000 64.26249  ? 181 GLU A OE2 1 
ATOM   1332 N N   . GLU A 1 201 ? -17.44810 -4.39514  12.60462  1.000 56.54519  ? 182 GLU A N   1 
ATOM   1333 C CA  . GLU A 1 201 ? -16.00052 -4.53280  12.72492  1.000 52.02191  ? 182 GLU A CA  1 
ATOM   1334 C C   . GLU A 1 201 ? -15.26544 -3.30251  12.20916  1.000 40.14670  ? 182 GLU A C   1 
ATOM   1335 O O   . GLU A 1 201 ? -14.16109 -3.00645  12.67866  1.000 40.37079  ? 182 GLU A O   1 
ATOM   1336 C CB  . GLU A 1 201 ? -15.52336 -5.78533  11.99030  1.000 57.07670  ? 182 GLU A CB  1 
ATOM   1337 C CG  . GLU A 1 201 ? -15.73557 -7.07553  12.76999  1.000 49.37885  ? 182 GLU A CG  1 
ATOM   1338 C CD  . GLU A 1 201 ? -14.97851 -7.09433  14.08810  1.000 72.19451  ? 182 GLU A CD  1 
ATOM   1339 O OE1 . GLU A 1 201 ? -13.89603 -6.47327  14.16740  1.000 69.66856  ? 182 GLU A OE1 1 
ATOM   1340 O OE2 . GLU A 1 201 ? -15.46874 -7.72691  15.04726  1.000 73.41857  ? 182 GLU A OE2 1 
ATOM   1341 N N   . ILE A 1 202 ? -15.84937 -2.57719  11.25146  1.000 39.98681  ? 183 ILE A N   1 
ATOM   1342 C CA  . ILE A 1 202 ? -15.22934 -1.33724  10.78790  1.000 45.05163  ? 183 ILE A CA  1 
ATOM   1343 C C   . ILE A 1 202 ? -15.16784 -0.32047  11.92215  1.000 46.44324  ? 183 ILE A C   1 
ATOM   1344 O O   . ILE A 1 202 ? -14.21200 0.45867   12.02870  1.000 50.39557  ? 183 ILE A O   1 
ATOM   1345 C CB  . ILE A 1 202 ? -15.98244 -0.77824  9.56406   1.000 48.09508  ? 183 ILE A CB  1 
ATOM   1346 C CG1 . ILE A 1 202 ? -15.95793 -1.77430  8.40327   1.000 47.10642  ? 183 ILE A CG1 1 
ATOM   1347 C CG2 . ILE A 1 202 ? -15.37665 0.54292   9.11398   1.000 48.69966  ? 183 ILE A CG2 1 
ATOM   1348 C CD1 . ILE A 1 202 ? -14.58519 -2.03670  7.85106   1.000 49.25005  ? 183 ILE A CD1 1 
ATOM   1349 N N   . ALA A 1 203 ? -16.18034 -0.31906  12.79368  1.000 51.82440  ? 184 ALA A N   1 
ATOM   1350 C CA  . ALA A 1 203 ? -16.19229 0.61496   13.91514  1.000 40.39731  ? 184 ALA A CA  1 
ATOM   1351 C C   . ALA A 1 203 ? -15.05215 0.32976   14.88587  1.000 35.14137  ? 184 ALA A C   1 
ATOM   1352 O O   . ALA A 1 203 ? -14.42451 1.25886   15.40752  1.000 45.04152  ? 184 ALA A O   1 
ATOM   1353 C CB  . ALA A 1 203 ? -17.54081 0.55443   14.63139  1.000 53.42817  ? 184 ALA A CB  1 
ATOM   1354 N N   . LYS A 1 204 ? -14.77414 -0.94927  15.15005  1.000 37.01473  ? 185 LYS A N   1 
ATOM   1355 C CA  . LYS A 1 204 ? -13.60362 -1.28719  15.95272  1.000 33.98608  ? 185 LYS A CA  1 
ATOM   1356 C C   . LYS A 1 204 ? -12.32131 -0.89783  15.23091  1.000 43.30938  ? 185 LYS A C   1 
ATOM   1357 O O   . LYS A 1 204 ? -11.40393 -0.33779  15.84232  1.000 40.35927  ? 185 LYS A O   1 
ATOM   1358 C CB  . LYS A 1 204 ? -13.59376 -2.77944  16.28874  1.000 48.39474  ? 185 LYS A CB  1 
ATOM   1359 C CG  . LYS A 1 204 ? -14.51002 -3.19249  17.44018  1.000 75.17722  ? 185 LYS A CG  1 
ATOM   1360 C CD  . LYS A 1 204 ? -15.97057 -3.25969  17.01506  1.000 66.55253  ? 185 LYS A CD  1 
ATOM   1361 C CE  . LYS A 1 204 ? -16.84129 -3.86514  18.10391  1.000 76.67084  ? 185 LYS A CE  1 
ATOM   1362 N NZ  . LYS A 1 204 ? -18.27343 -3.89215  17.70413  1.000 77.77340  ? 185 LYS A NZ  1 
ATOM   1363 N N   . ILE A 1 205 ? -12.24905 -1.17509  13.92611  1.000 47.58511  ? 186 ILE A N   1 
ATOM   1364 C CA  . ILE A 1 205 ? -11.07278 -0.81758  13.13922  1.000 40.00620  ? 186 ILE A CA  1 
ATOM   1365 C C   . ILE A 1 205 ? -10.87870 0.69334   13.11558  1.000 39.88003  ? 186 ILE A C   1 
ATOM   1366 O O   . ILE A 1 205 ? -9.75736  1.18833   13.28085  1.000 34.85383  ? 186 ILE A O   1 
ATOM   1367 C CB  . ILE A 1 205 ? -11.19391 -1.40171  11.71988  1.000 46.26964  ? 186 ILE A CB  1 
ATOM   1368 C CG1 . ILE A 1 205 ? -11.04751 -2.92682  11.75238  1.000 50.24027  ? 186 ILE A CG1 1 
ATOM   1369 C CG2 . ILE A 1 205 ? -10.16694 -0.77999  10.79177  1.000 31.30327  ? 186 ILE A CG2 1 
ATOM   1370 C CD1 . ILE A 1 205 ? -11.26326 -3.59806  10.41153  1.000 42.26757  ? 186 ILE A CD1 1 
ATOM   1371 N N   . LEU A 1 206 ? -11.96416 1.44957   12.91886  1.000 43.53813  ? 187 LEU A N   1 
ATOM   1372 C CA  . LEU A 1 206 ? -11.87217 2.90605   12.95236  1.000 31.20197  ? 187 LEU A CA  1 
ATOM   1373 C C   . LEU A 1 206 ? -11.39917 3.40707   14.30855  1.000 40.91662  ? 187 LEU A C   1 
ATOM   1374 O O   . LEU A 1 206 ? -10.71079 4.43062   14.38405  1.000 52.59763  ? 187 LEU A O   1 
ATOM   1375 C CB  . LEU A 1 206 ? -13.22523 3.52804   12.60312  1.000 42.80650  ? 187 LEU A CB  1 
ATOM   1376 C CG  . LEU A 1 206 ? -13.56336 3.72220   11.12387  1.000 44.21444  ? 187 LEU A CG  1 
ATOM   1377 C CD1 . LEU A 1 206 ? -15.06234 3.89514   10.94499  1.000 39.04417  ? 187 LEU A CD1 1 
ATOM   1378 C CD2 . LEU A 1 206 ? -12.81627 4.92409   10.56373  1.000 38.87280  ? 187 LEU A CD2 1 
ATOM   1379 N N   . ALA A 1 207 ? -11.75345 2.70377   15.38692  1.000 53.47671  ? 188 ALA A N   1 
ATOM   1380 C CA  . ALA A 1 207 ? -11.33833 3.13509   16.71723  1.000 47.81639  ? 188 ALA A CA  1 
ATOM   1381 C C   . ALA A 1 207 ? -9.84591  2.91354   16.92858  1.000 55.88502  ? 188 ALA A C   1 
ATOM   1382 O O   . ALA A 1 207 ? -9.16242  3.76742   17.50564  1.000 65.09887  ? 188 ALA A O   1 
ATOM   1383 C CB  . ALA A 1 207 ? -12.14984 2.40169   17.78455  1.000 38.99880  ? 188 ALA A CB  1 
ATOM   1384 N N   . GLU A 1 208 ? -9.32181  1.77362   16.46971  1.000 40.97196  ? 189 GLU A N   1 
ATOM   1385 C CA  . GLU A 1 208 ? -7.88890  1.52020   16.58922  1.000 36.95166  ? 189 GLU A CA  1 
ATOM   1386 C C   . GLU A 1 208 ? -7.08564  2.51922   15.76444  1.000 51.22344  ? 189 GLU A C   1 
ATOM   1387 O O   . GLU A 1 208 ? -6.05250  3.02592   16.21940  1.000 54.32555  ? 189 GLU A O   1 
ATOM   1388 C CB  . GLU A 1 208 ? -7.57406  0.08737   16.15752  1.000 44.53344  ? 189 GLU A CB  1 
ATOM   1389 C CG  . GLU A 1 208 ? -8.40605  -0.97105  16.86749  1.000 41.42280  ? 189 GLU A CG  1 
ATOM   1390 C CD  . GLU A 1 208 ? -8.36436  -2.31924  16.17064  0.100 48.22954  ? 189 GLU A CD  1 
ATOM   1391 O OE1 . GLU A 1 208 ? -7.48587  -2.52622  15.30465  1.000 59.44997  ? 189 GLU A OE1 1 
ATOM   1392 O OE2 . GLU A 1 208 ? -9.21958  -3.17157  16.48758  1.000 48.64596  ? 189 GLU A OE2 1 
ATOM   1393 N N   . LEU A 1 209 ? -7.54964  2.81899   14.54878  1.000 48.64882  ? 190 LEU A N   1 
ATOM   1394 C CA  . LEU A 1 209 ? -6.87017  3.80576   13.71625  1.000 52.54684  ? 190 LEU A CA  1 
ATOM   1395 C C   . LEU A 1 209 ? -6.90319  5.18355   14.36530  1.000 43.62241  ? 190 LEU A C   1 
ATOM   1396 O O   . LEU A 1 209 ? -5.87075  5.85635   14.46973  1.000 42.76813  ? 190 LEU A O   1 
ATOM   1397 C CB  . LEU A 1 209 ? -7.50743  3.84960   12.32675  1.000 50.10169  ? 190 LEU A CB  1 
ATOM   1398 C CG  . LEU A 1 209 ? -6.94446  4.90439   11.37019  1.000 43.34364  ? 190 LEU A CG  1 
ATOM   1399 C CD1 . LEU A 1 209 ? -5.52200  4.55678   10.95036  1.000 46.17630  ? 190 LEU A CD1 1 
ATOM   1400 C CD2 . LEU A 1 209 ? -7.84677  5.07289   10.15739  1.000 48.91516  ? 190 LEU A CD2 1 
ATOM   1401 N N   . ALA A 1 210 ? -8.08518  5.61797   14.81385  1.000 44.01130  ? 191 ALA A N   1 
ATOM   1402 C CA  . ALA A 1 210 ? -8.20177  6.92346   15.45667  1.000 44.00302  ? 191 ALA A CA  1 
ATOM   1403 C C   . ALA A 1 210 ? -7.38295  6.99301   16.73769  1.000 61.15145  ? 191 ALA A C   1 
ATOM   1404 O O   . ALA A 1 210 ? -6.99090  8.08451   17.16619  1.000 56.81261  ? 191 ALA A O   1 
ATOM   1405 C CB  . ALA A 1 210 ? -9.66873  7.23765   15.74857  1.000 39.09915  ? 191 ALA A CB  1 
ATOM   1406 N N   . GLU A 1 211 ? -7.11486  5.84410   17.36081  1.000 56.84051  ? 192 GLU A N   1 
ATOM   1407 C CA  . GLU A 1 211 ? -6.28465  5.83162   18.55884  1.000 47.48051  ? 192 GLU A CA  1 
ATOM   1408 C C   . GLU A 1 211 ? -4.82138  6.08552   18.21321  1.000 57.49204  ? 192 GLU A C   1 
ATOM   1409 O O   . GLU A 1 211 ? -4.11788  6.79170   18.94528  1.000 58.67501  ? 192 GLU A O   1 
ATOM   1410 C CB  . GLU A 1 211 ? -6.45504  4.49952   19.29129  1.000 40.14344  ? 192 GLU A CB  1 
ATOM   1411 C CG  . GLU A 1 211 ? -6.06206  4.52973   20.75799  1.000 62.49957  ? 192 GLU A CG  1 
ATOM   1412 C CD  . GLU A 1 211 ? -4.56373  4.53547   20.96220  1.000 76.86686  ? 192 GLU A CD  1 
ATOM   1413 O OE1 . GLU A 1 211 ? -3.87611  3.71008   20.32401  1.000 80.08116  ? 192 GLU A OE1 1 
ATOM   1414 O OE2 . GLU A 1 211 ? -4.07576  5.37462   21.74839  1.000 70.30514  ? 192 GLU A OE2 1 
ATOM   1415 N N   . VAL A 1 212 ? -4.34563  5.52307   17.10067  1.000 57.34778  ? 193 VAL A N   1 
ATOM   1416 C CA  . VAL A 1 212 ? -2.96138  5.74249   16.69256  1.000 32.30609  ? 193 VAL A CA  1 
ATOM   1417 C C   . VAL A 1 212 ? -2.75791  7.18942   16.25484  1.000 46.25167  ? 193 VAL A C   1 
ATOM   1418 O O   . VAL A 1 212 ? -1.77862  7.83916   16.64032  1.000 43.85134  ? 193 VAL A O   1 
ATOM   1419 C CB  . VAL A 1 212 ? -2.56792  4.75194   15.58300  1.000 35.79876  ? 193 VAL A CB  1 
ATOM   1420 C CG1 . VAL A 1 212 ? -1.17643  5.06571   15.05794  1.000 52.80273  ? 193 VAL A CG1 1 
ATOM   1421 C CG2 . VAL A 1 212 ? -2.63418  3.32563   16.10257  1.000 37.88050  ? 193 VAL A CG2 1 
ATOM   1422 N N   . ALA A 1 213 ? -3.68013  7.71768   15.44255  1.000 40.95739  ? 194 ALA A N   1 
ATOM   1423 C CA  . ALA A 1 213 ? -3.59076  9.11949   15.04325  1.000 47.48508  ? 194 ALA A CA  1 
ATOM   1424 C C   . ALA A 1 213 ? -3.73361  10.04681  16.24164  1.000 51.70633  ? 194 ALA A C   1 
ATOM   1425 O O   . ALA A 1 213 ? -3.22294  11.17311  16.22208  1.000 48.12630  ? 194 ALA A O   1 
ATOM   1426 C CB  . ALA A 1 213 ? -4.65255  9.44092   13.99030  1.000 35.18199  ? 194 ALA A CB  1 
ATOM   1427 N N   . LYS A 1 214 ? -4.42423  9.59124   17.28895  1.000 58.35179  ? 195 LYS A N   1 
ATOM   1428 C CA  . LYS A 1 214 ? -4.50619  10.36283  18.52325  1.000 47.84155  ? 195 LYS A CA  1 
ATOM   1429 C C   . LYS A 1 214 ? -3.12920  10.54922  19.14581  1.000 46.21058  ? 195 LYS A C   1 
ATOM   1430 O O   . LYS A 1 214 ? -2.77502  11.65502  19.56976  1.000 48.68582  ? 195 LYS A O   1 
ATOM   1431 C CB  . LYS A 1 214 ? -5.45046  9.66623   19.50057  1.000 53.19841  ? 195 LYS A CB  1 
ATOM   1432 C CG  . LYS A 1 214 ? -5.52470  10.29440  20.87319  1.000 56.05636  ? 195 LYS A CG  1 
ATOM   1433 C CD  . LYS A 1 214 ? -6.21194  9.34686   21.83759  1.000 60.26068  ? 195 LYS A CD  1 
ATOM   1434 C CE  . LYS A 1 214 ? -6.37917  9.97396   23.20541  1.000 74.78690  ? 195 LYS A CE  1 
ATOM   1435 N NZ  . LYS A 1 214 ? -5.07609  10.38865  23.79310  1.000 61.60910  ? 195 LYS A NZ  1 
ATOM   1436 N N   . GLU A 1 215 ? -2.33172  9.48139   19.19628  0.810 41.09429  ? 196 GLU A N   1 
ATOM   1437 C CA  . GLU A 1 215 ? -1.01222  9.56977   19.80907  0.810 47.43899  ? 196 GLU A CA  1 
ATOM   1438 C C   . GLU A 1 215 ? -0.00613  10.28885  18.92216  0.810 45.04079  ? 196 GLU A C   1 
ATOM   1439 O O   . GLU A 1 215 ? 0.90133   10.95016  19.43842  0.810 46.28136  ? 196 GLU A O   1 
ATOM   1440 C CB  . GLU A 1 215 ? -0.49681  8.17320   20.14940  0.810 57.03109  ? 196 GLU A CB  1 
ATOM   1441 C CG  . GLU A 1 215 ? -1.37654  7.42359   21.13193  0.810 79.59337  ? 196 GLU A CG  1 
ATOM   1442 C CD  . GLU A 1 215 ? -0.72371  6.15923   21.64658  0.810 84.87943  ? 196 GLU A CD  1 
ATOM   1443 O OE1 . GLU A 1 215 ? 0.44358   5.90571   21.28348  0.810 93.38839  ? 196 GLU A OE1 1 
ATOM   1444 O OE2 . GLU A 1 215 ? -1.37488  5.42089   22.41528  0.810 64.38426  ? 196 GLU A OE2 1 
ATOM   1445 N N   . VAL A 1 216 ? -0.13521  10.16542  17.59967  1.000 59.52464  ? 197 VAL A N   1 
ATOM   1446 C CA  . VAL A 1 216 ? 0.79615   10.84543  16.70479  1.000 48.01162  ? 197 VAL A CA  1 
ATOM   1447 C C   . VAL A 1 216 ? 0.58644   12.35418  16.76240  1.000 48.46441  ? 197 VAL A C   1 
ATOM   1448 O O   . VAL A 1 216 ? 1.55182   13.12621  16.80336  1.000 51.18610  ? 197 VAL A O   1 
ATOM   1449 C CB  . VAL A 1 216 ? 0.65517   10.30136  15.27212  1.000 51.57242  ? 197 VAL A CB  1 
ATOM   1450 C CG1 . VAL A 1 216 ? 1.57402   11.05690  14.32510  1.000 49.35958  ? 197 VAL A CG1 1 
ATOM   1451 C CG2 . VAL A 1 216 ? 0.96708   8.81194   15.24238  1.000 48.09860  ? 197 VAL A CG2 1 
ATOM   1452 N N   . GLN A 1 217 ? -0.67472  12.79915  16.77619  1.000 49.46365  ? 198 GLN A N   1 
ATOM   1453 C CA  . GLN A 1 217 ? -0.95855  14.22265  16.93365  1.000 41.37883  ? 198 GLN A CA  1 
ATOM   1454 C C   . GLN A 1 217 ? -0.54554  14.72827  18.31058  1.000 63.44114  ? 198 GLN A C   1 
ATOM   1455 O O   . GLN A 1 217 ? -0.16458  15.89622  18.45138  1.000 58.85937  ? 198 GLN A O   1 
ATOM   1456 C CB  . GLN A 1 217 ? -2.44496  14.49480  16.69422  1.000 44.23295  ? 198 GLN A CB  1 
ATOM   1457 C CG  . GLN A 1 217 ? -2.90034  14.32318  15.25069  1.000 49.08998  ? 198 GLN A CG  1 
ATOM   1458 C CD  . GLN A 1 217 ? -2.60864  15.54050  14.39094  1.000 59.60872  ? 198 GLN A CD  1 
ATOM   1459 O OE1 . GLN A 1 217 ? -1.60151  16.22354  14.57715  1.000 69.69340  ? 198 GLN A OE1 1 
ATOM   1460 N NE2 . GLN A 1 217 ? -3.49860  15.82205  13.44637  1.000 56.59793  ? 198 GLN A NE2 1 
ATOM   1461 N N   . LYS A 1 218 ? -0.61782  13.87119  19.33220  1.000 59.22667  ? 199 LYS A N   1 
ATOM   1462 C CA  . LYS A 1 218 ? -0.17994  14.26491  20.66744  1.000 46.72757  ? 199 LYS A CA  1 
ATOM   1463 C C   . LYS A 1 218 ? 1.30478   14.60369  20.67929  1.000 65.00746  ? 199 LYS A C   1 
ATOM   1464 O O   . LYS A 1 218 ? 1.70202   15.69361  21.10693  1.000 105.50603 ? 199 LYS A O   1 
ATOM   1465 C CB  . LYS A 1 218 ? -0.47958  13.14901  21.66778  1.000 55.81235  ? 199 LYS A CB  1 
ATOM   1466 C CG  . LYS A 1 218 ? -1.88619  13.15374  22.24042  1.000 57.91523  ? 199 LYS A CG  1 
ATOM   1467 C CD  . LYS A 1 218 ? -2.21721  11.78776  22.82025  1.000 64.19283  ? 199 LYS A CD  1 
ATOM   1468 C CE  . LYS A 1 218 ? -1.06155  11.25245  23.65416  1.000 77.20406  ? 199 LYS A CE  1 
ATOM   1469 N NZ  . LYS A 1 218 ? -1.16785  9.78572   23.88841  1.000 65.66713  ? 199 LYS A NZ  1 
ATOM   1470 N N   . GLU A 1 219 ? 2.14240   13.68192  20.20633  1.000 56.17610  ? 200 GLU A N   1 
ATOM   1471 C CA  . GLU A 1 219 ? 3.58921   13.89366  20.23560  1.000 77.66326  ? 200 GLU A CA  1 
ATOM   1472 C C   . GLU A 1 219 ? 4.08110   14.91676  19.19388  1.000 64.82120  ? 200 GLU A C   1 
ATOM   1473 O O   . GLU A 1 219 ? 5.29379   14.97482  18.96051  1.000 73.68421  ? 200 GLU A O   1 
ATOM   1474 C CB  . GLU A 1 219 ? 4.31160   12.55766  20.04739  1.000 60.44019  ? 200 GLU A CB  1 
ATOM   1475 C CG  . GLU A 1 219 ? 4.10411   11.58175  21.20160  1.000 71.65170  ? 200 GLU A CG  1 
ATOM   1476 C CD  . GLU A 1 219 ? 4.93784   10.31726  21.07047  1.000 69.33079  ? 200 GLU A CD  1 
ATOM   1477 O OE1 . GLU A 1 219 ? 5.53507   10.09989  19.99655  1.000 70.37074  ? 200 GLU A OE1 1 
ATOM   1478 O OE2 . GLU A 1 219 ? 4.99913   9.53877   22.04535  0.300 61.03310  ? 200 GLU A OE2 1 
ATOM   1479 N N   . LEU A 1 220 ? 3.21429   15.71679  18.57920  1.000 65.73627  ? 201 LEU A N   1 
ATOM   1480 C CA  . LEU A 1 220 ? 3.64112   16.72707  17.61353  1.000 68.17403  ? 201 LEU A CA  1 
ATOM   1481 C C   . LEU A 1 220 ? 2.81474   18.00464  17.74669  1.000 77.06261  ? 201 LEU A C   1 
ATOM   1482 O O   . LEU A 1 220 ? 2.49640   18.44176  18.85356  1.000 77.57183  ? 201 LEU A O   1 
ATOM   1483 C CB  . LEU A 1 220 ? 3.53841   16.18482  16.18342  1.000 74.06878  ? 201 LEU A CB  1 
ATOM   1484 C CG  . LEU A 1 220 ? 4.62764   15.21454  15.71810  1.000 69.09655  ? 201 LEU A CG  1 
ATOM   1485 C CD1 . LEU A 1 220 ? 4.23611   14.56175  14.40471  1.000 53.89885  ? 201 LEU A CD1 1 
ATOM   1486 C CD2 . LEU A 1 220 ? 5.96390   15.93135  15.58234  1.000 59.22585  ? 201 LEU A CD2 1 
HETATM 1487 O O   . HOH B 2 .   ? -15.38666 -12.33527 -0.62940  1.000 60.51388  ? 301 HOH A O   1 
HETATM 1488 O O   . HOH B 2 .   ? 23.95069  5.29983   0.45304   1.000 55.30360  ? 302 HOH A O   1 
HETATM 1489 O O   . HOH B 2 .   ? 9.21005   -14.81051 -15.91944 1.000 34.37754  ? 303 HOH A O   1 
HETATM 1490 O O   . HOH B 2 .   ? 18.94006  10.09771  -7.43961  1.000 29.47086  ? 304 HOH A O   1 
HETATM 1491 O O   . HOH B 2 .   ? -3.34412  -4.89409  12.69260  1.000 48.40094  ? 305 HOH A O   1 
HETATM 1492 O O   . HOH B 2 .   ? 3.86189   -23.42438 -12.53687 1.000 28.41036  ? 306 HOH A O   1 
HETATM 1493 O O   . HOH B 2 .   ? 18.24975  10.90122  7.12318   1.000 34.76198  ? 307 HOH A O   1 
HETATM 1494 O O   . HOH B 2 .   ? 20.48355  -5.17611  -10.73421 1.000 29.51777  ? 308 HOH A O   1 
HETATM 1495 O O   . HOH B 2 .   ? -9.97861  -7.44846  10.83370  1.000 44.25583  ? 309 HOH A O   1 
HETATM 1496 O O   . HOH B 2 .   ? 22.04669  -3.18203  -10.30728 1.000 42.74213  ? 310 HOH A O   1 
HETATM 1497 O O   . HOH B 2 .   ? 23.17488  -1.45798  -12.32017 1.000 39.62778  ? 311 HOH A O   1 
HETATM 1498 O O   . HOH B 2 .   ? -8.79884  9.28151   -9.27960  1.000 43.22419  ? 312 HOH A O   1 
HETATM 1499 O O   . HOH B 2 .   ? -4.30982  -28.52625 -15.06901 1.000 38.65010  ? 313 HOH A O   1 
# 
